data_1EWP
# 
_entry.id   1EWP 
# 
_audit_conform.dict_name       mmcif_pdbx.dic 
_audit_conform.dict_version    5.398 
_audit_conform.dict_location   http://mmcif.pdb.org/dictionaries/ascii/mmcif_pdbx.dic 
# 
loop_
_database_2.database_id 
_database_2.database_code 
_database_2.pdbx_database_accession 
_database_2.pdbx_DOI 
PDB   1EWP         pdb_00001ewp 10.2210/pdb1ewp/pdb 
RCSB  RCSB010970   ?            ?                   
WWPDB D_1000010970 ?            ?                   
# 
loop_
_pdbx_audit_revision_history.ordinal 
_pdbx_audit_revision_history.data_content_type 
_pdbx_audit_revision_history.major_revision 
_pdbx_audit_revision_history.minor_revision 
_pdbx_audit_revision_history.revision_date 
1 'Structure model' 1 0 2000-05-17 
2 'Structure model' 1 1 2008-04-27 
3 'Structure model' 1 2 2011-07-13 
4 'Structure model' 1 3 2012-12-12 
5 'Structure model' 1 4 2024-03-13 
6 'Structure model' 1 5 2024-10-30 
# 
_pdbx_audit_revision_details.ordinal             1 
_pdbx_audit_revision_details.revision_ordinal    1 
_pdbx_audit_revision_details.data_content_type   'Structure model' 
_pdbx_audit_revision_details.provider            repository 
_pdbx_audit_revision_details.type                'Initial release' 
_pdbx_audit_revision_details.description         ? 
_pdbx_audit_revision_details.details             ? 
# 
loop_
_pdbx_audit_revision_group.ordinal 
_pdbx_audit_revision_group.revision_ordinal 
_pdbx_audit_revision_group.data_content_type 
_pdbx_audit_revision_group.group 
1  2 'Structure model' 'Version format compliance' 
2  3 'Structure model' 'Atomic model'              
3  3 'Structure model' 'Database references'       
4  3 'Structure model' 'Derived calculations'      
5  3 'Structure model' 'Non-polymer description'   
6  3 'Structure model' 'Structure summary'         
7  3 'Structure model' 'Version format compliance' 
8  4 'Structure model' Other                       
9  5 'Structure model' 'Data collection'           
10 5 'Structure model' 'Database references'       
11 5 'Structure model' 'Derived calculations'      
12 5 'Structure model' 'Source and taxonomy'       
13 5 'Structure model' 'Structure summary'         
14 6 'Structure model' 'Structure summary'         
# 
loop_
_pdbx_audit_revision_category.ordinal 
_pdbx_audit_revision_category.revision_ordinal 
_pdbx_audit_revision_category.data_content_type 
_pdbx_audit_revision_category.category 
1 5 'Structure model' chem_comp_atom            
2 5 'Structure model' chem_comp_bond            
3 5 'Structure model' database_2                
4 5 'Structure model' entity                    
5 5 'Structure model' pdbx_entity_src_syn       
6 5 'Structure model' struct_conn               
7 5 'Structure model' struct_site               
8 6 'Structure model' pdbx_entry_details        
9 6 'Structure model' pdbx_modification_feature 
# 
loop_
_pdbx_audit_revision_item.ordinal 
_pdbx_audit_revision_item.revision_ordinal 
_pdbx_audit_revision_item.data_content_type 
_pdbx_audit_revision_item.item 
1 5 'Structure model' '_database_2.pdbx_DOI'                
2 5 'Structure model' '_database_2.pdbx_database_accession' 
3 5 'Structure model' '_entity.details'                     
4 5 'Structure model' '_struct_conn.pdbx_leaving_atom_flag' 
5 5 'Structure model' '_struct_site.pdbx_auth_asym_id'      
6 5 'Structure model' '_struct_site.pdbx_auth_comp_id'      
7 5 'Structure model' '_struct_site.pdbx_auth_seq_id'       
# 
_pdbx_database_status.status_code                     REL 
_pdbx_database_status.entry_id                        1EWP 
_pdbx_database_status.recvd_initial_deposition_date   2000-04-26 
_pdbx_database_status.deposit_site                    RCSB 
_pdbx_database_status.process_site                    RCSB 
_pdbx_database_status.status_code_sf                  REL 
_pdbx_database_status.SG_entry                        . 
_pdbx_database_status.status_code_mr                  ? 
_pdbx_database_status.pdb_format_compatible           Y 
_pdbx_database_status.status_code_cs                  ? 
_pdbx_database_status.status_code_nmr_data            ? 
_pdbx_database_status.methods_development_category    ? 
# 
loop_
_pdbx_database_related.db_name 
_pdbx_database_related.db_id 
_pdbx_database_related.details 
_pdbx_database_related.content_type 
PDB 1aim 'same protein, ZYA inhibitor'     unspecified 
PDB 2aim 'same protein, ZRA inhibitor'     unspecified 
PDB 1ewl 'same protein, WRR-99 inhibitor'  unspecified 
PDB 1ewm 'same protein, WRR-112 inhibitor' unspecified 
PDB 1ewo 'same protein, WRR-204 inhibitor' unspecified 
# 
_audit_author.name           'Gillmor, S.A.' 
_audit_author.pdbx_ordinal   1 
# 
loop_
_citation.id 
_citation.title 
_citation.journal_abbrev 
_citation.journal_volume 
_citation.page_first 
_citation.page_last 
_citation.year 
_citation.journal_id_ASTM 
_citation.country 
_citation.journal_id_ISSN 
_citation.journal_id_CSD 
_citation.book_publisher 
_citation.pdbx_database_id_PubMed 
_citation.pdbx_database_id_DOI 
primary 'Chapter 3: X-ray Structures of Complexes of Cruzain with Designed Covalent Inhibitors' 
'Enzyme-ligand Interactions, Inhibition and Specificity' ?   50   80   1998 ?      ?  ?         ?    
'University of California, San Francisco (THESIS)' -1 ?                      
1       'Structural Determinants of Specificity in the Cysteine Protease Cruzain'               'Protein Sci.' 6   1603 1611 1997 
PRCIEI US 0961-8368 0795 ?                                                  ?  ?                      
2       
;The Crystal Structure of Cruzain: a Therapeutic Target for Chagas' Disease
;
J.Mol.Biol.                                              247 251  259  1995 JMOBAK UK 0022-2836 0070 ? ?  10.1006/jmbi.1994.0137 
# 
loop_
_citation_author.citation_id 
_citation_author.name 
_citation_author.ordinal 
_citation_author.identifier_ORCID 
primary 'Gillmor, S.A.'    1  ? 
1       'Gillmor, S.A.'    2  ? 
1       'Craik, C.S.'      3  ? 
1       'Fletterick, R.J.' 4  ? 
2       'McGrath, M.E.'    5  ? 
2       'Eakin, A.E.'      6  ? 
2       'Engel, J.C.'      7  ? 
2       'McKerrow, J.H.'   8  ? 
2       'Craik, C.S.'      9  ? 
2       'Fletterick, R.J.' 10 ? 
# 
loop_
_entity.id 
_entity.type 
_entity.src_method 
_entity.pdbx_description 
_entity.formula_weight 
_entity.pdbx_number_of_molecules 
_entity.pdbx_ec 
_entity.pdbx_mutation 
_entity.pdbx_fragment 
_entity.details 
1 polymer     man CRUZAIN                                                                                   22715.133 1  3.4.22.- 
? 'CATALYTIC DOMAIN' ?                                  
2 non-polymer syn 'N-[(3S)-1-fluoro-2-oxo-5-phenylpentan-3-yl]-N~2~-(morpholin-4-ylcarbonyl)-L-leucinamide' 421.506   1  ?        
? ?                  'Synthetic inhibitor, MOR-LEU-HPQ' 
3 water       nat water                                                                                     18.015    67 ?        
? ?                  ?                                  
# 
_entity_name_com.entity_id   1 
_entity_name_com.name        'CRUZIPAIN, CRUZAINE' 
# 
_entity_poly.entity_id                      1 
_entity_poly.type                           'polypeptide(L)' 
_entity_poly.nstd_linkage                   no 
_entity_poly.nstd_monomer                   no 
_entity_poly.pdbx_seq_one_letter_code       
;APAAVDWRARGAVTAVKDQGQCGSCWAFSAIGNVECQWFLAGHPLTNLSEQMLVSCDKTDSGCSGGLMNNAFEWIVQENN
GAVYTEDSYPYASGEGISPPCTTSGHTVGATITGHVELPQDEAQIAAWLAVNGPVAVAVDASSWMTYTGGVMTSCVSEQL
DHGVLLVGYNDSAAVPYWIIKNSWTTQWGEEGYIRIAKGSNQCLVKEEASSAVVG
;
_entity_poly.pdbx_seq_one_letter_code_can   
;APAAVDWRARGAVTAVKDQGQCGSCWAFSAIGNVECQWFLAGHPLTNLSEQMLVSCDKTDSGCSGGLMNNAFEWIVQENN
GAVYTEDSYPYASGEGISPPCTTSGHTVGATITGHVELPQDEAQIAAWLAVNGPVAVAVDASSWMTYTGGVMTSCVSEQL
DHGVLLVGYNDSAAVPYWIIKNSWTTQWGEEGYIRIAKGSNQCLVKEEASSAVVG
;
_entity_poly.pdbx_strand_id                 A 
_entity_poly.pdbx_target_identifier         ? 
# 
loop_
_pdbx_entity_nonpoly.entity_id 
_pdbx_entity_nonpoly.name 
_pdbx_entity_nonpoly.comp_id 
2 'N-[(3S)-1-fluoro-2-oxo-5-phenylpentan-3-yl]-N~2~-(morpholin-4-ylcarbonyl)-L-leucinamide' 0I5 
3 water                                                                                     HOH 
# 
loop_
_entity_poly_seq.entity_id 
_entity_poly_seq.num 
_entity_poly_seq.mon_id 
_entity_poly_seq.hetero 
1 1   ALA n 
1 2   PRO n 
1 3   ALA n 
1 4   ALA n 
1 5   VAL n 
1 6   ASP n 
1 7   TRP n 
1 8   ARG n 
1 9   ALA n 
1 10  ARG n 
1 11  GLY n 
1 12  ALA n 
1 13  VAL n 
1 14  THR n 
1 15  ALA n 
1 16  VAL n 
1 17  LYS n 
1 18  ASP n 
1 19  GLN n 
1 20  GLY n 
1 21  GLN n 
1 22  CYS n 
1 23  GLY n 
1 24  SER n 
1 25  CYS n 
1 26  TRP n 
1 27  ALA n 
1 28  PHE n 
1 29  SER n 
1 30  ALA n 
1 31  ILE n 
1 32  GLY n 
1 33  ASN n 
1 34  VAL n 
1 35  GLU n 
1 36  CYS n 
1 37  GLN n 
1 38  TRP n 
1 39  PHE n 
1 40  LEU n 
1 41  ALA n 
1 42  GLY n 
1 43  HIS n 
1 44  PRO n 
1 45  LEU n 
1 46  THR n 
1 47  ASN n 
1 48  LEU n 
1 49  SER n 
1 50  GLU n 
1 51  GLN n 
1 52  MET n 
1 53  LEU n 
1 54  VAL n 
1 55  SER n 
1 56  CYS n 
1 57  ASP n 
1 58  LYS n 
1 59  THR n 
1 60  ASP n 
1 61  SER n 
1 62  GLY n 
1 63  CYS n 
1 64  SER n 
1 65  GLY n 
1 66  GLY n 
1 67  LEU n 
1 68  MET n 
1 69  ASN n 
1 70  ASN n 
1 71  ALA n 
1 72  PHE n 
1 73  GLU n 
1 74  TRP n 
1 75  ILE n 
1 76  VAL n 
1 77  GLN n 
1 78  GLU n 
1 79  ASN n 
1 80  ASN n 
1 81  GLY n 
1 82  ALA n 
1 83  VAL n 
1 84  TYR n 
1 85  THR n 
1 86  GLU n 
1 87  ASP n 
1 88  SER n 
1 89  TYR n 
1 90  PRO n 
1 91  TYR n 
1 92  ALA n 
1 93  SER n 
1 94  GLY n 
1 95  GLU n 
1 96  GLY n 
1 97  ILE n 
1 98  SER n 
1 99  PRO n 
1 100 PRO n 
1 101 CYS n 
1 102 THR n 
1 103 THR n 
1 104 SER n 
1 105 GLY n 
1 106 HIS n 
1 107 THR n 
1 108 VAL n 
1 109 GLY n 
1 110 ALA n 
1 111 THR n 
1 112 ILE n 
1 113 THR n 
1 114 GLY n 
1 115 HIS n 
1 116 VAL n 
1 117 GLU n 
1 118 LEU n 
1 119 PRO n 
1 120 GLN n 
1 121 ASP n 
1 122 GLU n 
1 123 ALA n 
1 124 GLN n 
1 125 ILE n 
1 126 ALA n 
1 127 ALA n 
1 128 TRP n 
1 129 LEU n 
1 130 ALA n 
1 131 VAL n 
1 132 ASN n 
1 133 GLY n 
1 134 PRO n 
1 135 VAL n 
1 136 ALA n 
1 137 VAL n 
1 138 ALA n 
1 139 VAL n 
1 140 ASP n 
1 141 ALA n 
1 142 SER n 
1 143 SER n 
1 144 TRP n 
1 145 MET n 
1 146 THR n 
1 147 TYR n 
1 148 THR n 
1 149 GLY n 
1 150 GLY n 
1 151 VAL n 
1 152 MET n 
1 153 THR n 
1 154 SER n 
1 155 CYS n 
1 156 VAL n 
1 157 SER n 
1 158 GLU n 
1 159 GLN n 
1 160 LEU n 
1 161 ASP n 
1 162 HIS n 
1 163 GLY n 
1 164 VAL n 
1 165 LEU n 
1 166 LEU n 
1 167 VAL n 
1 168 GLY n 
1 169 TYR n 
1 170 ASN n 
1 171 ASP n 
1 172 SER n 
1 173 ALA n 
1 174 ALA n 
1 175 VAL n 
1 176 PRO n 
1 177 TYR n 
1 178 TRP n 
1 179 ILE n 
1 180 ILE n 
1 181 LYS n 
1 182 ASN n 
1 183 SER n 
1 184 TRP n 
1 185 THR n 
1 186 THR n 
1 187 GLN n 
1 188 TRP n 
1 189 GLY n 
1 190 GLU n 
1 191 GLU n 
1 192 GLY n 
1 193 TYR n 
1 194 ILE n 
1 195 ARG n 
1 196 ILE n 
1 197 ALA n 
1 198 LYS n 
1 199 GLY n 
1 200 SER n 
1 201 ASN n 
1 202 GLN n 
1 203 CYS n 
1 204 LEU n 
1 205 VAL n 
1 206 LYS n 
1 207 GLU n 
1 208 GLU n 
1 209 ALA n 
1 210 SER n 
1 211 SER n 
1 212 ALA n 
1 213 VAL n 
1 214 VAL n 
1 215 GLY n 
# 
_entity_src_gen.entity_id                          1 
_entity_src_gen.pdbx_src_id                        1 
_entity_src_gen.pdbx_alt_source_flag               sample 
_entity_src_gen.pdbx_seq_type                      ? 
_entity_src_gen.pdbx_beg_seq_num                   ? 
_entity_src_gen.pdbx_end_seq_num                   ? 
_entity_src_gen.gene_src_common_name               ? 
_entity_src_gen.gene_src_genus                     Trypanosoma 
_entity_src_gen.pdbx_gene_src_gene                 ? 
_entity_src_gen.gene_src_species                   ? 
_entity_src_gen.gene_src_strain                    ? 
_entity_src_gen.gene_src_tissue                    ? 
_entity_src_gen.gene_src_tissue_fraction           ? 
_entity_src_gen.gene_src_details                   ? 
_entity_src_gen.pdbx_gene_src_fragment             ? 
_entity_src_gen.pdbx_gene_src_scientific_name      'Trypanosoma cruzi' 
_entity_src_gen.pdbx_gene_src_ncbi_taxonomy_id     5693 
_entity_src_gen.pdbx_gene_src_variant              ? 
_entity_src_gen.pdbx_gene_src_cell_line            ? 
_entity_src_gen.pdbx_gene_src_atcc                 ? 
_entity_src_gen.pdbx_gene_src_organ                ? 
_entity_src_gen.pdbx_gene_src_organelle            ? 
_entity_src_gen.pdbx_gene_src_cell                 ? 
_entity_src_gen.pdbx_gene_src_cellular_location    ? 
_entity_src_gen.host_org_common_name               ? 
_entity_src_gen.pdbx_host_org_scientific_name      'Escherichia coli' 
_entity_src_gen.pdbx_host_org_ncbi_taxonomy_id     562 
_entity_src_gen.host_org_genus                     Escherichia 
_entity_src_gen.pdbx_host_org_gene                 ? 
_entity_src_gen.pdbx_host_org_organ                ? 
_entity_src_gen.host_org_species                   ? 
_entity_src_gen.pdbx_host_org_tissue               ? 
_entity_src_gen.pdbx_host_org_tissue_fraction      ? 
_entity_src_gen.pdbx_host_org_strain               DH5ALPHA 
_entity_src_gen.pdbx_host_org_variant              ? 
_entity_src_gen.pdbx_host_org_cell_line            ? 
_entity_src_gen.pdbx_host_org_atcc                 ? 
_entity_src_gen.pdbx_host_org_culture_collection   ? 
_entity_src_gen.pdbx_host_org_cell                 ? 
_entity_src_gen.pdbx_host_org_organelle            ? 
_entity_src_gen.pdbx_host_org_cellular_location    ? 
_entity_src_gen.pdbx_host_org_vector_type          ? 
_entity_src_gen.pdbx_host_org_vector               ? 
_entity_src_gen.host_org_details                   ? 
_entity_src_gen.expression_system_id               ? 
_entity_src_gen.plasmid_name                       CHEY 
_entity_src_gen.plasmid_details                    ? 
_entity_src_gen.pdbx_description                   ? 
# 
loop_
_chem_comp.id 
_chem_comp.type 
_chem_comp.mon_nstd_flag 
_chem_comp.name 
_chem_comp.pdbx_synonyms 
_chem_comp.formula 
_chem_comp.formula_weight 
0I5 peptide-like        . 'N-[(3S)-1-fluoro-2-oxo-5-phenylpentan-3-yl]-N~2~-(morpholin-4-ylcarbonyl)-L-leucinamide' 
Morpholino-Leu-homoPhe-FMK 'C22 H32 F N3 O4' 421.506 
ALA 'L-peptide linking' y ALANINE                                                                                   ? 'C3 H7 N O2' 
89.093  
ARG 'L-peptide linking' y ARGININE                                                                                  ? 
'C6 H15 N4 O2 1'  175.209 
ASN 'L-peptide linking' y ASPARAGINE                                                                                ? 
'C4 H8 N2 O3'     132.118 
ASP 'L-peptide linking' y 'ASPARTIC ACID'                                                                           ? 'C4 H7 N O4' 
133.103 
CYS 'L-peptide linking' y CYSTEINE                                                                                  ? 
'C3 H7 N O2 S'    121.158 
GLN 'L-peptide linking' y GLUTAMINE                                                                                 ? 
'C5 H10 N2 O3'    146.144 
GLU 'L-peptide linking' y 'GLUTAMIC ACID'                                                                           ? 'C5 H9 N O4' 
147.129 
GLY 'peptide linking'   y GLYCINE                                                                                   ? 'C2 H5 N O2' 
75.067  
HIS 'L-peptide linking' y HISTIDINE                                                                                 ? 
'C6 H10 N3 O2 1'  156.162 
HOH non-polymer         . WATER                                                                                     ? 'H2 O' 
18.015  
ILE 'L-peptide linking' y ISOLEUCINE                                                                                ? 
'C6 H13 N O2'     131.173 
LEU 'L-peptide linking' y LEUCINE                                                                                   ? 
'C6 H13 N O2'     131.173 
LYS 'L-peptide linking' y LYSINE                                                                                    ? 
'C6 H15 N2 O2 1'  147.195 
MET 'L-peptide linking' y METHIONINE                                                                                ? 
'C5 H11 N O2 S'   149.211 
PHE 'L-peptide linking' y PHENYLALANINE                                                                             ? 
'C9 H11 N O2'     165.189 
PRO 'L-peptide linking' y PROLINE                                                                                   ? 'C5 H9 N O2' 
115.130 
SER 'L-peptide linking' y SERINE                                                                                    ? 'C3 H7 N O3' 
105.093 
THR 'L-peptide linking' y THREONINE                                                                                 ? 'C4 H9 N O3' 
119.119 
TRP 'L-peptide linking' y TRYPTOPHAN                                                                                ? 
'C11 H12 N2 O2'   204.225 
TYR 'L-peptide linking' y TYROSINE                                                                                  ? 
'C9 H11 N O3'     181.189 
VAL 'L-peptide linking' y VALINE                                                                                    ? 
'C5 H11 N O2'     117.146 
# 
loop_
_pdbx_poly_seq_scheme.asym_id 
_pdbx_poly_seq_scheme.entity_id 
_pdbx_poly_seq_scheme.seq_id 
_pdbx_poly_seq_scheme.mon_id 
_pdbx_poly_seq_scheme.ndb_seq_num 
_pdbx_poly_seq_scheme.pdb_seq_num 
_pdbx_poly_seq_scheme.auth_seq_num 
_pdbx_poly_seq_scheme.pdb_mon_id 
_pdbx_poly_seq_scheme.auth_mon_id 
_pdbx_poly_seq_scheme.pdb_strand_id 
_pdbx_poly_seq_scheme.pdb_ins_code 
_pdbx_poly_seq_scheme.hetero 
A 1 1   ALA 1   1   1   ALA ALA A . n 
A 1 2   PRO 2   2   2   PRO PRO A . n 
A 1 3   ALA 3   3   3   ALA ALA A . n 
A 1 4   ALA 4   4   4   ALA ALA A . n 
A 1 5   VAL 5   5   5   VAL VAL A . n 
A 1 6   ASP 6   6   6   ASP ASP A . n 
A 1 7   TRP 7   7   7   TRP TRP A . n 
A 1 8   ARG 8   8   8   ARG ARG A . n 
A 1 9   ALA 9   9   9   ALA ALA A . n 
A 1 10  ARG 10  10  10  ARG ARG A . n 
A 1 11  GLY 11  11  11  GLY GLY A . n 
A 1 12  ALA 12  12  12  ALA ALA A . n 
A 1 13  VAL 13  13  13  VAL VAL A . n 
A 1 14  THR 14  14  14  THR THR A . n 
A 1 15  ALA 15  15  15  ALA ALA A . n 
A 1 16  VAL 16  16  16  VAL VAL A . n 
A 1 17  LYS 17  17  17  LYS LYS A . n 
A 1 18  ASP 18  18  18  ASP ASP A . n 
A 1 19  GLN 19  19  19  GLN GLN A . n 
A 1 20  GLY 20  20  20  GLY GLY A . n 
A 1 21  GLN 21  21  21  GLN GLN A . n 
A 1 22  CYS 22  22  22  CYS CYS A . n 
A 1 23  GLY 23  23  23  GLY GLY A . n 
A 1 24  SER 24  24  24  SER SER A . n 
A 1 25  CYS 25  25  25  CYS CYS A . n 
A 1 26  TRP 26  26  26  TRP TRP A . n 
A 1 27  ALA 27  27  27  ALA ALA A . n 
A 1 28  PHE 28  28  28  PHE PHE A . n 
A 1 29  SER 29  29  29  SER SER A . n 
A 1 30  ALA 30  30  30  ALA ALA A . n 
A 1 31  ILE 31  31  31  ILE ILE A . n 
A 1 32  GLY 32  32  32  GLY GLY A . n 
A 1 33  ASN 33  33  33  ASN ASN A . n 
A 1 34  VAL 34  34  34  VAL VAL A . n 
A 1 35  GLU 35  35  35  GLU GLU A . n 
A 1 36  CYS 36  36  36  CYS CYS A . n 
A 1 37  GLN 37  37  37  GLN GLN A . n 
A 1 38  TRP 38  38  38  TRP TRP A . n 
A 1 39  PHE 39  39  39  PHE PHE A . n 
A 1 40  LEU 40  40  40  LEU LEU A . n 
A 1 41  ALA 41  41  41  ALA ALA A . n 
A 1 42  GLY 42  42  42  GLY GLY A . n 
A 1 43  HIS 43  43  43  HIS HIS A . n 
A 1 44  PRO 44  44  44  PRO PRO A . n 
A 1 45  LEU 45  45  45  LEU LEU A . n 
A 1 46  THR 46  46  46  THR THR A . n 
A 1 47  ASN 47  47  47  ASN ASN A . n 
A 1 48  LEU 48  48  48  LEU LEU A . n 
A 1 49  SER 49  49  49  SER SER A . n 
A 1 50  GLU 50  50  50  GLU GLU A . n 
A 1 51  GLN 51  51  51  GLN GLN A . n 
A 1 52  MET 52  52  52  MET MET A . n 
A 1 53  LEU 53  53  53  LEU LEU A . n 
A 1 54  VAL 54  54  54  VAL VAL A . n 
A 1 55  SER 55  55  55  SER SER A . n 
A 1 56  CYS 56  56  56  CYS CYS A . n 
A 1 57  ASP 57  57  57  ASP ASP A . n 
A 1 58  LYS 58  58  58  LYS LYS A . n 
A 1 59  THR 59  59  59  THR THR A . n 
A 1 60  ASP 60  60  60  ASP ASP A . n 
A 1 61  SER 61  61  61  SER SER A . n 
A 1 62  GLY 62  62  62  GLY GLY A . n 
A 1 63  CYS 63  63  63  CYS CYS A . n 
A 1 64  SER 64  64  64  SER SER A . n 
A 1 65  GLY 65  65  65  GLY GLY A . n 
A 1 66  GLY 66  66  66  GLY GLY A . n 
A 1 67  LEU 67  67  67  LEU LEU A . n 
A 1 68  MET 68  68  68  MET MET A . n 
A 1 69  ASN 69  69  69  ASN ASN A . n 
A 1 70  ASN 70  70  70  ASN ASN A . n 
A 1 71  ALA 71  71  71  ALA ALA A . n 
A 1 72  PHE 72  72  72  PHE PHE A . n 
A 1 73  GLU 73  73  73  GLU GLU A . n 
A 1 74  TRP 74  74  74  TRP TRP A . n 
A 1 75  ILE 75  75  75  ILE ILE A . n 
A 1 76  VAL 76  76  76  VAL VAL A . n 
A 1 77  GLN 77  77  77  GLN GLN A . n 
A 1 78  GLU 78  78  78  GLU GLU A . n 
A 1 79  ASN 79  78  78  ASN ASN A A n 
A 1 80  ASN 80  78  78  ASN ASN A B n 
A 1 81  GLY 81  78  78  GLY GLY A C n 
A 1 82  ALA 82  79  79  ALA ALA A . n 
A 1 83  VAL 83  80  80  VAL VAL A . n 
A 1 84  TYR 84  81  81  TYR TYR A . n 
A 1 85  THR 85  82  82  THR THR A . n 
A 1 86  GLU 86  83  83  GLU GLU A . n 
A 1 87  ASP 87  84  84  ASP ASP A . n 
A 1 88  SER 88  85  85  SER SER A . n 
A 1 89  TYR 89  86  86  TYR TYR A . n 
A 1 90  PRO 90  87  87  PRO PRO A . n 
A 1 91  TYR 91  88  88  TYR TYR A . n 
A 1 92  ALA 92  89  89  ALA ALA A . n 
A 1 93  SER 93  89  89  SER SER A A n 
A 1 94  GLY 94  89  89  GLY GLY A B n 
A 1 95  GLU 95  89  89  GLU GLU A C n 
A 1 96  GLY 96  90  90  GLY GLY A . n 
A 1 97  ILE 97  91  91  ILE ILE A . n 
A 1 98  SER 98  92  92  SER SER A . n 
A 1 99  PRO 99  93  93  PRO PRO A . n 
A 1 100 PRO 100 94  94  PRO PRO A . n 
A 1 101 CYS 101 95  95  CYS CYS A . n 
A 1 102 THR 102 96  96  THR THR A . n 
A 1 103 THR 103 97  97  THR THR A . n 
A 1 104 SER 104 98  98  SER SER A . n 
A 1 105 GLY 105 99  99  GLY GLY A . n 
A 1 106 HIS 106 100 100 HIS HIS A . n 
A 1 107 THR 107 101 101 THR THR A . n 
A 1 108 VAL 108 102 102 VAL VAL A . n 
A 1 109 GLY 109 103 103 GLY GLY A . n 
A 1 110 ALA 110 105 105 ALA ALA A . n 
A 1 111 THR 111 106 106 THR THR A . n 
A 1 112 ILE 112 107 107 ILE ILE A . n 
A 1 113 THR 113 108 108 THR THR A . n 
A 1 114 GLY 114 109 109 GLY GLY A . n 
A 1 115 HIS 115 110 110 HIS HIS A . n 
A 1 116 VAL 116 111 111 VAL VAL A . n 
A 1 117 GLU 117 112 112 GLU GLU A . n 
A 1 118 LEU 118 113 113 LEU LEU A . n 
A 1 119 PRO 119 114 114 PRO PRO A . n 
A 1 120 GLN 120 115 115 GLN GLN A . n 
A 1 121 ASP 121 116 116 ASP ASP A . n 
A 1 122 GLU 122 117 117 GLU GLU A . n 
A 1 123 ALA 123 118 118 ALA ALA A . n 
A 1 124 GLN 124 119 119 GLN GLN A . n 
A 1 125 ILE 125 120 120 ILE ILE A . n 
A 1 126 ALA 126 121 121 ALA ALA A . n 
A 1 127 ALA 127 122 122 ALA ALA A . n 
A 1 128 TRP 128 123 123 TRP TRP A . n 
A 1 129 LEU 129 124 124 LEU LEU A . n 
A 1 130 ALA 130 125 125 ALA ALA A . n 
A 1 131 VAL 131 126 126 VAL VAL A . n 
A 1 132 ASN 132 127 127 ASN ASN A . n 
A 1 133 GLY 133 128 128 GLY GLY A . n 
A 1 134 PRO 134 129 129 PRO PRO A . n 
A 1 135 VAL 135 130 130 VAL VAL A . n 
A 1 136 ALA 136 131 131 ALA ALA A . n 
A 1 137 VAL 137 132 132 VAL VAL A . n 
A 1 138 ALA 138 133 133 ALA ALA A . n 
A 1 139 VAL 139 134 134 VAL VAL A . n 
A 1 140 ASP 140 135 135 ASP ASP A . n 
A 1 141 ALA 141 136 136 ALA ALA A . n 
A 1 142 SER 142 139 139 SER SER A . n 
A 1 143 SER 143 140 140 SER SER A . n 
A 1 144 TRP 144 141 141 TRP TRP A . n 
A 1 145 MET 145 142 142 MET MET A . n 
A 1 146 THR 146 143 143 THR THR A . n 
A 1 147 TYR 147 144 144 TYR TYR A . n 
A 1 148 THR 148 145 145 THR THR A . n 
A 1 149 GLY 149 146 146 GLY GLY A . n 
A 1 150 GLY 150 147 147 GLY GLY A . n 
A 1 151 VAL 151 148 148 VAL VAL A . n 
A 1 152 MET 152 149 149 MET MET A . n 
A 1 153 THR 153 151 151 THR THR A . n 
A 1 154 SER 154 152 152 SER SER A . n 
A 1 155 CYS 155 153 153 CYS CYS A . n 
A 1 156 VAL 156 154 154 VAL VAL A . n 
A 1 157 SER 157 155 155 SER SER A . n 
A 1 158 GLU 158 156 156 GLU GLU A . n 
A 1 159 GLN 159 156 156 GLN GLN A A n 
A 1 160 LEU 160 157 157 LEU LEU A . n 
A 1 161 ASP 161 158 158 ASP ASP A . n 
A 1 162 HIS 162 159 159 HIS HIS A . n 
A 1 163 GLY 163 160 160 GLY GLY A . n 
A 1 164 VAL 164 161 161 VAL VAL A . n 
A 1 165 LEU 165 162 162 LEU LEU A . n 
A 1 166 LEU 166 163 163 LEU LEU A . n 
A 1 167 VAL 167 164 164 VAL VAL A . n 
A 1 168 GLY 168 165 165 GLY GLY A . n 
A 1 169 TYR 169 166 166 TYR TYR A . n 
A 1 170 ASN 170 167 167 ASN ASN A . n 
A 1 171 ASP 171 167 167 ASP ASP A A n 
A 1 172 SER 172 167 167 SER SER A B n 
A 1 173 ALA 173 167 167 ALA ALA A C n 
A 1 174 ALA 174 167 167 ALA ALA A D n 
A 1 175 VAL 175 168 168 VAL VAL A . n 
A 1 176 PRO 176 169 169 PRO PRO A . n 
A 1 177 TYR 177 170 170 TYR TYR A . n 
A 1 178 TRP 178 171 171 TRP TRP A . n 
A 1 179 ILE 179 172 172 ILE ILE A . n 
A 1 180 ILE 180 173 173 ILE ILE A . n 
A 1 181 LYS 181 174 174 LYS LYS A . n 
A 1 182 ASN 182 175 175 ASN ASN A . n 
A 1 183 SER 183 176 176 SER SER A . n 
A 1 184 TRP 184 177 177 TRP TRP A . n 
A 1 185 THR 185 178 178 THR THR A . n 
A 1 186 THR 186 179 179 THR THR A . n 
A 1 187 GLN 187 180 180 GLN GLN A . n 
A 1 188 TRP 188 181 181 TRP TRP A . n 
A 1 189 GLY 189 182 182 GLY GLY A . n 
A 1 190 GLU 190 183 183 GLU GLU A . n 
A 1 191 GLU 191 184 184 GLU GLU A . n 
A 1 192 GLY 192 185 185 GLY GLY A . n 
A 1 193 TYR 193 186 186 TYR TYR A . n 
A 1 194 ILE 194 187 187 ILE ILE A . n 
A 1 195 ARG 195 188 188 ARG ARG A . n 
A 1 196 ILE 196 189 189 ILE ILE A . n 
A 1 197 ALA 197 190 190 ALA ALA A . n 
A 1 198 LYS 198 191 191 LYS LYS A . n 
A 1 199 GLY 199 192 192 GLY GLY A . n 
A 1 200 SER 200 193 193 SER SER A . n 
A 1 201 ASN 201 198 198 ASN ASN A . n 
A 1 202 GLN 202 199 199 GLN GLN A . n 
A 1 203 CYS 203 200 200 CYS CYS A . n 
A 1 204 LEU 204 201 201 LEU LEU A . n 
A 1 205 VAL 205 202 202 VAL VAL A . n 
A 1 206 LYS 206 203 203 LYS LYS A . n 
A 1 207 GLU 207 204 204 GLU GLU A . n 
A 1 208 GLU 208 205 205 GLU GLU A . n 
A 1 209 ALA 209 206 206 ALA ALA A . n 
A 1 210 SER 210 207 207 SER SER A . n 
A 1 211 SER 211 208 208 SER SER A . n 
A 1 212 ALA 212 209 209 ALA ALA A . n 
A 1 213 VAL 213 210 210 VAL VAL A . n 
A 1 214 VAL 214 211 211 VAL VAL A . n 
A 1 215 GLY 215 212 212 GLY GLY A . n 
# 
loop_
_pdbx_nonpoly_scheme.asym_id 
_pdbx_nonpoly_scheme.entity_id 
_pdbx_nonpoly_scheme.mon_id 
_pdbx_nonpoly_scheme.ndb_seq_num 
_pdbx_nonpoly_scheme.pdb_seq_num 
_pdbx_nonpoly_scheme.auth_seq_num 
_pdbx_nonpoly_scheme.pdb_mon_id 
_pdbx_nonpoly_scheme.auth_mon_id 
_pdbx_nonpoly_scheme.pdb_strand_id 
_pdbx_nonpoly_scheme.pdb_ins_code 
B 2 0I5 1  280 280 0I5 MOR A . 
C 3 HOH 1  213 61  HOH WAT A . 
C 3 HOH 2  214 62  HOH WAT A . 
C 3 HOH 3  215 63  HOH WAT A . 
C 3 HOH 4  216 64  HOH WAT A . 
C 3 HOH 5  217 65  HOH WAT A . 
C 3 HOH 6  218 66  HOH WAT A . 
C 3 HOH 7  219 67  HOH WAT A . 
C 3 HOH 8  220 68  HOH WAT A . 
C 3 HOH 9  221 69  HOH WAT A . 
C 3 HOH 10 222 10  HOH WAT A . 
C 3 HOH 11 223 11  HOH WAT A . 
C 3 HOH 12 224 12  HOH WAT A . 
C 3 HOH 13 225 13  HOH WAT A . 
C 3 HOH 14 226 14  HOH WAT A . 
C 3 HOH 15 227 15  HOH WAT A . 
C 3 HOH 16 228 16  HOH WAT A . 
C 3 HOH 17 229 17  HOH WAT A . 
C 3 HOH 18 230 18  HOH WAT A . 
C 3 HOH 19 231 19  HOH WAT A . 
C 3 HOH 20 232 20  HOH WAT A . 
C 3 HOH 21 233 21  HOH WAT A . 
C 3 HOH 22 234 22  HOH WAT A . 
C 3 HOH 23 235 23  HOH WAT A . 
C 3 HOH 24 236 24  HOH WAT A . 
C 3 HOH 25 237 25  HOH WAT A . 
C 3 HOH 26 238 26  HOH WAT A . 
C 3 HOH 27 239 27  HOH WAT A . 
C 3 HOH 28 240 28  HOH WAT A . 
C 3 HOH 29 241 29  HOH WAT A . 
C 3 HOH 30 242 30  HOH WAT A . 
C 3 HOH 31 243 31  HOH WAT A . 
C 3 HOH 32 244 32  HOH WAT A . 
C 3 HOH 33 245 33  HOH WAT A . 
C 3 HOH 34 246 34  HOH WAT A . 
C 3 HOH 35 247 35  HOH WAT A . 
C 3 HOH 36 248 36  HOH WAT A . 
C 3 HOH 37 249 37  HOH WAT A . 
C 3 HOH 38 250 38  HOH WAT A . 
C 3 HOH 39 251 39  HOH WAT A . 
C 3 HOH 40 252 40  HOH WAT A . 
C 3 HOH 41 253 41  HOH WAT A . 
C 3 HOH 42 254 42  HOH WAT A . 
C 3 HOH 43 255 43  HOH WAT A . 
C 3 HOH 44 256 44  HOH WAT A . 
C 3 HOH 45 257 45  HOH WAT A . 
C 3 HOH 46 258 46  HOH WAT A . 
C 3 HOH 47 259 47  HOH WAT A . 
C 3 HOH 48 260 48  HOH WAT A . 
C 3 HOH 49 261 49  HOH WAT A . 
C 3 HOH 50 262 50  HOH WAT A . 
C 3 HOH 51 263 51  HOH WAT A . 
C 3 HOH 52 264 52  HOH WAT A . 
C 3 HOH 53 265 53  HOH WAT A . 
C 3 HOH 54 266 54  HOH WAT A . 
C 3 HOH 55 267 55  HOH WAT A . 
C 3 HOH 56 268 56  HOH WAT A . 
C 3 HOH 57 269 57  HOH WAT A . 
C 3 HOH 58 270 58  HOH WAT A . 
C 3 HOH 59 271 59  HOH WAT A . 
C 3 HOH 60 272 60  HOH WAT A . 
C 3 HOH 61 273 74  HOH WAT A . 
C 3 HOH 62 274 71  HOH WAT A . 
C 3 HOH 63 275 75  HOH WAT A . 
C 3 HOH 64 276 77  HOH WAT A . 
C 3 HOH 65 277 78  HOH WAT A . 
C 3 HOH 66 278 79  HOH WAT A . 
C 3 HOH 67 279 76  HOH WAT A . 
# 
loop_
_pdbx_unobs_or_zero_occ_atoms.id 
_pdbx_unobs_or_zero_occ_atoms.PDB_model_num 
_pdbx_unobs_or_zero_occ_atoms.polymer_flag 
_pdbx_unobs_or_zero_occ_atoms.occupancy_flag 
_pdbx_unobs_or_zero_occ_atoms.auth_asym_id 
_pdbx_unobs_or_zero_occ_atoms.auth_comp_id 
_pdbx_unobs_or_zero_occ_atoms.auth_seq_id 
_pdbx_unobs_or_zero_occ_atoms.PDB_ins_code 
_pdbx_unobs_or_zero_occ_atoms.auth_atom_id 
_pdbx_unobs_or_zero_occ_atoms.label_alt_id 
_pdbx_unobs_or_zero_occ_atoms.label_asym_id 
_pdbx_unobs_or_zero_occ_atoms.label_comp_id 
_pdbx_unobs_or_zero_occ_atoms.label_seq_id 
_pdbx_unobs_or_zero_occ_atoms.label_atom_id 
1 1 N 1 A 0I5 280 ? CG1 ? B 0I5 1 CG1 
2 1 N 1 A 0I5 280 ? CD  ? B 0I5 1 CD  
3 1 N 1 A 0I5 280 ? CE1 ? B 0I5 1 CE1 
4 1 N 1 A 0I5 280 ? CE2 ? B 0I5 1 CE2 
5 1 N 1 A 0I5 280 ? CZ1 ? B 0I5 1 CZ1 
6 1 N 1 A 0I5 280 ? CZ2 ? B 0I5 1 CZ2 
7 1 N 1 A 0I5 280 ? CH  ? B 0I5 1 CH  
# 
loop_
_software.name 
_software.classification 
_software.version 
_software.citation_id 
_software.pdbx_ordinal 
DENZO     'data reduction' .   ? 1 
SCALEPACK 'data scaling'   .   ? 2 
AMoRE     phasing          .   ? 3 
X-PLOR    refinement       3.1 ? 4 
# 
_cell.entry_id           1EWP 
_cell.length_a           43.511 
_cell.length_b           51.654 
_cell.length_c           45.259 
_cell.angle_alpha        90.00 
_cell.angle_beta         114.76 
_cell.angle_gamma        90.00 
_cell.Z_PDB              2 
_cell.pdbx_unique_axis   ? 
_cell.length_a_esd       ? 
_cell.length_b_esd       ? 
_cell.length_c_esd       ? 
_cell.angle_alpha_esd    ? 
_cell.angle_beta_esd     ? 
_cell.angle_gamma_esd    ? 
# 
_symmetry.entry_id                         1EWP 
_symmetry.space_group_name_H-M             'P 1 21 1' 
_symmetry.pdbx_full_space_group_name_H-M   ? 
_symmetry.cell_setting                     ? 
_symmetry.Int_Tables_number                4 
_symmetry.space_group_name_Hall            ? 
# 
_exptl.entry_id          1EWP 
_exptl.method            'X-RAY DIFFRACTION' 
_exptl.crystals_number   1 
# 
_exptl_crystal.id                    1 
_exptl_crystal.density_meas          ? 
_exptl_crystal.density_percent_sol   38.45 
_exptl_crystal.density_Matthews      2.00 
_exptl_crystal.description           ? 
_exptl_crystal.F_000                 ? 
_exptl_crystal.preparation           ? 
# 
_exptl_crystal_grow.crystal_id      1 
_exptl_crystal_grow.method          'VAPOR DIFFUSION, HANGING DROP' 
_exptl_crystal_grow.pH              5.5 
_exptl_crystal_grow.temp            292 
_exptl_crystal_grow.temp_details    ? 
_exptl_crystal_grow.pdbx_details    '0.8M NaCitrate, pH 5.5, VAPOR DIFFUSION, HANGING DROP, temperature 292K' 
_exptl_crystal_grow.pdbx_pH_range   ? 
# 
_diffrn.id                     1 
_diffrn.ambient_temp           298 
_diffrn.ambient_temp_details   ? 
_diffrn.crystal_id             1 
# 
_diffrn_detector.diffrn_id              1 
_diffrn_detector.detector               'IMAGE PLATE' 
_diffrn_detector.type                   MARRESEARCH 
_diffrn_detector.pdbx_collection_date   1996-10-26 
_diffrn_detector.details                ? 
# 
_diffrn_radiation.diffrn_id                        1 
_diffrn_radiation.wavelength_id                    1 
_diffrn_radiation.monochromator                    ? 
_diffrn_radiation.pdbx_monochromatic_or_laue_m_l   M 
_diffrn_radiation.pdbx_diffrn_protocol             'SINGLE WAVELENGTH' 
_diffrn_radiation.pdbx_scattering_type             x-ray 
# 
_diffrn_radiation_wavelength.id           1 
_diffrn_radiation_wavelength.wavelength   1.5418 
_diffrn_radiation_wavelength.wt           1.0 
# 
_diffrn_source.diffrn_id                   1 
_diffrn_source.source                      'ROTATING ANODE' 
_diffrn_source.type                        'RIGAKU RU200' 
_diffrn_source.pdbx_wavelength             1.5418 
_diffrn_source.pdbx_synchrotron_site       ? 
_diffrn_source.pdbx_synchrotron_beamline   ? 
_diffrn_source.pdbx_wavelength_list        ? 
# 
_reflns.entry_id                     1EWP 
_reflns.observed_criterion_sigma_I   -3.0 
_reflns.observed_criterion_sigma_F   0 
_reflns.d_resolution_low             30.0 
_reflns.d_resolution_high            1.75 
_reflns.number_obs                   17715 
_reflns.number_all                   17715 
_reflns.percent_possible_obs         95.7 
_reflns.pdbx_Rmerge_I_obs            0.049 
_reflns.pdbx_Rsym_value              ? 
_reflns.pdbx_netI_over_sigmaI        10.8 
_reflns.B_iso_Wilson_estimate        13.5 
_reflns.pdbx_redundancy              2.7 
_reflns.R_free_details               ? 
_reflns.limit_h_max                  ? 
_reflns.limit_h_min                  ? 
_reflns.limit_k_max                  ? 
_reflns.limit_k_min                  ? 
_reflns.limit_l_max                  ? 
_reflns.limit_l_min                  ? 
_reflns.observed_criterion_F_max     ? 
_reflns.observed_criterion_F_min     ? 
_reflns.pdbx_chi_squared             ? 
_reflns.pdbx_scaling_rejects         ? 
_reflns.pdbx_ordinal                 1 
_reflns.pdbx_diffrn_id               1 
# 
_reflns_shell.d_res_high             1.75 
_reflns_shell.d_res_low              1.81 
_reflns_shell.percent_possible_obs   ? 
_reflns_shell.percent_possible_all   88.7 
_reflns_shell.Rmerge_I_obs           0.11 
_reflns_shell.meanI_over_sigI_obs    ? 
_reflns_shell.pdbx_Rsym_value        ? 
_reflns_shell.pdbx_redundancy        2.2 
_reflns_shell.number_unique_all      1650 
_reflns_shell.number_measured_all    ? 
_reflns_shell.number_measured_obs    ? 
_reflns_shell.number_unique_obs      ? 
_reflns_shell.pdbx_chi_squared       ? 
_reflns_shell.pdbx_ordinal           1 
_reflns_shell.pdbx_diffrn_id         1 
# 
_refine.entry_id                                 1EWP 
_refine.ls_number_reflns_obs                     17701 
_refine.ls_number_reflns_all                     17715 
_refine.pdbx_ls_sigma_I                          0 
_refine.pdbx_ls_sigma_F                          0.0 
_refine.pdbx_data_cutoff_high_absF               10000000.00 
_refine.pdbx_data_cutoff_low_absF                0.00 
_refine.ls_d_res_low                             25.00 
_refine.ls_d_res_high                            1.75 
_refine.ls_percent_reflns_obs                    95.6 
_refine.ls_R_factor_obs                          0.1831 
_refine.ls_R_factor_all                          0.19 
_refine.ls_R_factor_R_work                       0.1831 
_refine.ls_R_factor_R_free                       0.206 
_refine.ls_R_factor_R_free_error                 0.006 
_refine.ls_R_factor_R_free_error_details         ? 
_refine.ls_percent_reflns_R_free                 9.8 
_refine.ls_number_reflns_R_free                  1742 
_refine.ls_number_parameters                     ? 
_refine.ls_number_restraints                     ? 
_refine.occupancy_min                            ? 
_refine.occupancy_max                            ? 
_refine.B_iso_mean                               13.6 
_refine.aniso_B[1][1]                            0.00 
_refine.aniso_B[2][2]                            0.00 
_refine.aniso_B[3][3]                            0.00 
_refine.aniso_B[1][2]                            0.00 
_refine.aniso_B[1][3]                            0.00 
_refine.aniso_B[2][3]                            0.00 
_refine.solvent_model_details                    ? 
_refine.solvent_model_param_ksol                 ? 
_refine.solvent_model_param_bsol                 ? 
_refine.pdbx_ls_cross_valid_method               THROUGHOUT 
_refine.details                                  ? 
_refine.pdbx_starting_model                      ? 
_refine.pdbx_method_to_determine_struct          ? 
_refine.pdbx_isotropic_thermal_model             RESTRAINED 
_refine.pdbx_stereochemistry_target_values       'toph19 and param19' 
_refine.pdbx_stereochem_target_val_spec_case     ? 
_refine.pdbx_R_Free_selection_details            RANDOM 
_refine.pdbx_overall_ESU_R_Free                  ? 
_refine.overall_SU_B                             ? 
_refine.ls_redundancy_reflns_obs                 ? 
_refine.B_iso_min                                ? 
_refine.B_iso_max                                ? 
_refine.overall_SU_ML                            ? 
_refine.pdbx_overall_ESU_R                       ? 
_refine.pdbx_data_cutoff_high_rms_absF           ? 
_refine.pdbx_refine_id                           'X-RAY DIFFRACTION' 
_refine.pdbx_overall_phase_error                 ? 
_refine.correlation_coeff_Fo_to_Fc               ? 
_refine.correlation_coeff_Fo_to_Fc_free          ? 
_refine.pdbx_solvent_vdw_probe_radii             ? 
_refine.pdbx_solvent_ion_probe_radii             ? 
_refine.pdbx_solvent_shrinkage_radii             ? 
_refine.overall_SU_R_Cruickshank_DPI             ? 
_refine.overall_SU_R_free                        ? 
_refine.ls_wR_factor_R_free                      ? 
_refine.ls_wR_factor_R_work                      ? 
_refine.overall_FOM_free_R_set                   ? 
_refine.overall_FOM_work_R_set                   ? 
_refine.pdbx_diffrn_id                           1 
_refine.pdbx_TLS_residual_ADP_flag               ? 
_refine.pdbx_overall_SU_R_free_Cruickshank_DPI   ? 
_refine.pdbx_overall_SU_R_Blow_DPI               ? 
_refine.pdbx_overall_SU_R_free_Blow_DPI          ? 
# 
_refine_analyze.entry_id                        1EWP 
_refine_analyze.Luzzati_coordinate_error_obs    0.18 
_refine_analyze.Luzzati_sigma_a_obs             0.13 
_refine_analyze.Luzzati_d_res_low_obs           5.00 
_refine_analyze.Luzzati_coordinate_error_free   0.20 
_refine_analyze.Luzzati_sigma_a_free            0.14 
_refine_analyze.Luzzati_d_res_low_free          ? 
_refine_analyze.number_disordered_residues      ? 
_refine_analyze.occupancy_sum_hydrogen          ? 
_refine_analyze.occupancy_sum_non_hydrogen      ? 
_refine_analyze.pdbx_Luzzati_d_res_high_obs     ? 
_refine_analyze.pdbx_refine_id                  'X-RAY DIFFRACTION' 
# 
_refine_hist.pdbx_refine_id                   'X-RAY DIFFRACTION' 
_refine_hist.cycle_id                         LAST 
_refine_hist.pdbx_number_atoms_protein        1593 
_refine_hist.pdbx_number_atoms_nucleic_acid   0 
_refine_hist.pdbx_number_atoms_ligand         22 
_refine_hist.number_atoms_solvent             67 
_refine_hist.number_atoms_total               1682 
_refine_hist.d_res_high                       1.75 
_refine_hist.d_res_low                        25.00 
# 
loop_
_refine_ls_restr.type 
_refine_ls_restr.dev_ideal 
_refine_ls_restr.dev_ideal_target 
_refine_ls_restr.weight 
_refine_ls_restr.number 
_refine_ls_restr.pdbx_refine_id 
_refine_ls_restr.pdbx_restraint_function 
x_bond_d           0.012 ? ? ? 'X-RAY DIFFRACTION' ? 
x_angle_deg        2.6   ? ? ? 'X-RAY DIFFRACTION' ? 
x_dihedral_angle_d 25.9  ? ? ? 'X-RAY DIFFRACTION' ? 
x_improper_angle_d 1.19  ? ? ? 'X-RAY DIFFRACTION' ? 
# 
_refine_ls_shell.pdbx_total_number_of_bins_used   6 
_refine_ls_shell.d_res_high                       1.75 
_refine_ls_shell.d_res_low                        1.86 
_refine_ls_shell.number_reflns_R_work             2475 
_refine_ls_shell.R_factor_R_work                  0.255 
_refine_ls_shell.percent_reflns_obs               89.6 
_refine_ls_shell.R_factor_R_free                  0.288 
_refine_ls_shell.R_factor_R_free_error            0.015 
_refine_ls_shell.percent_reflns_R_free            9.9 
_refine_ls_shell.number_reflns_R_free             273 
_refine_ls_shell.redundancy_reflns_obs            ? 
_refine_ls_shell.number_reflns_all                ? 
_refine_ls_shell.number_reflns_obs                ? 
_refine_ls_shell.pdbx_refine_id                   'X-RAY DIFFRACTION' 
_refine_ls_shell.R_factor_all                     ? 
# 
loop_
_pdbx_xplor_file.serial_no 
_pdbx_xplor_file.param_file 
_pdbx_xplor_file.topol_file 
_pdbx_xplor_file.pdbx_refine_id 
1 PARAM19SG.PRO TOPH19SG2.PRO 'X-RAY DIFFRACTION' 
2 PARAM19.SOL   TOPH19.SOL    'X-RAY DIFFRACTION' 
3 MOR.PAR       MOR.TOP       'X-RAY DIFFRACTION' 
4 ?             ALM1.TOP      'X-RAY DIFFRACTION' 
# 
_struct.entry_id                  1EWP 
_struct.title                     'CRUZAIN BOUND TO MOR-LEU-HPQ' 
_struct.pdbx_model_details        ? 
_struct.pdbx_CASP_flag            ? 
_struct.pdbx_model_type_details   ? 
# 
_struct_keywords.entry_id        1EWP 
_struct_keywords.pdbx_keywords   'HYDROLASE/HYDROLASE inhibitor' 
_struct_keywords.text            
'cysteine protease, drug design, covalent inhibitor, cruzipain, HYDROLASE, HYDROLASE-HYDROLASE inhibitor complex' 
# 
loop_
_struct_asym.id 
_struct_asym.pdbx_blank_PDB_chainid_flag 
_struct_asym.pdbx_modified 
_struct_asym.entity_id 
_struct_asym.details 
A N N 1 ? 
B N N 2 ? 
C N N 3 ? 
# 
_struct_ref.id                         1 
_struct_ref.db_code                    CYSP_TRYCR 
_struct_ref.db_name                    UNP 
_struct_ref.entity_id                  1 
_struct_ref.pdbx_db_accession          P25779 
_struct_ref.pdbx_align_begin           123 
_struct_ref.pdbx_seq_one_letter_code   
;APAAVDWRARGAVTAVKDQGQCGSCWAFSAIGNVECQWFLAGHPLTNLSEQMLVSCDKTDSGCSGGLMNNAFEWIVQENN
GAVYTEDSYPYASGEGISPPCTTSGHTVGATITGHVELPQDEAQIAAWLAVNGPVAVAVDASSWMTYTGGVMTSCVSEQL
DHGVLLVGYNDSAAVPYWIIKNSWTTQWGEEGYIRIAKGSNQCLVKEEASSAVVG
;
_struct_ref.pdbx_db_isoform            ? 
# 
_struct_ref_seq.align_id                      1 
_struct_ref_seq.ref_id                        1 
_struct_ref_seq.pdbx_PDB_id_code              1EWP 
_struct_ref_seq.pdbx_strand_id                A 
_struct_ref_seq.seq_align_beg                 1 
_struct_ref_seq.pdbx_seq_align_beg_ins_code   ? 
_struct_ref_seq.seq_align_end                 215 
_struct_ref_seq.pdbx_seq_align_end_ins_code   ? 
_struct_ref_seq.pdbx_db_accession             P25779 
_struct_ref_seq.db_align_beg                  123 
_struct_ref_seq.pdbx_db_align_beg_ins_code    ? 
_struct_ref_seq.db_align_end                  337 
_struct_ref_seq.pdbx_db_align_end_ins_code    ? 
_struct_ref_seq.pdbx_auth_seq_align_beg       1 
_struct_ref_seq.pdbx_auth_seq_align_end       212 
# 
_pdbx_struct_assembly.id                   1 
_pdbx_struct_assembly.details              author_defined_assembly 
_pdbx_struct_assembly.method_details       ? 
_pdbx_struct_assembly.oligomeric_details   monomeric 
_pdbx_struct_assembly.oligomeric_count     1 
# 
_pdbx_struct_assembly_gen.assembly_id       1 
_pdbx_struct_assembly_gen.oper_expression   1 
_pdbx_struct_assembly_gen.asym_id_list      A,B,C 
# 
_pdbx_struct_oper_list.id                   1 
_pdbx_struct_oper_list.type                 'identity operation' 
_pdbx_struct_oper_list.name                 1_555 
_pdbx_struct_oper_list.symmetry_operation   x,y,z 
_pdbx_struct_oper_list.matrix[1][1]         1.0000000000 
_pdbx_struct_oper_list.matrix[1][2]         0.0000000000 
_pdbx_struct_oper_list.matrix[1][3]         0.0000000000 
_pdbx_struct_oper_list.vector[1]            0.0000000000 
_pdbx_struct_oper_list.matrix[2][1]         0.0000000000 
_pdbx_struct_oper_list.matrix[2][2]         1.0000000000 
_pdbx_struct_oper_list.matrix[2][3]         0.0000000000 
_pdbx_struct_oper_list.vector[2]            0.0000000000 
_pdbx_struct_oper_list.matrix[3][1]         0.0000000000 
_pdbx_struct_oper_list.matrix[3][2]         0.0000000000 
_pdbx_struct_oper_list.matrix[3][3]         1.0000000000 
_pdbx_struct_oper_list.vector[3]            0.0000000000 
# 
_struct_biol.id                    1 
_struct_biol.details               'the biological assembly is the same monomer as the asymmetric unit' 
_struct_biol.pdbx_parent_biol_id   ? 
# 
loop_
_struct_conf.conf_type_id 
_struct_conf.id 
_struct_conf.pdbx_PDB_helix_id 
_struct_conf.beg_label_comp_id 
_struct_conf.beg_label_asym_id 
_struct_conf.beg_label_seq_id 
_struct_conf.pdbx_beg_PDB_ins_code 
_struct_conf.end_label_comp_id 
_struct_conf.end_label_asym_id 
_struct_conf.end_label_seq_id 
_struct_conf.pdbx_end_PDB_ins_code 
_struct_conf.beg_auth_comp_id 
_struct_conf.beg_auth_asym_id 
_struct_conf.beg_auth_seq_id 
_struct_conf.end_auth_comp_id 
_struct_conf.end_auth_asym_id 
_struct_conf.end_auth_seq_id 
_struct_conf.pdbx_PDB_helix_class 
_struct_conf.details 
_struct_conf.pdbx_PDB_helix_length 
HELX_P HELX_P1 1 ARG A 8   ? GLY A 11  ? ARG A 8   GLY A 11  5 ? 4  
HELX_P HELX_P2 2 SER A 24  ? ALA A 41  ? SER A 24  ALA A 41  1 ? 18 
HELX_P HELX_P3 3 SER A 49  ? ASP A 57  ? SER A 49  ASP A 57  1 ? 9  
HELX_P HELX_P4 4 SER A 61  ? CYS A 63  ? SER A 61  CYS A 63  5 ? 3  
HELX_P HELX_P5 6 ASP A 121 ? GLY A 133 ? ASP A 116 GLY A 128 1 ? 13 
HELX_P HELX_P6 7 SER A 143 ? TYR A 147 ? SER A 140 TYR A 144 5 ? 5  
HELX_P HELX_P7 8 ASN A 201 ? VAL A 205 ? ASN A 198 VAL A 202 5 ? 5  
# 
_struct_conf_type.id          HELX_P 
_struct_conf_type.criteria    ? 
_struct_conf_type.reference   ? 
# 
loop_
_struct_conn.id 
_struct_conn.conn_type_id 
_struct_conn.pdbx_leaving_atom_flag 
_struct_conn.pdbx_PDB_id 
_struct_conn.ptnr1_label_asym_id 
_struct_conn.ptnr1_label_comp_id 
_struct_conn.ptnr1_label_seq_id 
_struct_conn.ptnr1_label_atom_id 
_struct_conn.pdbx_ptnr1_label_alt_id 
_struct_conn.pdbx_ptnr1_PDB_ins_code 
_struct_conn.pdbx_ptnr1_standard_comp_id 
_struct_conn.ptnr1_symmetry 
_struct_conn.ptnr2_label_asym_id 
_struct_conn.ptnr2_label_comp_id 
_struct_conn.ptnr2_label_seq_id 
_struct_conn.ptnr2_label_atom_id 
_struct_conn.pdbx_ptnr2_label_alt_id 
_struct_conn.pdbx_ptnr2_PDB_ins_code 
_struct_conn.ptnr1_auth_asym_id 
_struct_conn.ptnr1_auth_comp_id 
_struct_conn.ptnr1_auth_seq_id 
_struct_conn.ptnr2_auth_asym_id 
_struct_conn.ptnr2_auth_comp_id 
_struct_conn.ptnr2_auth_seq_id 
_struct_conn.ptnr2_symmetry 
_struct_conn.pdbx_ptnr3_label_atom_id 
_struct_conn.pdbx_ptnr3_label_seq_id 
_struct_conn.pdbx_ptnr3_label_comp_id 
_struct_conn.pdbx_ptnr3_label_asym_id 
_struct_conn.pdbx_ptnr3_label_alt_id 
_struct_conn.pdbx_ptnr3_PDB_ins_code 
_struct_conn.details 
_struct_conn.pdbx_dist_value 
_struct_conn.pdbx_value_order 
_struct_conn.pdbx_role 
disulf1 disulf ?   ? A CYS 22  SG ? ? ? 1_555 A CYS 63  SG ? ? A CYS 22  A CYS 63  1_555 ? ? ? ? ? ? ? 2.014 ? ? 
disulf2 disulf ?   ? A CYS 56  SG ? ? ? 1_555 A CYS 101 SG ? ? A CYS 56  A CYS 95  1_555 ? ? ? ? ? ? ? 2.020 ? ? 
disulf3 disulf ?   ? A CYS 155 SG ? ? ? 1_555 A CYS 203 SG ? ? A CYS 153 A CYS 200 1_555 ? ? ? ? ? ? ? 2.007 ? ? 
covale1 covale one ? A CYS 25  SG ? ? ? 1_555 B 0I5 .   CM ? ? A CYS 25  A 0I5 280 1_555 ? ? ? ? ? ? ? 1.805 ? ? 
# 
loop_
_struct_conn_type.id 
_struct_conn_type.criteria 
_struct_conn_type.reference 
disulf ? ? 
covale ? ? 
# 
loop_
_pdbx_modification_feature.ordinal 
_pdbx_modification_feature.label_comp_id 
_pdbx_modification_feature.label_asym_id 
_pdbx_modification_feature.label_seq_id 
_pdbx_modification_feature.label_alt_id 
_pdbx_modification_feature.modified_residue_label_comp_id 
_pdbx_modification_feature.modified_residue_label_asym_id 
_pdbx_modification_feature.modified_residue_label_seq_id 
_pdbx_modification_feature.modified_residue_label_alt_id 
_pdbx_modification_feature.auth_comp_id 
_pdbx_modification_feature.auth_asym_id 
_pdbx_modification_feature.auth_seq_id 
_pdbx_modification_feature.PDB_ins_code 
_pdbx_modification_feature.symmetry 
_pdbx_modification_feature.modified_residue_auth_comp_id 
_pdbx_modification_feature.modified_residue_auth_asym_id 
_pdbx_modification_feature.modified_residue_auth_seq_id 
_pdbx_modification_feature.modified_residue_PDB_ins_code 
_pdbx_modification_feature.modified_residue_symmetry 
_pdbx_modification_feature.comp_id_linking_atom 
_pdbx_modification_feature.modified_residue_id_linking_atom 
_pdbx_modification_feature.modified_residue_id 
_pdbx_modification_feature.ref_pcm_id 
_pdbx_modification_feature.ref_comp_id 
_pdbx_modification_feature.type 
_pdbx_modification_feature.category 
1 0I5 B .   ? CYS A 25  ? 0I5 A 280 ? 1_555 CYS A 25  ? 1_555 CM SG CYS 1 0I5 None 'Covalent chemical modification' 
2 CYS A 22  ? CYS A 63  ? CYS A 22  ? 1_555 CYS A 63  ? 1_555 SG SG .   . .   None 'Disulfide bridge'               
3 CYS A 56  ? CYS A 101 ? CYS A 56  ? 1_555 CYS A 95  ? 1_555 SG SG .   . .   None 'Disulfide bridge'               
4 CYS A 155 ? CYS A 203 ? CYS A 153 ? 1_555 CYS A 200 ? 1_555 SG SG .   . .   None 'Disulfide bridge'               
# 
loop_
_struct_sheet.id 
_struct_sheet.type 
_struct_sheet.number_strands 
_struct_sheet.details 
A ? 5 ? 
B ? 7 ? 
C ? 2 ? 
# 
loop_
_struct_sheet_order.sheet_id 
_struct_sheet_order.range_id_1 
_struct_sheet_order.range_id_2 
_struct_sheet_order.offset 
_struct_sheet_order.sense 
A 1 2 ? anti-parallel 
A 2 3 ? anti-parallel 
A 3 4 ? anti-parallel 
A 4 5 ? anti-parallel 
B 1 2 ? anti-parallel 
B 2 3 ? anti-parallel 
B 3 4 ? anti-parallel 
B 4 5 ? anti-parallel 
B 5 6 ? anti-parallel 
B 6 7 ? parallel      
C 1 2 ? anti-parallel 
# 
loop_
_struct_sheet_range.sheet_id 
_struct_sheet_range.id 
_struct_sheet_range.beg_label_comp_id 
_struct_sheet_range.beg_label_asym_id 
_struct_sheet_range.beg_label_seq_id 
_struct_sheet_range.pdbx_beg_PDB_ins_code 
_struct_sheet_range.end_label_comp_id 
_struct_sheet_range.end_label_asym_id 
_struct_sheet_range.end_label_seq_id 
_struct_sheet_range.pdbx_end_PDB_ins_code 
_struct_sheet_range.beg_auth_comp_id 
_struct_sheet_range.beg_auth_asym_id 
_struct_sheet_range.beg_auth_seq_id 
_struct_sheet_range.end_auth_comp_id 
_struct_sheet_range.end_auth_asym_id 
_struct_sheet_range.end_auth_seq_id 
A 1 GLY A 114 ? GLU A 117 ? GLY A 109 GLU A 112 
A 2 ALA A 209 ? VAL A 213 ? ALA A 206 VAL A 210 
A 3 VAL A 135 ? VAL A 139 ? VAL A 130 VAL A 134 
A 4 HIS A 162 ? ASN A 170 ? HIS A 159 ASN A 167 
A 5 ALA A 4   ? ASP A 6   ? ALA A 4   ASP A 6   
B 1 GLY A 114 ? GLU A 117 ? GLY A 109 GLU A 112 
B 2 ALA A 209 ? VAL A 213 ? ALA A 206 VAL A 210 
B 3 VAL A 135 ? VAL A 139 ? VAL A 130 VAL A 134 
B 4 HIS A 162 ? ASN A 170 ? HIS A 159 ASN A 167 
B 5 TYR A 177 ? LYS A 181 ? TYR A 170 LYS A 174 
B 6 TYR A 193 ? ALA A 197 ? TYR A 186 ALA A 190 
B 7 VAL A 151 ? MET A 152 ? VAL A 148 MET A 149 
C 1 ALA A 82  ? TYR A 84  ? ALA A 79  TYR A 81  
C 2 VAL A 108 ? THR A 111 ? VAL A 102 THR A 106 
# 
loop_
_pdbx_struct_sheet_hbond.sheet_id 
_pdbx_struct_sheet_hbond.range_id_1 
_pdbx_struct_sheet_hbond.range_id_2 
_pdbx_struct_sheet_hbond.range_1_label_atom_id 
_pdbx_struct_sheet_hbond.range_1_label_comp_id 
_pdbx_struct_sheet_hbond.range_1_label_asym_id 
_pdbx_struct_sheet_hbond.range_1_label_seq_id 
_pdbx_struct_sheet_hbond.range_1_PDB_ins_code 
_pdbx_struct_sheet_hbond.range_1_auth_atom_id 
_pdbx_struct_sheet_hbond.range_1_auth_comp_id 
_pdbx_struct_sheet_hbond.range_1_auth_asym_id 
_pdbx_struct_sheet_hbond.range_1_auth_seq_id 
_pdbx_struct_sheet_hbond.range_2_label_atom_id 
_pdbx_struct_sheet_hbond.range_2_label_comp_id 
_pdbx_struct_sheet_hbond.range_2_label_asym_id 
_pdbx_struct_sheet_hbond.range_2_label_seq_id 
_pdbx_struct_sheet_hbond.range_2_PDB_ins_code 
_pdbx_struct_sheet_hbond.range_2_auth_atom_id 
_pdbx_struct_sheet_hbond.range_2_auth_comp_id 
_pdbx_struct_sheet_hbond.range_2_auth_asym_id 
_pdbx_struct_sheet_hbond.range_2_auth_seq_id 
A 1 2 N VAL A 116 ? N VAL A 111 O SER A 211 ? O SER A 208 
A 2 3 O SER A 210 ? O SER A 207 N ALA A 136 ? N ALA A 131 
A 3 4 N VAL A 139 ? N VAL A 134 O HIS A 162 ? O HIS A 159 
A 4 5 O TYR A 169 ? O TYR A 166 N VAL A 5   ? N VAL A 5   
B 1 2 N VAL A 116 ? N VAL A 111 O SER A 211 ? O SER A 208 
B 2 3 O SER A 210 ? O SER A 207 N ALA A 136 ? N ALA A 131 
B 3 4 N VAL A 139 ? N VAL A 134 O HIS A 162 ? O HIS A 159 
B 4 5 N ASN A 170 ? N ASN A 167 O TYR A 177 ? O TYR A 170 
B 5 6 N ILE A 180 ? N ILE A 173 O ILE A 194 ? O ILE A 187 
B 6 7 O ARG A 195 ? O ARG A 188 N MET A 152 ? N MET A 149 
C 1 2 O VAL A 83  ? O VAL A 80  N GLY A 109 ? N GLY A 103 
# 
_struct_site.id                   AC1 
_struct_site.pdbx_evidence_code   Software 
_struct_site.pdbx_auth_asym_id    A 
_struct_site.pdbx_auth_comp_id    0I5 
_struct_site.pdbx_auth_seq_id     280 
_struct_site.pdbx_auth_ins_code   ? 
_struct_site.pdbx_num_residues    10 
_struct_site.details              'BINDING SITE FOR RESIDUE 0I5 A 280' 
# 
loop_
_struct_site_gen.id 
_struct_site_gen.site_id 
_struct_site_gen.pdbx_num_res 
_struct_site_gen.label_comp_id 
_struct_site_gen.label_asym_id 
_struct_site_gen.label_seq_id 
_struct_site_gen.pdbx_auth_ins_code 
_struct_site_gen.auth_comp_id 
_struct_site_gen.auth_asym_id 
_struct_site_gen.auth_seq_id 
_struct_site_gen.label_atom_id 
_struct_site_gen.label_alt_id 
_struct_site_gen.symmetry 
_struct_site_gen.details 
1  AC1 10 GLN A 19  ? GLN A 19  . ? 1_555 ? 
2  AC1 10 GLY A 23  ? GLY A 23  . ? 1_555 ? 
3  AC1 10 SER A 24  ? SER A 24  . ? 1_555 ? 
4  AC1 10 CYS A 25  ? CYS A 25  . ? 1_555 ? 
5  AC1 10 TRP A 26  ? TRP A 26  . ? 1_555 ? 
6  AC1 10 GLY A 65  ? GLY A 65  . ? 1_555 ? 
7  AC1 10 GLY A 66  ? GLY A 66  . ? 1_555 ? 
8  AC1 10 ASP A 161 ? ASP A 158 . ? 1_555 ? 
9  AC1 10 HIS A 162 ? HIS A 159 . ? 1_555 ? 
10 AC1 10 HOH C .   ? HOH A 279 . ? 1_555 ? 
# 
_pdbx_entry_details.entry_id                   1EWP 
_pdbx_entry_details.compound_details           ? 
_pdbx_entry_details.source_details             ? 
_pdbx_entry_details.nonpolymer_details         ? 
_pdbx_entry_details.sequence_details           ? 
_pdbx_entry_details.has_ligand_of_interest     ? 
_pdbx_entry_details.has_protein_modification   Y 
# 
loop_
_pdbx_validate_rmsd_bond.id 
_pdbx_validate_rmsd_bond.PDB_model_num 
_pdbx_validate_rmsd_bond.auth_atom_id_1 
_pdbx_validate_rmsd_bond.auth_asym_id_1 
_pdbx_validate_rmsd_bond.auth_comp_id_1 
_pdbx_validate_rmsd_bond.auth_seq_id_1 
_pdbx_validate_rmsd_bond.PDB_ins_code_1 
_pdbx_validate_rmsd_bond.label_alt_id_1 
_pdbx_validate_rmsd_bond.auth_atom_id_2 
_pdbx_validate_rmsd_bond.auth_asym_id_2 
_pdbx_validate_rmsd_bond.auth_comp_id_2 
_pdbx_validate_rmsd_bond.auth_seq_id_2 
_pdbx_validate_rmsd_bond.PDB_ins_code_2 
_pdbx_validate_rmsd_bond.label_alt_id_2 
_pdbx_validate_rmsd_bond.bond_value 
_pdbx_validate_rmsd_bond.bond_target_value 
_pdbx_validate_rmsd_bond.bond_deviation 
_pdbx_validate_rmsd_bond.bond_standard_deviation 
_pdbx_validate_rmsd_bond.linker_flag 
1 1 NE2 A HIS 43  ? ? CD2 A HIS 43  ? ? 1.304 1.373 -0.069 0.011 N 
2 1 NE2 A HIS 110 ? ? CD2 A HIS 110 ? ? 1.303 1.373 -0.070 0.011 N 
3 1 NE2 A HIS 159 ? ? CD2 A HIS 159 ? ? 1.301 1.373 -0.072 0.011 N 
# 
loop_
_pdbx_validate_rmsd_angle.id 
_pdbx_validate_rmsd_angle.PDB_model_num 
_pdbx_validate_rmsd_angle.auth_atom_id_1 
_pdbx_validate_rmsd_angle.auth_asym_id_1 
_pdbx_validate_rmsd_angle.auth_comp_id_1 
_pdbx_validate_rmsd_angle.auth_seq_id_1 
_pdbx_validate_rmsd_angle.PDB_ins_code_1 
_pdbx_validate_rmsd_angle.label_alt_id_1 
_pdbx_validate_rmsd_angle.auth_atom_id_2 
_pdbx_validate_rmsd_angle.auth_asym_id_2 
_pdbx_validate_rmsd_angle.auth_comp_id_2 
_pdbx_validate_rmsd_angle.auth_seq_id_2 
_pdbx_validate_rmsd_angle.PDB_ins_code_2 
_pdbx_validate_rmsd_angle.label_alt_id_2 
_pdbx_validate_rmsd_angle.auth_atom_id_3 
_pdbx_validate_rmsd_angle.auth_asym_id_3 
_pdbx_validate_rmsd_angle.auth_comp_id_3 
_pdbx_validate_rmsd_angle.auth_seq_id_3 
_pdbx_validate_rmsd_angle.PDB_ins_code_3 
_pdbx_validate_rmsd_angle.label_alt_id_3 
_pdbx_validate_rmsd_angle.angle_value 
_pdbx_validate_rmsd_angle.angle_target_value 
_pdbx_validate_rmsd_angle.angle_deviation 
_pdbx_validate_rmsd_angle.angle_standard_deviation 
_pdbx_validate_rmsd_angle.linker_flag 
1  1 CD1 A TRP 7   ? ? CG  A TRP 7   ? ? CD2 A TRP 7   ? ? 112.17 106.30 5.87  0.80 N 
2  1 CE2 A TRP 7   ? ? CD2 A TRP 7   ? ? CG  A TRP 7   ? ? 102.04 107.30 -5.26 0.80 N 
3  1 NE  A ARG 8   ? ? CZ  A ARG 8   ? ? NH2 A ARG 8   ? ? 116.97 120.30 -3.33 0.50 N 
4  1 CD1 A TRP 26  ? ? CG  A TRP 26  ? ? CD2 A TRP 26  ? ? 112.11 106.30 5.81  0.80 N 
5  1 CE2 A TRP 26  ? ? CD2 A TRP 26  ? ? CG  A TRP 26  ? ? 102.33 107.30 -4.97 0.80 N 
6  1 CD1 A TRP 38  ? ? CG  A TRP 38  ? ? CD2 A TRP 38  ? ? 113.39 106.30 7.09  0.80 N 
7  1 CE2 A TRP 38  ? ? CD2 A TRP 38  ? ? CG  A TRP 38  ? ? 101.15 107.30 -6.15 0.80 N 
8  1 CD1 A TRP 74  ? ? CG  A TRP 74  ? ? CD2 A TRP 74  ? ? 111.72 106.30 5.42  0.80 N 
9  1 CE2 A TRP 74  ? ? CD2 A TRP 74  ? ? CG  A TRP 74  ? ? 101.87 107.30 -5.43 0.80 N 
10 1 CD1 A TRP 123 ? ? CG  A TRP 123 ? ? CD2 A TRP 123 ? ? 112.55 106.30 6.25  0.80 N 
11 1 CE2 A TRP 123 ? ? CD2 A TRP 123 ? ? CG  A TRP 123 ? ? 101.41 107.30 -5.89 0.80 N 
12 1 CD1 A TRP 141 ? ? CG  A TRP 141 ? ? CD2 A TRP 141 ? ? 111.78 106.30 5.48  0.80 N 
13 1 CE2 A TRP 141 ? ? CD2 A TRP 141 ? ? CG  A TRP 141 ? ? 101.92 107.30 -5.38 0.80 N 
14 1 CD1 A TRP 171 ? ? CG  A TRP 171 ? ? CD2 A TRP 171 ? ? 112.97 106.30 6.67  0.80 N 
15 1 CE2 A TRP 171 ? ? CD2 A TRP 171 ? ? CG  A TRP 171 ? ? 101.27 107.30 -6.03 0.80 N 
16 1 CD1 A TRP 177 ? ? CG  A TRP 177 ? ? CD2 A TRP 177 ? ? 111.81 106.30 5.51  0.80 N 
17 1 CE2 A TRP 177 ? ? CD2 A TRP 177 ? ? CG  A TRP 177 ? ? 101.95 107.30 -5.35 0.80 N 
18 1 CD1 A TRP 181 ? ? CG  A TRP 181 ? ? CD2 A TRP 181 ? ? 112.48 106.30 6.18  0.80 N 
19 1 CE2 A TRP 181 ? ? CD2 A TRP 181 ? ? CG  A TRP 181 ? ? 101.23 107.30 -6.07 0.80 N 
20 1 NE  A ARG 188 ? ? CZ  A ARG 188 ? ? NH2 A ARG 188 ? ? 116.26 120.30 -4.04 0.50 N 
# 
loop_
_pdbx_validate_torsion.id 
_pdbx_validate_torsion.PDB_model_num 
_pdbx_validate_torsion.auth_comp_id 
_pdbx_validate_torsion.auth_asym_id 
_pdbx_validate_torsion.auth_seq_id 
_pdbx_validate_torsion.PDB_ins_code 
_pdbx_validate_torsion.label_alt_id 
_pdbx_validate_torsion.phi 
_pdbx_validate_torsion.psi 
1 1 PRO A 2   ? ? 16.07   -141.07 
2 1 ALA A 3   ? ? 27.45   -78.96  
3 1 ASP A 158 ? ? -140.66 -0.82   
4 1 THR A 178 ? ? 68.85   171.90  
# 
_pdbx_validate_peptide_omega.id               1 
_pdbx_validate_peptide_omega.PDB_model_num    1 
_pdbx_validate_peptide_omega.auth_comp_id_1   ALA 
_pdbx_validate_peptide_omega.auth_asym_id_1   A 
_pdbx_validate_peptide_omega.auth_seq_id_1    1 
_pdbx_validate_peptide_omega.PDB_ins_code_1   ? 
_pdbx_validate_peptide_omega.label_alt_id_1   ? 
_pdbx_validate_peptide_omega.auth_comp_id_2   PRO 
_pdbx_validate_peptide_omega.auth_asym_id_2   A 
_pdbx_validate_peptide_omega.auth_seq_id_2    2 
_pdbx_validate_peptide_omega.PDB_ins_code_2   ? 
_pdbx_validate_peptide_omega.label_alt_id_2   ? 
_pdbx_validate_peptide_omega.omega            -121.88 
# 
_pdbx_molecule_features.prd_id    PRD_000312 
_pdbx_molecule_features.name      Morpholino-Leu-homoPhe-FMK 
_pdbx_molecule_features.type      Peptide-like 
_pdbx_molecule_features.class     Inhibitor 
_pdbx_molecule_features.details   ? 
# 
_pdbx_molecule.instance_id   1 
_pdbx_molecule.prd_id        PRD_000312 
_pdbx_molecule.asym_id       B 
# 
loop_
_chem_comp_atom.comp_id 
_chem_comp_atom.atom_id 
_chem_comp_atom.type_symbol 
_chem_comp_atom.pdbx_aromatic_flag 
_chem_comp_atom.pdbx_stereo_config 
_chem_comp_atom.pdbx_ordinal 
0I5 O1   O N N 1   
0I5 C2   C N N 2   
0I5 C3   C N N 3   
0I5 N4   N N N 4   
0I5 C5   C N N 5   
0I5 C6   C N N 6   
0I5 C    C N N 7   
0I5 O    O N N 8   
0I5 N    N N N 9   
0I5 CA   C N S 10  
0I5 C1   C N N 11  
0I5 O2   O N N 12  
0I5 CB   C N N 13  
0I5 CG   C N N 14  
0I5 CD1  C N N 15  
0I5 CD2  C N N 16  
0I5 N1   N N N 17  
0I5 CA1  C N S 18  
0I5 C4   C N N 19  
0I5 O3   O N N 20  
0I5 CB1  C N N 21  
0I5 CG1  C N N 22  
0I5 CD   C Y N 23  
0I5 CE1  C Y N 24  
0I5 CE2  C Y N 25  
0I5 CZ1  C Y N 26  
0I5 CZ2  C Y N 27  
0I5 CH   C Y N 28  
0I5 CM   C N N 29  
0I5 H21  H N N 30  
0I5 H22  H N N 31  
0I5 H31  H N N 32  
0I5 H32  H N N 33  
0I5 H51  H N N 34  
0I5 H52  H N N 35  
0I5 H61  H N N 36  
0I5 H62  H N N 37  
0I5 H    H N N 38  
0I5 HA   H N N 39  
0I5 HB2  H N N 40  
0I5 HB3  H N N 41  
0I5 HG   H N N 42  
0I5 HD11 H N N 43  
0I5 HD12 H N N 44  
0I5 HD13 H N N 45  
0I5 HD21 H N N 46  
0I5 HD22 H N N 47  
0I5 HD23 H N N 48  
0I5 H1   H N N 49  
0I5 HA1  H N N 50  
0I5 HB1  H N N 51  
0I5 HB21 H N N 52  
0I5 HG1  H N N 53  
0I5 HG2  H N N 54  
0I5 HE1  H N N 55  
0I5 HE2  H N N 56  
0I5 HZ1  H N N 57  
0I5 HZ2  H N N 58  
0I5 HH1  H N N 59  
0I5 F1   F N N 60  
0I5 HM1  H N N 61  
0I5 HM2  H N N 62  
ALA N    N N N 63  
ALA CA   C N S 64  
ALA C    C N N 65  
ALA O    O N N 66  
ALA CB   C N N 67  
ALA OXT  O N N 68  
ALA H    H N N 69  
ALA H2   H N N 70  
ALA HA   H N N 71  
ALA HB1  H N N 72  
ALA HB2  H N N 73  
ALA HB3  H N N 74  
ALA HXT  H N N 75  
ARG N    N N N 76  
ARG CA   C N S 77  
ARG C    C N N 78  
ARG O    O N N 79  
ARG CB   C N N 80  
ARG CG   C N N 81  
ARG CD   C N N 82  
ARG NE   N N N 83  
ARG CZ   C N N 84  
ARG NH1  N N N 85  
ARG NH2  N N N 86  
ARG OXT  O N N 87  
ARG H    H N N 88  
ARG H2   H N N 89  
ARG HA   H N N 90  
ARG HB2  H N N 91  
ARG HB3  H N N 92  
ARG HG2  H N N 93  
ARG HG3  H N N 94  
ARG HD2  H N N 95  
ARG HD3  H N N 96  
ARG HE   H N N 97  
ARG HH11 H N N 98  
ARG HH12 H N N 99  
ARG HH21 H N N 100 
ARG HH22 H N N 101 
ARG HXT  H N N 102 
ASN N    N N N 103 
ASN CA   C N S 104 
ASN C    C N N 105 
ASN O    O N N 106 
ASN CB   C N N 107 
ASN CG   C N N 108 
ASN OD1  O N N 109 
ASN ND2  N N N 110 
ASN OXT  O N N 111 
ASN H    H N N 112 
ASN H2   H N N 113 
ASN HA   H N N 114 
ASN HB2  H N N 115 
ASN HB3  H N N 116 
ASN HD21 H N N 117 
ASN HD22 H N N 118 
ASN HXT  H N N 119 
ASP N    N N N 120 
ASP CA   C N S 121 
ASP C    C N N 122 
ASP O    O N N 123 
ASP CB   C N N 124 
ASP CG   C N N 125 
ASP OD1  O N N 126 
ASP OD2  O N N 127 
ASP OXT  O N N 128 
ASP H    H N N 129 
ASP H2   H N N 130 
ASP HA   H N N 131 
ASP HB2  H N N 132 
ASP HB3  H N N 133 
ASP HD2  H N N 134 
ASP HXT  H N N 135 
CYS N    N N N 136 
CYS CA   C N R 137 
CYS C    C N N 138 
CYS O    O N N 139 
CYS CB   C N N 140 
CYS SG   S N N 141 
CYS OXT  O N N 142 
CYS H    H N N 143 
CYS H2   H N N 144 
CYS HA   H N N 145 
CYS HB2  H N N 146 
CYS HB3  H N N 147 
CYS HG   H N N 148 
CYS HXT  H N N 149 
GLN N    N N N 150 
GLN CA   C N S 151 
GLN C    C N N 152 
GLN O    O N N 153 
GLN CB   C N N 154 
GLN CG   C N N 155 
GLN CD   C N N 156 
GLN OE1  O N N 157 
GLN NE2  N N N 158 
GLN OXT  O N N 159 
GLN H    H N N 160 
GLN H2   H N N 161 
GLN HA   H N N 162 
GLN HB2  H N N 163 
GLN HB3  H N N 164 
GLN HG2  H N N 165 
GLN HG3  H N N 166 
GLN HE21 H N N 167 
GLN HE22 H N N 168 
GLN HXT  H N N 169 
GLU N    N N N 170 
GLU CA   C N S 171 
GLU C    C N N 172 
GLU O    O N N 173 
GLU CB   C N N 174 
GLU CG   C N N 175 
GLU CD   C N N 176 
GLU OE1  O N N 177 
GLU OE2  O N N 178 
GLU OXT  O N N 179 
GLU H    H N N 180 
GLU H2   H N N 181 
GLU HA   H N N 182 
GLU HB2  H N N 183 
GLU HB3  H N N 184 
GLU HG2  H N N 185 
GLU HG3  H N N 186 
GLU HE2  H N N 187 
GLU HXT  H N N 188 
GLY N    N N N 189 
GLY CA   C N N 190 
GLY C    C N N 191 
GLY O    O N N 192 
GLY OXT  O N N 193 
GLY H    H N N 194 
GLY H2   H N N 195 
GLY HA2  H N N 196 
GLY HA3  H N N 197 
GLY HXT  H N N 198 
HIS N    N N N 199 
HIS CA   C N S 200 
HIS C    C N N 201 
HIS O    O N N 202 
HIS CB   C N N 203 
HIS CG   C Y N 204 
HIS ND1  N Y N 205 
HIS CD2  C Y N 206 
HIS CE1  C Y N 207 
HIS NE2  N Y N 208 
HIS OXT  O N N 209 
HIS H    H N N 210 
HIS H2   H N N 211 
HIS HA   H N N 212 
HIS HB2  H N N 213 
HIS HB3  H N N 214 
HIS HD1  H N N 215 
HIS HD2  H N N 216 
HIS HE1  H N N 217 
HIS HE2  H N N 218 
HIS HXT  H N N 219 
HOH O    O N N 220 
HOH H1   H N N 221 
HOH H2   H N N 222 
ILE N    N N N 223 
ILE CA   C N S 224 
ILE C    C N N 225 
ILE O    O N N 226 
ILE CB   C N S 227 
ILE CG1  C N N 228 
ILE CG2  C N N 229 
ILE CD1  C N N 230 
ILE OXT  O N N 231 
ILE H    H N N 232 
ILE H2   H N N 233 
ILE HA   H N N 234 
ILE HB   H N N 235 
ILE HG12 H N N 236 
ILE HG13 H N N 237 
ILE HG21 H N N 238 
ILE HG22 H N N 239 
ILE HG23 H N N 240 
ILE HD11 H N N 241 
ILE HD12 H N N 242 
ILE HD13 H N N 243 
ILE HXT  H N N 244 
LEU N    N N N 245 
LEU CA   C N S 246 
LEU C    C N N 247 
LEU O    O N N 248 
LEU CB   C N N 249 
LEU CG   C N N 250 
LEU CD1  C N N 251 
LEU CD2  C N N 252 
LEU OXT  O N N 253 
LEU H    H N N 254 
LEU H2   H N N 255 
LEU HA   H N N 256 
LEU HB2  H N N 257 
LEU HB3  H N N 258 
LEU HG   H N N 259 
LEU HD11 H N N 260 
LEU HD12 H N N 261 
LEU HD13 H N N 262 
LEU HD21 H N N 263 
LEU HD22 H N N 264 
LEU HD23 H N N 265 
LEU HXT  H N N 266 
LYS N    N N N 267 
LYS CA   C N S 268 
LYS C    C N N 269 
LYS O    O N N 270 
LYS CB   C N N 271 
LYS CG   C N N 272 
LYS CD   C N N 273 
LYS CE   C N N 274 
LYS NZ   N N N 275 
LYS OXT  O N N 276 
LYS H    H N N 277 
LYS H2   H N N 278 
LYS HA   H N N 279 
LYS HB2  H N N 280 
LYS HB3  H N N 281 
LYS HG2  H N N 282 
LYS HG3  H N N 283 
LYS HD2  H N N 284 
LYS HD3  H N N 285 
LYS HE2  H N N 286 
LYS HE3  H N N 287 
LYS HZ1  H N N 288 
LYS HZ2  H N N 289 
LYS HZ3  H N N 290 
LYS HXT  H N N 291 
MET N    N N N 292 
MET CA   C N S 293 
MET C    C N N 294 
MET O    O N N 295 
MET CB   C N N 296 
MET CG   C N N 297 
MET SD   S N N 298 
MET CE   C N N 299 
MET OXT  O N N 300 
MET H    H N N 301 
MET H2   H N N 302 
MET HA   H N N 303 
MET HB2  H N N 304 
MET HB3  H N N 305 
MET HG2  H N N 306 
MET HG3  H N N 307 
MET HE1  H N N 308 
MET HE2  H N N 309 
MET HE3  H N N 310 
MET HXT  H N N 311 
PHE N    N N N 312 
PHE CA   C N S 313 
PHE C    C N N 314 
PHE O    O N N 315 
PHE CB   C N N 316 
PHE CG   C Y N 317 
PHE CD1  C Y N 318 
PHE CD2  C Y N 319 
PHE CE1  C Y N 320 
PHE CE2  C Y N 321 
PHE CZ   C Y N 322 
PHE OXT  O N N 323 
PHE H    H N N 324 
PHE H2   H N N 325 
PHE HA   H N N 326 
PHE HB2  H N N 327 
PHE HB3  H N N 328 
PHE HD1  H N N 329 
PHE HD2  H N N 330 
PHE HE1  H N N 331 
PHE HE2  H N N 332 
PHE HZ   H N N 333 
PHE HXT  H N N 334 
PRO N    N N N 335 
PRO CA   C N S 336 
PRO C    C N N 337 
PRO O    O N N 338 
PRO CB   C N N 339 
PRO CG   C N N 340 
PRO CD   C N N 341 
PRO OXT  O N N 342 
PRO H    H N N 343 
PRO HA   H N N 344 
PRO HB2  H N N 345 
PRO HB3  H N N 346 
PRO HG2  H N N 347 
PRO HG3  H N N 348 
PRO HD2  H N N 349 
PRO HD3  H N N 350 
PRO HXT  H N N 351 
SER N    N N N 352 
SER CA   C N S 353 
SER C    C N N 354 
SER O    O N N 355 
SER CB   C N N 356 
SER OG   O N N 357 
SER OXT  O N N 358 
SER H    H N N 359 
SER H2   H N N 360 
SER HA   H N N 361 
SER HB2  H N N 362 
SER HB3  H N N 363 
SER HG   H N N 364 
SER HXT  H N N 365 
THR N    N N N 366 
THR CA   C N S 367 
THR C    C N N 368 
THR O    O N N 369 
THR CB   C N R 370 
THR OG1  O N N 371 
THR CG2  C N N 372 
THR OXT  O N N 373 
THR H    H N N 374 
THR H2   H N N 375 
THR HA   H N N 376 
THR HB   H N N 377 
THR HG1  H N N 378 
THR HG21 H N N 379 
THR HG22 H N N 380 
THR HG23 H N N 381 
THR HXT  H N N 382 
TRP N    N N N 383 
TRP CA   C N S 384 
TRP C    C N N 385 
TRP O    O N N 386 
TRP CB   C N N 387 
TRP CG   C Y N 388 
TRP CD1  C Y N 389 
TRP CD2  C Y N 390 
TRP NE1  N Y N 391 
TRP CE2  C Y N 392 
TRP CE3  C Y N 393 
TRP CZ2  C Y N 394 
TRP CZ3  C Y N 395 
TRP CH2  C Y N 396 
TRP OXT  O N N 397 
TRP H    H N N 398 
TRP H2   H N N 399 
TRP HA   H N N 400 
TRP HB2  H N N 401 
TRP HB3  H N N 402 
TRP HD1  H N N 403 
TRP HE1  H N N 404 
TRP HE3  H N N 405 
TRP HZ2  H N N 406 
TRP HZ3  H N N 407 
TRP HH2  H N N 408 
TRP HXT  H N N 409 
TYR N    N N N 410 
TYR CA   C N S 411 
TYR C    C N N 412 
TYR O    O N N 413 
TYR CB   C N N 414 
TYR CG   C Y N 415 
TYR CD1  C Y N 416 
TYR CD2  C Y N 417 
TYR CE1  C Y N 418 
TYR CE2  C Y N 419 
TYR CZ   C Y N 420 
TYR OH   O N N 421 
TYR OXT  O N N 422 
TYR H    H N N 423 
TYR H2   H N N 424 
TYR HA   H N N 425 
TYR HB2  H N N 426 
TYR HB3  H N N 427 
TYR HD1  H N N 428 
TYR HD2  H N N 429 
TYR HE1  H N N 430 
TYR HE2  H N N 431 
TYR HH   H N N 432 
TYR HXT  H N N 433 
VAL N    N N N 434 
VAL CA   C N S 435 
VAL C    C N N 436 
VAL O    O N N 437 
VAL CB   C N N 438 
VAL CG1  C N N 439 
VAL CG2  C N N 440 
VAL OXT  O N N 441 
VAL H    H N N 442 
VAL H2   H N N 443 
VAL HA   H N N 444 
VAL HB   H N N 445 
VAL HG11 H N N 446 
VAL HG12 H N N 447 
VAL HG13 H N N 448 
VAL HG21 H N N 449 
VAL HG22 H N N 450 
VAL HG23 H N N 451 
VAL HXT  H N N 452 
# 
loop_
_chem_comp_bond.comp_id 
_chem_comp_bond.atom_id_1 
_chem_comp_bond.atom_id_2 
_chem_comp_bond.value_order 
_chem_comp_bond.pdbx_aromatic_flag 
_chem_comp_bond.pdbx_stereo_config 
_chem_comp_bond.pdbx_ordinal 
0I5 O1  C2   sing N N 1   
0I5 O1  C6   sing N N 2   
0I5 C2  C3   sing N N 3   
0I5 C2  H21  sing N N 4   
0I5 C2  H22  sing N N 5   
0I5 C3  N4   sing N N 6   
0I5 C3  H31  sing N N 7   
0I5 C3  H32  sing N N 8   
0I5 N4  C5   sing N N 9   
0I5 N4  C    sing N N 10  
0I5 C5  C6   sing N N 11  
0I5 C5  H51  sing N N 12  
0I5 C5  H52  sing N N 13  
0I5 C6  H61  sing N N 14  
0I5 C6  H62  sing N N 15  
0I5 C   O    doub N N 16  
0I5 C   N    sing N N 17  
0I5 N   CA   sing N N 18  
0I5 N   H    sing N N 19  
0I5 CA  C1   sing N N 20  
0I5 CA  CB   sing N N 21  
0I5 CA  HA   sing N N 22  
0I5 C1  O2   doub N N 23  
0I5 C1  N1   sing N N 24  
0I5 CB  CG   sing N N 25  
0I5 CB  HB2  sing N N 26  
0I5 CB  HB3  sing N N 27  
0I5 CG  CD1  sing N N 28  
0I5 CG  CD2  sing N N 29  
0I5 CG  HG   sing N N 30  
0I5 CD1 HD11 sing N N 31  
0I5 CD1 HD12 sing N N 32  
0I5 CD1 HD13 sing N N 33  
0I5 CD2 HD21 sing N N 34  
0I5 CD2 HD22 sing N N 35  
0I5 CD2 HD23 sing N N 36  
0I5 N1  CA1  sing N N 37  
0I5 N1  H1   sing N N 38  
0I5 CA1 C4   sing N N 39  
0I5 CA1 CB1  sing N N 40  
0I5 CA1 HA1  sing N N 41  
0I5 C4  O3   doub N N 42  
0I5 C4  CM   sing N N 43  
0I5 CB1 CG1  sing N N 44  
0I5 CB1 HB1  sing N N 45  
0I5 CB1 HB21 sing N N 46  
0I5 CG1 CD   sing N N 47  
0I5 CG1 HG1  sing N N 48  
0I5 CG1 HG2  sing N N 49  
0I5 CD  CE1  doub Y N 50  
0I5 CD  CE2  sing Y N 51  
0I5 CE1 CZ1  sing Y N 52  
0I5 CE1 HE1  sing N N 53  
0I5 CE2 CZ2  doub Y N 54  
0I5 CE2 HE2  sing N N 55  
0I5 CZ1 CH   doub Y N 56  
0I5 CZ1 HZ1  sing N N 57  
0I5 CZ2 CH   sing Y N 58  
0I5 CZ2 HZ2  sing N N 59  
0I5 CH  HH1  sing N N 60  
0I5 CM  F1   sing N N 61  
0I5 CM  HM1  sing N N 62  
0I5 CM  HM2  sing N N 63  
ALA N   CA   sing N N 64  
ALA N   H    sing N N 65  
ALA N   H2   sing N N 66  
ALA CA  C    sing N N 67  
ALA CA  CB   sing N N 68  
ALA CA  HA   sing N N 69  
ALA C   O    doub N N 70  
ALA C   OXT  sing N N 71  
ALA CB  HB1  sing N N 72  
ALA CB  HB2  sing N N 73  
ALA CB  HB3  sing N N 74  
ALA OXT HXT  sing N N 75  
ARG N   CA   sing N N 76  
ARG N   H    sing N N 77  
ARG N   H2   sing N N 78  
ARG CA  C    sing N N 79  
ARG CA  CB   sing N N 80  
ARG CA  HA   sing N N 81  
ARG C   O    doub N N 82  
ARG C   OXT  sing N N 83  
ARG CB  CG   sing N N 84  
ARG CB  HB2  sing N N 85  
ARG CB  HB3  sing N N 86  
ARG CG  CD   sing N N 87  
ARG CG  HG2  sing N N 88  
ARG CG  HG3  sing N N 89  
ARG CD  NE   sing N N 90  
ARG CD  HD2  sing N N 91  
ARG CD  HD3  sing N N 92  
ARG NE  CZ   sing N N 93  
ARG NE  HE   sing N N 94  
ARG CZ  NH1  sing N N 95  
ARG CZ  NH2  doub N N 96  
ARG NH1 HH11 sing N N 97  
ARG NH1 HH12 sing N N 98  
ARG NH2 HH21 sing N N 99  
ARG NH2 HH22 sing N N 100 
ARG OXT HXT  sing N N 101 
ASN N   CA   sing N N 102 
ASN N   H    sing N N 103 
ASN N   H2   sing N N 104 
ASN CA  C    sing N N 105 
ASN CA  CB   sing N N 106 
ASN CA  HA   sing N N 107 
ASN C   O    doub N N 108 
ASN C   OXT  sing N N 109 
ASN CB  CG   sing N N 110 
ASN CB  HB2  sing N N 111 
ASN CB  HB3  sing N N 112 
ASN CG  OD1  doub N N 113 
ASN CG  ND2  sing N N 114 
ASN ND2 HD21 sing N N 115 
ASN ND2 HD22 sing N N 116 
ASN OXT HXT  sing N N 117 
ASP N   CA   sing N N 118 
ASP N   H    sing N N 119 
ASP N   H2   sing N N 120 
ASP CA  C    sing N N 121 
ASP CA  CB   sing N N 122 
ASP CA  HA   sing N N 123 
ASP C   O    doub N N 124 
ASP C   OXT  sing N N 125 
ASP CB  CG   sing N N 126 
ASP CB  HB2  sing N N 127 
ASP CB  HB3  sing N N 128 
ASP CG  OD1  doub N N 129 
ASP CG  OD2  sing N N 130 
ASP OD2 HD2  sing N N 131 
ASP OXT HXT  sing N N 132 
CYS N   CA   sing N N 133 
CYS N   H    sing N N 134 
CYS N   H2   sing N N 135 
CYS CA  C    sing N N 136 
CYS CA  CB   sing N N 137 
CYS CA  HA   sing N N 138 
CYS C   O    doub N N 139 
CYS C   OXT  sing N N 140 
CYS CB  SG   sing N N 141 
CYS CB  HB2  sing N N 142 
CYS CB  HB3  sing N N 143 
CYS SG  HG   sing N N 144 
CYS OXT HXT  sing N N 145 
GLN N   CA   sing N N 146 
GLN N   H    sing N N 147 
GLN N   H2   sing N N 148 
GLN CA  C    sing N N 149 
GLN CA  CB   sing N N 150 
GLN CA  HA   sing N N 151 
GLN C   O    doub N N 152 
GLN C   OXT  sing N N 153 
GLN CB  CG   sing N N 154 
GLN CB  HB2  sing N N 155 
GLN CB  HB3  sing N N 156 
GLN CG  CD   sing N N 157 
GLN CG  HG2  sing N N 158 
GLN CG  HG3  sing N N 159 
GLN CD  OE1  doub N N 160 
GLN CD  NE2  sing N N 161 
GLN NE2 HE21 sing N N 162 
GLN NE2 HE22 sing N N 163 
GLN OXT HXT  sing N N 164 
GLU N   CA   sing N N 165 
GLU N   H    sing N N 166 
GLU N   H2   sing N N 167 
GLU CA  C    sing N N 168 
GLU CA  CB   sing N N 169 
GLU CA  HA   sing N N 170 
GLU C   O    doub N N 171 
GLU C   OXT  sing N N 172 
GLU CB  CG   sing N N 173 
GLU CB  HB2  sing N N 174 
GLU CB  HB3  sing N N 175 
GLU CG  CD   sing N N 176 
GLU CG  HG2  sing N N 177 
GLU CG  HG3  sing N N 178 
GLU CD  OE1  doub N N 179 
GLU CD  OE2  sing N N 180 
GLU OE2 HE2  sing N N 181 
GLU OXT HXT  sing N N 182 
GLY N   CA   sing N N 183 
GLY N   H    sing N N 184 
GLY N   H2   sing N N 185 
GLY CA  C    sing N N 186 
GLY CA  HA2  sing N N 187 
GLY CA  HA3  sing N N 188 
GLY C   O    doub N N 189 
GLY C   OXT  sing N N 190 
GLY OXT HXT  sing N N 191 
HIS N   CA   sing N N 192 
HIS N   H    sing N N 193 
HIS N   H2   sing N N 194 
HIS CA  C    sing N N 195 
HIS CA  CB   sing N N 196 
HIS CA  HA   sing N N 197 
HIS C   O    doub N N 198 
HIS C   OXT  sing N N 199 
HIS CB  CG   sing N N 200 
HIS CB  HB2  sing N N 201 
HIS CB  HB3  sing N N 202 
HIS CG  ND1  sing Y N 203 
HIS CG  CD2  doub Y N 204 
HIS ND1 CE1  doub Y N 205 
HIS ND1 HD1  sing N N 206 
HIS CD2 NE2  sing Y N 207 
HIS CD2 HD2  sing N N 208 
HIS CE1 NE2  sing Y N 209 
HIS CE1 HE1  sing N N 210 
HIS NE2 HE2  sing N N 211 
HIS OXT HXT  sing N N 212 
HOH O   H1   sing N N 213 
HOH O   H2   sing N N 214 
ILE N   CA   sing N N 215 
ILE N   H    sing N N 216 
ILE N   H2   sing N N 217 
ILE CA  C    sing N N 218 
ILE CA  CB   sing N N 219 
ILE CA  HA   sing N N 220 
ILE C   O    doub N N 221 
ILE C   OXT  sing N N 222 
ILE CB  CG1  sing N N 223 
ILE CB  CG2  sing N N 224 
ILE CB  HB   sing N N 225 
ILE CG1 CD1  sing N N 226 
ILE CG1 HG12 sing N N 227 
ILE CG1 HG13 sing N N 228 
ILE CG2 HG21 sing N N 229 
ILE CG2 HG22 sing N N 230 
ILE CG2 HG23 sing N N 231 
ILE CD1 HD11 sing N N 232 
ILE CD1 HD12 sing N N 233 
ILE CD1 HD13 sing N N 234 
ILE OXT HXT  sing N N 235 
LEU N   CA   sing N N 236 
LEU N   H    sing N N 237 
LEU N   H2   sing N N 238 
LEU CA  C    sing N N 239 
LEU CA  CB   sing N N 240 
LEU CA  HA   sing N N 241 
LEU C   O    doub N N 242 
LEU C   OXT  sing N N 243 
LEU CB  CG   sing N N 244 
LEU CB  HB2  sing N N 245 
LEU CB  HB3  sing N N 246 
LEU CG  CD1  sing N N 247 
LEU CG  CD2  sing N N 248 
LEU CG  HG   sing N N 249 
LEU CD1 HD11 sing N N 250 
LEU CD1 HD12 sing N N 251 
LEU CD1 HD13 sing N N 252 
LEU CD2 HD21 sing N N 253 
LEU CD2 HD22 sing N N 254 
LEU CD2 HD23 sing N N 255 
LEU OXT HXT  sing N N 256 
LYS N   CA   sing N N 257 
LYS N   H    sing N N 258 
LYS N   H2   sing N N 259 
LYS CA  C    sing N N 260 
LYS CA  CB   sing N N 261 
LYS CA  HA   sing N N 262 
LYS C   O    doub N N 263 
LYS C   OXT  sing N N 264 
LYS CB  CG   sing N N 265 
LYS CB  HB2  sing N N 266 
LYS CB  HB3  sing N N 267 
LYS CG  CD   sing N N 268 
LYS CG  HG2  sing N N 269 
LYS CG  HG3  sing N N 270 
LYS CD  CE   sing N N 271 
LYS CD  HD2  sing N N 272 
LYS CD  HD3  sing N N 273 
LYS CE  NZ   sing N N 274 
LYS CE  HE2  sing N N 275 
LYS CE  HE3  sing N N 276 
LYS NZ  HZ1  sing N N 277 
LYS NZ  HZ2  sing N N 278 
LYS NZ  HZ3  sing N N 279 
LYS OXT HXT  sing N N 280 
MET N   CA   sing N N 281 
MET N   H    sing N N 282 
MET N   H2   sing N N 283 
MET CA  C    sing N N 284 
MET CA  CB   sing N N 285 
MET CA  HA   sing N N 286 
MET C   O    doub N N 287 
MET C   OXT  sing N N 288 
MET CB  CG   sing N N 289 
MET CB  HB2  sing N N 290 
MET CB  HB3  sing N N 291 
MET CG  SD   sing N N 292 
MET CG  HG2  sing N N 293 
MET CG  HG3  sing N N 294 
MET SD  CE   sing N N 295 
MET CE  HE1  sing N N 296 
MET CE  HE2  sing N N 297 
MET CE  HE3  sing N N 298 
MET OXT HXT  sing N N 299 
PHE N   CA   sing N N 300 
PHE N   H    sing N N 301 
PHE N   H2   sing N N 302 
PHE CA  C    sing N N 303 
PHE CA  CB   sing N N 304 
PHE CA  HA   sing N N 305 
PHE C   O    doub N N 306 
PHE C   OXT  sing N N 307 
PHE CB  CG   sing N N 308 
PHE CB  HB2  sing N N 309 
PHE CB  HB3  sing N N 310 
PHE CG  CD1  doub Y N 311 
PHE CG  CD2  sing Y N 312 
PHE CD1 CE1  sing Y N 313 
PHE CD1 HD1  sing N N 314 
PHE CD2 CE2  doub Y N 315 
PHE CD2 HD2  sing N N 316 
PHE CE1 CZ   doub Y N 317 
PHE CE1 HE1  sing N N 318 
PHE CE2 CZ   sing Y N 319 
PHE CE2 HE2  sing N N 320 
PHE CZ  HZ   sing N N 321 
PHE OXT HXT  sing N N 322 
PRO N   CA   sing N N 323 
PRO N   CD   sing N N 324 
PRO N   H    sing N N 325 
PRO CA  C    sing N N 326 
PRO CA  CB   sing N N 327 
PRO CA  HA   sing N N 328 
PRO C   O    doub N N 329 
PRO C   OXT  sing N N 330 
PRO CB  CG   sing N N 331 
PRO CB  HB2  sing N N 332 
PRO CB  HB3  sing N N 333 
PRO CG  CD   sing N N 334 
PRO CG  HG2  sing N N 335 
PRO CG  HG3  sing N N 336 
PRO CD  HD2  sing N N 337 
PRO CD  HD3  sing N N 338 
PRO OXT HXT  sing N N 339 
SER N   CA   sing N N 340 
SER N   H    sing N N 341 
SER N   H2   sing N N 342 
SER CA  C    sing N N 343 
SER CA  CB   sing N N 344 
SER CA  HA   sing N N 345 
SER C   O    doub N N 346 
SER C   OXT  sing N N 347 
SER CB  OG   sing N N 348 
SER CB  HB2  sing N N 349 
SER CB  HB3  sing N N 350 
SER OG  HG   sing N N 351 
SER OXT HXT  sing N N 352 
THR N   CA   sing N N 353 
THR N   H    sing N N 354 
THR N   H2   sing N N 355 
THR CA  C    sing N N 356 
THR CA  CB   sing N N 357 
THR CA  HA   sing N N 358 
THR C   O    doub N N 359 
THR C   OXT  sing N N 360 
THR CB  OG1  sing N N 361 
THR CB  CG2  sing N N 362 
THR CB  HB   sing N N 363 
THR OG1 HG1  sing N N 364 
THR CG2 HG21 sing N N 365 
THR CG2 HG22 sing N N 366 
THR CG2 HG23 sing N N 367 
THR OXT HXT  sing N N 368 
TRP N   CA   sing N N 369 
TRP N   H    sing N N 370 
TRP N   H2   sing N N 371 
TRP CA  C    sing N N 372 
TRP CA  CB   sing N N 373 
TRP CA  HA   sing N N 374 
TRP C   O    doub N N 375 
TRP C   OXT  sing N N 376 
TRP CB  CG   sing N N 377 
TRP CB  HB2  sing N N 378 
TRP CB  HB3  sing N N 379 
TRP CG  CD1  doub Y N 380 
TRP CG  CD2  sing Y N 381 
TRP CD1 NE1  sing Y N 382 
TRP CD1 HD1  sing N N 383 
TRP CD2 CE2  doub Y N 384 
TRP CD2 CE3  sing Y N 385 
TRP NE1 CE2  sing Y N 386 
TRP NE1 HE1  sing N N 387 
TRP CE2 CZ2  sing Y N 388 
TRP CE3 CZ3  doub Y N 389 
TRP CE3 HE3  sing N N 390 
TRP CZ2 CH2  doub Y N 391 
TRP CZ2 HZ2  sing N N 392 
TRP CZ3 CH2  sing Y N 393 
TRP CZ3 HZ3  sing N N 394 
TRP CH2 HH2  sing N N 395 
TRP OXT HXT  sing N N 396 
TYR N   CA   sing N N 397 
TYR N   H    sing N N 398 
TYR N   H2   sing N N 399 
TYR CA  C    sing N N 400 
TYR CA  CB   sing N N 401 
TYR CA  HA   sing N N 402 
TYR C   O    doub N N 403 
TYR C   OXT  sing N N 404 
TYR CB  CG   sing N N 405 
TYR CB  HB2  sing N N 406 
TYR CB  HB3  sing N N 407 
TYR CG  CD1  doub Y N 408 
TYR CG  CD2  sing Y N 409 
TYR CD1 CE1  sing Y N 410 
TYR CD1 HD1  sing N N 411 
TYR CD2 CE2  doub Y N 412 
TYR CD2 HD2  sing N N 413 
TYR CE1 CZ   doub Y N 414 
TYR CE1 HE1  sing N N 415 
TYR CE2 CZ   sing Y N 416 
TYR CE2 HE2  sing N N 417 
TYR CZ  OH   sing N N 418 
TYR OH  HH   sing N N 419 
TYR OXT HXT  sing N N 420 
VAL N   CA   sing N N 421 
VAL N   H    sing N N 422 
VAL N   H2   sing N N 423 
VAL CA  C    sing N N 424 
VAL CA  CB   sing N N 425 
VAL CA  HA   sing N N 426 
VAL C   O    doub N N 427 
VAL C   OXT  sing N N 428 
VAL CB  CG1  sing N N 429 
VAL CB  CG2  sing N N 430 
VAL CB  HB   sing N N 431 
VAL CG1 HG11 sing N N 432 
VAL CG1 HG12 sing N N 433 
VAL CG1 HG13 sing N N 434 
VAL CG2 HG21 sing N N 435 
VAL CG2 HG22 sing N N 436 
VAL CG2 HG23 sing N N 437 
VAL OXT HXT  sing N N 438 
# 
_atom_sites.entry_id                    1EWP 
_atom_sites.fract_transf_matrix[1][1]   -0.02187828 
_atom_sites.fract_transf_matrix[1][2]   0.00924821 
_atom_sites.fract_transf_matrix[1][3]   0.00873891 
_atom_sites.fract_transf_matrix[2][1]   -0.00969562 
_atom_sites.fract_transf_matrix[2][2]   -0.01095288 
_atom_sites.fract_transf_matrix[2][3]   -0.01268223 
_atom_sites.fract_transf_matrix[3][1]   -0.00978078 
_atom_sites.fract_transf_matrix[3][2]   -0.01260895 
_atom_sites.fract_transf_matrix[3][3]   0.01836705 
_atom_sites.fract_transf_vector[1]      0.258038 
_atom_sites.fract_transf_vector[2]      0.005327 
_atom_sites.fract_transf_vector[3]      0.209806 
# 
loop_
_atom_type.symbol 
C 
N 
O 
S 
# 
loop_
_atom_site.group_PDB 
_atom_site.id 
_atom_site.type_symbol 
_atom_site.label_atom_id 
_atom_site.label_alt_id 
_atom_site.label_comp_id 
_atom_site.label_asym_id 
_atom_site.label_entity_id 
_atom_site.label_seq_id 
_atom_site.pdbx_PDB_ins_code 
_atom_site.Cartn_x 
_atom_site.Cartn_y 
_atom_site.Cartn_z 
_atom_site.occupancy 
_atom_site.B_iso_or_equiv 
_atom_site.pdbx_formal_charge 
_atom_site.auth_seq_id 
_atom_site.auth_comp_id 
_atom_site.auth_asym_id 
_atom_site.auth_atom_id 
_atom_site.pdbx_PDB_model_num 
ATOM   1    N N   . ALA A 1 1   ? 10.728  1.938   17.314  1.00 38.96 ? 1   ALA A N   1 
ATOM   2    C CA  . ALA A 1 1   ? 12.043  1.866   16.711  1.00 38.25 ? 1   ALA A CA  1 
ATOM   3    C C   . ALA A 1 1   ? 12.641  0.989   17.778  1.00 37.47 ? 1   ALA A C   1 
ATOM   4    O O   . ALA A 1 1   ? 12.366  1.221   18.960  1.00 38.06 ? 1   ALA A O   1 
ATOM   5    C CB  . ALA A 1 1   ? 12.743  3.213   16.715  1.00 39.61 ? 1   ALA A CB  1 
ATOM   6    N N   . PRO A 1 2   ? 13.288  -0.106  17.423  1.00 36.66 ? 2   PRO A N   1 
ATOM   7    C CA  . PRO A 1 2   ? 12.889  -1.427  17.898  1.00 35.55 ? 2   PRO A CA  1 
ATOM   8    C C   . PRO A 1 2   ? 11.478  -1.543  18.509  1.00 32.68 ? 2   PRO A C   1 
ATOM   9    O O   . PRO A 1 2   ? 10.579  -0.844  18.040  1.00 33.59 ? 2   PRO A O   1 
ATOM   10   C CB  . PRO A 1 2   ? 14.091  -1.702  18.785  1.00 36.24 ? 2   PRO A CB  1 
ATOM   11   C CG  . PRO A 1 2   ? 15.232  -1.318  17.845  1.00 37.33 ? 2   PRO A CG  1 
ATOM   12   C CD  . PRO A 1 2   ? 14.698  -0.127  17.052  1.00 37.01 ? 2   PRO A CD  1 
ATOM   13   N N   . ALA A 1 3   ? 11.265  -2.313  19.578  1.00 30.52 ? 3   ALA A N   1 
ATOM   14   C CA  . ALA A 1 3   ? 9.982   -2.588  20.218  1.00 26.55 ? 3   ALA A CA  1 
ATOM   15   C C   . ALA A 1 3   ? 8.682   -2.537  19.403  1.00 23.92 ? 3   ALA A C   1 
ATOM   16   O O   . ALA A 1 3   ? 8.197   -3.588  19.002  1.00 22.25 ? 3   ALA A O   1 
ATOM   17   C CB  . ALA A 1 3   ? 9.811   -1.660  21.418  1.00 28.02 ? 3   ALA A CB  1 
ATOM   18   N N   . ALA A 1 4   ? 8.089   -1.385  19.095  1.00 21.30 ? 4   ALA A N   1 
ATOM   19   C CA  . ALA A 1 4   ? 6.813   -1.292  18.406  1.00 18.36 ? 4   ALA A CA  1 
ATOM   20   C C   . ALA A 1 4   ? 6.733   0.079   17.746  1.00 17.06 ? 4   ALA A C   1 
ATOM   21   O O   . ALA A 1 4   ? 7.243   1.065   18.295  1.00 16.42 ? 4   ALA A O   1 
ATOM   22   C CB  . ALA A 1 4   ? 5.661   -1.416  19.400  1.00 17.23 ? 4   ALA A CB  1 
ATOM   23   N N   . VAL A 1 5   ? 6.191   0.173   16.533  1.00 15.25 ? 5   VAL A N   1 
ATOM   24   C CA  . VAL A 1 5   ? 5.979   1.430   15.818  1.00 13.43 ? 5   VAL A CA  1 
ATOM   25   C C   . VAL A 1 5   ? 4.597   1.252   15.199  1.00 12.62 ? 5   VAL A C   1 
ATOM   26   O O   . VAL A 1 5   ? 4.305   0.171   14.677  1.00 12.03 ? 5   VAL A O   1 
ATOM   27   C CB  . VAL A 1 5   ? 6.978   1.668   14.649  1.00 14.26 ? 5   VAL A CB  1 
ATOM   28   C CG1 . VAL A 1 5   ? 6.690   3.033   14.050  1.00 13.28 ? 5   VAL A CG1 1 
ATOM   29   C CG2 . VAL A 1 5   ? 8.422   1.701   15.118  1.00 14.18 ? 5   VAL A CG2 1 
ATOM   30   N N   . ASP A 1 6   ? 3.717   2.243   15.269  1.00 11.49 ? 6   ASP A N   1 
ATOM   31   C CA  . ASP A 1 6   ? 2.420   2.168   14.622  1.00 11.13 ? 6   ASP A CA  1 
ATOM   32   C C   . ASP A 1 6   ? 2.263   3.544   14.009  1.00 10.38 ? 6   ASP A C   1 
ATOM   33   O O   . ASP A 1 6   ? 2.014   4.531   14.712  1.00 10.31 ? 6   ASP A O   1 
ATOM   34   C CB  . ASP A 1 6   ? 1.261   1.922   15.613  1.00 11.39 ? 6   ASP A CB  1 
ATOM   35   C CG  . ASP A 1 6   ? -0.118  1.788   14.964  1.00 12.51 ? 6   ASP A CG  1 
ATOM   36   O OD1 . ASP A 1 6   ? -0.309  2.088   13.787  1.00 12.95 ? 6   ASP A OD1 1 
ATOM   37   O OD2 . ASP A 1 6   ? -1.061  1.365   15.620  1.00 14.14 ? 6   ASP A OD2 1 
ATOM   38   N N   . TRP A 1 7   ? 2.419   3.645   12.691  1.00 10.39 ? 7   TRP A N   1 
ATOM   39   C CA  . TRP A 1 7   ? 2.346   4.936   12.024  1.00 9.36  ? 7   TRP A CA  1 
ATOM   40   C C   . TRP A 1 7   ? 0.936   5.501   11.991  1.00 9.31  ? 7   TRP A C   1 
ATOM   41   O O   . TRP A 1 7   ? 0.774   6.708   11.780  1.00 9.75  ? 7   TRP A O   1 
ATOM   42   C CB  . TRP A 1 7   ? 2.943   4.791   10.615  1.00 9.44  ? 7   TRP A CB  1 
ATOM   43   C CG  . TRP A 1 7   ? 4.482   4.732   10.650  1.00 8.95  ? 7   TRP A CG  1 
ATOM   44   C CD1 . TRP A 1 7   ? 5.149   3.563   10.411  1.00 8.50  ? 7   TRP A CD1 1 
ATOM   45   C CD2 . TRP A 1 7   ? 5.341   5.775   10.924  1.00 10.10 ? 7   TRP A CD2 1 
ATOM   46   N NE1 . TRP A 1 7   ? 6.420   3.861   10.533  1.00 9.33  ? 7   TRP A NE1 1 
ATOM   47   C CE2 . TRP A 1 7   ? 6.590   5.153   10.839  1.00 9.46  ? 7   TRP A CE2 1 
ATOM   48   C CE3 . TRP A 1 7   ? 5.268   7.145   11.230  1.00 11.31 ? 7   TRP A CE3 1 
ATOM   49   C CZ2 . TRP A 1 7   ? 7.774   5.877   11.055  1.00 10.16 ? 7   TRP A CZ2 1 
ATOM   50   C CZ3 . TRP A 1 7   ? 6.452   7.873   11.449  1.00 10.36 ? 7   TRP A CZ3 1 
ATOM   51   C CH2 . TRP A 1 7   ? 7.703   7.242   11.363  1.00 9.69  ? 7   TRP A CH2 1 
ATOM   52   N N   . ARG A 1 8   ? -0.118  4.727   12.263  1.00 8.94  ? 8   ARG A N   1 
ATOM   53   C CA  . ARG A 1 8   ? -1.469  5.284   12.355  1.00 10.81 ? 8   ARG A CA  1 
ATOM   54   C C   . ARG A 1 8   ? -1.530  6.182   13.588  1.00 11.28 ? 8   ARG A C   1 
ATOM   55   O O   . ARG A 1 8   ? -2.208  7.209   13.570  1.00 13.38 ? 8   ARG A O   1 
ATOM   56   C CB  . ARG A 1 8   ? -2.542  4.216   12.541  1.00 10.92 ? 8   ARG A CB  1 
ATOM   57   C CG  . ARG A 1 8   ? -2.666  3.188   11.418  1.00 10.84 ? 8   ARG A CG  1 
ATOM   58   C CD  . ARG A 1 8   ? -3.557  2.026   11.857  1.00 10.78 ? 8   ARG A CD  1 
ATOM   59   N NE  . ARG A 1 8   ? -2.989  1.284   12.976  1.00 11.79 ? 8   ARG A NE  1 
ATOM   60   C CZ  . ARG A 1 8   ? -3.554  0.195   13.506  1.00 12.42 ? 8   ARG A CZ  1 
ATOM   61   N NH1 . ARG A 1 8   ? -4.714  -0.306  13.015  1.00 12.91 ? 8   ARG A NH1 1 
ATOM   62   N NH2 . ARG A 1 8   ? -2.942  -0.354  14.549  1.00 13.27 ? 8   ARG A NH2 1 
ATOM   63   N N   . ALA A 1 9   ? -0.805  5.856   14.658  1.00 11.08 ? 9   ALA A N   1 
ATOM   64   C CA  . ALA A 1 9   ? -0.775  6.658   15.875  1.00 12.67 ? 9   ALA A CA  1 
ATOM   65   C C   . ALA A 1 9   ? 0.159   7.867   15.790  1.00 13.99 ? 9   ALA A C   1 
ATOM   66   O O   . ALA A 1 9   ? 0.430   8.538   16.786  1.00 14.14 ? 9   ALA A O   1 
ATOM   67   C CB  . ALA A 1 9   ? -0.320  5.806   17.064  1.00 11.50 ? 9   ALA A CB  1 
ATOM   68   N N   . ARG A 1 10  ? 0.717   8.105   14.607  1.00 15.06 ? 10  ARG A N   1 
ATOM   69   C CA  . ARG A 1 10  ? 1.620   9.205   14.321  1.00 17.15 ? 10  ARG A CA  1 
ATOM   70   C C   . ARG A 1 10  ? 0.978   10.134  13.300  1.00 15.58 ? 10  ARG A C   1 
ATOM   71   O O   . ARG A 1 10  ? 1.674   10.958  12.703  1.00 14.75 ? 10  ARG A O   1 
ATOM   72   C CB  . ARG A 1 10  ? 2.894   8.675   13.727  1.00 21.77 ? 10  ARG A CB  1 
ATOM   73   C CG  . ARG A 1 10  ? 4.177   9.101   14.375  1.00 28.54 ? 10  ARG A CG  1 
ATOM   74   C CD  . ARG A 1 10  ? 4.440   8.041   15.385  1.00 32.42 ? 10  ARG A CD  1 
ATOM   75   N NE  . ARG A 1 10  ? 5.866   7.775   15.468  1.00 37.75 ? 10  ARG A NE  1 
ATOM   76   C CZ  . ARG A 1 10  ? 6.307   6.595   15.927  1.00 41.30 ? 10  ARG A CZ  1 
ATOM   77   N NH1 . ARG A 1 10  ? 5.423   5.642   16.284  1.00 43.71 ? 10  ARG A NH1 1 
ATOM   78   N NH2 . ARG A 1 10  ? 7.622   6.374   16.032  1.00 42.40 ? 10  ARG A NH2 1 
ATOM   79   N N   . GLY A 1 11  ? -0.314  9.980   13.011  1.00 14.28 ? 11  GLY A N   1 
ATOM   80   C CA  . GLY A 1 11  ? -1.006  10.839  12.062  1.00 13.77 ? 11  GLY A CA  1 
ATOM   81   C C   . GLY A 1 11  ? -0.562  10.686  10.619  1.00 12.59 ? 11  GLY A C   1 
ATOM   82   O O   . GLY A 1 11  ? -0.875  11.540  9.786   1.00 13.25 ? 11  GLY A O   1 
ATOM   83   N N   . ALA A 1 12  ? 0.071   9.562   10.285  1.00 10.97 ? 12  ALA A N   1 
ATOM   84   C CA  . ALA A 1 12  ? 0.664   9.377   8.977   1.00 9.58  ? 12  ALA A CA  1 
ATOM   85   C C   . ALA A 1 12  ? -0.108  8.546   7.962   1.00 9.54  ? 12  ALA A C   1 
ATOM   86   O O   . ALA A 1 12  ? 0.383   8.363   6.842   1.00 10.40 ? 12  ALA A O   1 
ATOM   87   C CB  . ALA A 1 12  ? 2.043   8.743   9.153   1.00 11.40 ? 12  ALA A CB  1 
ATOM   88   N N   . VAL A 1 13  ? -1.280  8.029   8.313   1.00 8.17  ? 13  VAL A N   1 
ATOM   89   C CA  . VAL A 1 13  ? -1.999  7.085   7.458   1.00 9.04  ? 13  VAL A CA  1 
ATOM   90   C C   . VAL A 1 13  ? -3.421  7.597   7.204   1.00 8.79  ? 13  VAL A C   1 
ATOM   91   O O   . VAL A 1 13  ? -4.102  8.031   8.144   1.00 8.86  ? 13  VAL A O   1 
ATOM   92   C CB  . VAL A 1 13  ? -2.031  5.651   8.147   1.00 9.59  ? 13  VAL A CB  1 
ATOM   93   C CG1 . VAL A 1 13  ? -2.711  4.630   7.206   1.00 8.76  ? 13  VAL A CG1 1 
ATOM   94   C CG2 . VAL A 1 13  ? -0.603  5.155   8.455   1.00 9.73  ? 13  VAL A CG2 1 
ATOM   95   N N   . THR A 1 14  ? -3.890  7.558   5.954   1.00 9.09  ? 14  THR A N   1 
ATOM   96   C CA  . THR A 1 14  ? -5.253  7.960   5.604   1.00 9.51  ? 14  THR A CA  1 
ATOM   97   C C   . THR A 1 14  ? -6.248  6.845   5.936   1.00 10.40 ? 14  THR A C   1 
ATOM   98   O O   . THR A 1 14  ? -5.842  5.691   6.151   1.00 11.30 ? 14  THR A O   1 
ATOM   99   C CB  . THR A 1 14  ? -5.314  8.303   4.089   1.00 9.34  ? 14  THR A CB  1 
ATOM   100  O OG1 . THR A 1 14  ? -4.988  7.097   3.395   1.00 8.45  ? 14  THR A OG1 1 
ATOM   101  C CG2 . THR A 1 14  ? -4.402  9.466   3.700   1.00 7.15  ? 14  THR A CG2 1 
ATOM   102  N N   . ALA A 1 15  ? -7.541  7.136   5.816   1.00 9.85  ? 15  ALA A N   1 
ATOM   103  C CA  . ALA A 1 15  ? -8.605  6.188   6.061   1.00 9.25  ? 15  ALA A CA  1 
ATOM   104  C C   . ALA A 1 15  ? -8.573  5.023   5.081   1.00 9.55  ? 15  ALA A C   1 
ATOM   105  O O   . ALA A 1 15  ? -7.957  5.094   4.009   1.00 9.95  ? 15  ALA A O   1 
ATOM   106  C CB  . ALA A 1 15  ? -9.941  6.896   5.934   1.00 10.45 ? 15  ALA A CB  1 
ATOM   107  N N   . VAL A 1 16  ? -9.125  3.892   5.524   1.00 9.70  ? 16  VAL A N   1 
ATOM   108  C CA  . VAL A 1 16  ? -9.262  2.694   4.686   1.00 9.23  ? 16  VAL A CA  1 
ATOM   109  C C   . VAL A 1 16  ? -10.204 2.979   3.516   1.00 8.51  ? 16  VAL A C   1 
ATOM   110  O O   . VAL A 1 16  ? -11.277 3.573   3.694   1.00 8.39  ? 16  VAL A O   1 
ATOM   111  C CB  . VAL A 1 16  ? -9.814  1.517   5.544   1.00 8.37  ? 16  VAL A CB  1 
ATOM   112  C CG1 . VAL A 1 16  ? -10.133 0.288   4.708   1.00 9.08  ? 16  VAL A CG1 1 
ATOM   113  C CG2 . VAL A 1 16  ? -8.746  1.131   6.552   1.00 9.00  ? 16  VAL A CG2 1 
ATOM   114  N N   . LYS A 1 17  ? -9.820  2.543   2.328   1.00 9.08  ? 17  LYS A N   1 
ATOM   115  C CA  . LYS A 1 17  ? -10.601 2.768   1.127   1.00 9.39  ? 17  LYS A CA  1 
ATOM   116  C C   . LYS A 1 17  ? -11.176 1.427   0.630   1.00 10.40 ? 17  LYS A C   1 
ATOM   117  O O   . LYS A 1 17  ? -11.094 0.374   1.294   1.00 10.30 ? 17  LYS A O   1 
ATOM   118  C CB  . LYS A 1 17  ? -9.675  3.442   0.103   1.00 9.29  ? 17  LYS A CB  1 
ATOM   119  C CG  . LYS A 1 17  ? -8.971  4.739   0.554   1.00 9.14  ? 17  LYS A CG  1 
ATOM   120  C CD  . LYS A 1 17  ? -8.089  5.274   -0.565  1.00 8.15  ? 17  LYS A CD  1 
ATOM   121  C CE  . LYS A 1 17  ? -7.241  6.480   -0.170  1.00 9.32  ? 17  LYS A CE  1 
ATOM   122  N NZ  . LYS A 1 17  ? -6.636  7.132   -1.329  1.00 7.86  ? 17  LYS A NZ  1 
ATOM   123  N N   . ASP A 1 18  ? -11.796 1.468   -0.550  1.00 10.48 ? 18  ASP A N   1 
ATOM   124  C CA  . ASP A 1 18  ? -12.479 0.329   -1.134  1.00 10.51 ? 18  ASP A CA  1 
ATOM   125  C C   . ASP A 1 18  ? -12.148 0.176   -2.616  1.00 10.45 ? 18  ASP A C   1 
ATOM   126  O O   . ASP A 1 18  ? -12.462 1.050   -3.428  1.00 10.60 ? 18  ASP A O   1 
ATOM   127  C CB  . ASP A 1 18  ? -13.968 0.538   -0.961  1.00 11.88 ? 18  ASP A CB  1 
ATOM   128  C CG  . ASP A 1 18  ? -14.891 -0.558  -1.486  1.00 13.01 ? 18  ASP A CG  1 
ATOM   129  O OD1 . ASP A 1 18  ? -14.431 -1.647  -1.839  1.00 13.87 ? 18  ASP A OD1 1 
ATOM   130  O OD2 . ASP A 1 18  ? -16.099 -0.324  -1.492  1.00 15.63 ? 18  ASP A OD2 1 
ATOM   131  N N   . GLN A 1 19  ? -11.465 -0.897  -3.008  1.00 9.12  ? 19  GLN A N   1 
ATOM   132  C CA  . GLN A 1 19  ? -11.128 -1.100  -4.408  1.00 9.45  ? 19  GLN A CA  1 
ATOM   133  C C   . GLN A 1 19  ? -12.335 -1.582  -5.215  1.00 9.01  ? 19  GLN A C   1 
ATOM   134  O O   . GLN A 1 19  ? -12.325 -1.563  -6.453  1.00 8.79  ? 19  GLN A O   1 
ATOM   135  C CB  . GLN A 1 19  ? -9.976  -2.106  -4.514  1.00 9.03  ? 19  GLN A CB  1 
ATOM   136  C CG  . GLN A 1 19  ? -10.292 -3.550  -4.195  1.00 9.17  ? 19  GLN A CG  1 
ATOM   137  C CD  . GLN A 1 19  ? -9.061  -4.410  -4.328  1.00 9.64  ? 19  GLN A CD  1 
ATOM   138  O OE1 . GLN A 1 19  ? -8.874  -5.176  -5.270  1.00 11.66 ? 19  GLN A OE1 1 
ATOM   139  N NE2 . GLN A 1 19  ? -8.106  -4.306  -3.422  1.00 9.16  ? 19  GLN A NE2 1 
ATOM   140  N N   . GLY A 1 20  ? -13.405 -2.039  -4.555  1.00 9.98  ? 20  GLY A N   1 
ATOM   141  C CA  . GLY A 1 20  ? -14.593 -2.521  -5.244  1.00 10.93 ? 20  GLY A CA  1 
ATOM   142  C C   . GLY A 1 20  ? -14.278 -3.777  -6.037  1.00 11.31 ? 20  GLY A C   1 
ATOM   143  O O   . GLY A 1 20  ? -13.461 -4.620  -5.663  1.00 11.57 ? 20  GLY A O   1 
ATOM   144  N N   . GLN A 1 21  ? -14.926 -3.882  -7.188  1.00 12.52 ? 21  GLN A N   1 
ATOM   145  C CA  . GLN A 1 21  ? -14.777 -5.033  -8.062  1.00 14.04 ? 21  GLN A CA  1 
ATOM   146  C C   . GLN A 1 21  ? -13.583 -4.912  -8.978  1.00 14.15 ? 21  GLN A C   1 
ATOM   147  O O   . GLN A 1 21  ? -13.395 -5.809  -9.804  1.00 16.52 ? 21  GLN A O   1 
ATOM   148  C CB  . GLN A 1 21  ? -16.019 -5.205  -8.921  1.00 17.08 ? 21  GLN A CB  1 
ATOM   149  C CG  . GLN A 1 21  ? -17.258 -5.559  -8.133  1.00 22.21 ? 21  GLN A CG  1 
ATOM   150  C CD  . GLN A 1 21  ? -17.317 -7.012  -7.688  1.00 26.29 ? 21  GLN A CD  1 
ATOM   151  O OE1 . GLN A 1 21  ? -18.196 -7.351  -6.905  1.00 31.15 ? 21  GLN A OE1 1 
ATOM   152  N NE2 . GLN A 1 21  ? -16.491 -7.962  -8.107  1.00 28.75 ? 21  GLN A NE2 1 
ATOM   153  N N   . CYS A 1 22  ? -12.789 -3.848  -8.918  1.00 12.28 ? 22  CYS A N   1 
ATOM   154  C CA  . CYS A 1 22  ? -11.663 -3.710  -9.804  1.00 11.65 ? 22  CYS A CA  1 
ATOM   155  C C   . CYS A 1 22  ? -10.450 -4.426  -9.227  1.00 11.77 ? 22  CYS A C   1 
ATOM   156  O O   . CYS A 1 22  ? -10.233 -4.322  -8.027  1.00 11.66 ? 22  CYS A O   1 
ATOM   157  C CB  . CYS A 1 22  ? -11.397 -2.227  -9.966  1.00 11.07 ? 22  CYS A CB  1 
ATOM   158  S SG  . CYS A 1 22  ? -9.998  -1.821  -11.027 1.00 10.05 ? 22  CYS A SG  1 
ATOM   159  N N   . GLY A 1 23  ? -9.627  -5.139  -9.998  1.00 10.56 ? 23  GLY A N   1 
ATOM   160  C CA  . GLY A 1 23  ? -8.395  -5.755  -9.497  1.00 10.59 ? 23  GLY A CA  1 
ATOM   161  C C   . GLY A 1 23  ? -7.262  -4.721  -9.392  1.00 10.88 ? 23  GLY A C   1 
ATOM   162  O O   . GLY A 1 23  ? -6.176  -4.882  -9.981  1.00 9.83  ? 23  GLY A O   1 
ATOM   163  N N   . SER A 1 24  ? -7.504  -3.680  -8.587  1.00 10.17 ? 24  SER A N   1 
ATOM   164  C CA  . SER A 1 24  ? -6.639  -2.525  -8.489  1.00 9.62  ? 24  SER A CA  1 
ATOM   165  C C   . SER A 1 24  ? -5.837  -2.496  -7.201  1.00 9.38  ? 24  SER A C   1 
ATOM   166  O O   . SER A 1 24  ? -5.242  -1.449  -6.880  1.00 9.60  ? 24  SER A O   1 
ATOM   167  C CB  . SER A 1 24  ? -7.501  -1.284  -8.589  1.00 9.06  ? 24  SER A CB  1 
ATOM   168  O OG  . SER A 1 24  ? -8.558  -1.450  -7.643  1.00 10.89 ? 24  SER A OG  1 
ATOM   169  N N   . CYS A 1 25  ? -5.734  -3.597  -6.433  1.00 8.37  ? 25  CYS A N   1 
ATOM   170  C CA  . CYS A 1 25  ? -4.967  -3.575  -5.177  1.00 8.72  ? 25  CYS A CA  1 
ATOM   171  C C   . CYS A 1 25  ? -3.528  -3.028  -5.273  1.00 8.64  ? 25  CYS A C   1 
ATOM   172  O O   . CYS A 1 25  ? -3.035  -2.362  -4.357  1.00 9.00  ? 25  CYS A O   1 
ATOM   173  C CB  . CYS A 1 25  ? -4.926  -4.981  -4.583  1.00 8.64  ? 25  CYS A CB  1 
ATOM   174  S SG  . CYS A 1 25  ? -3.898  -6.160  -5.469  1.00 9.36  ? 25  CYS A SG  1 
ATOM   175  N N   . TRP A 1 26  ? -2.859  -3.242  -6.405  1.00 8.18  ? 26  TRP A N   1 
ATOM   176  C CA  . TRP A 1 26  ? -1.518  -2.747  -6.693  1.00 7.73  ? 26  TRP A CA  1 
ATOM   177  C C   . TRP A 1 26  ? -1.454  -1.220  -6.598  1.00 7.84  ? 26  TRP A C   1 
ATOM   178  O O   . TRP A 1 26  ? -0.512  -0.626  -6.059  1.00 7.04  ? 26  TRP A O   1 
ATOM   179  C CB  . TRP A 1 26  ? -1.115  -3.209  -8.112  1.00 7.63  ? 26  TRP A CB  1 
ATOM   180  C CG  . TRP A 1 26  ? -2.019  -2.735  -9.258  1.00 7.24  ? 26  TRP A CG  1 
ATOM   181  C CD1 . TRP A 1 26  ? -3.180  -3.402  -9.587  1.00 7.68  ? 26  TRP A CD1 1 
ATOM   182  C CD2 . TRP A 1 26  ? -1.811  -1.630  -10.057 1.00 7.09  ? 26  TRP A CD2 1 
ATOM   183  N NE1 . TRP A 1 26  ? -3.712  -2.722  -10.596 1.00 7.81  ? 26  TRP A NE1 1 
ATOM   184  C CE2 . TRP A 1 26  ? -2.930  -1.657  -10.904 1.00 7.62  ? 26  TRP A CE2 1 
ATOM   185  C CE3 . TRP A 1 26  ? -0.843  -0.626  -10.161 1.00 7.52  ? 26  TRP A CE3 1 
ATOM   186  C CZ2 . TRP A 1 26  ? -3.089  -0.663  -11.876 1.00 7.37  ? 26  TRP A CZ2 1 
ATOM   187  C CZ3 . TRP A 1 26  ? -1.013  0.362   -11.136 1.00 7.21  ? 26  TRP A CZ3 1 
ATOM   188  C CH2 . TRP A 1 26  ? -2.126  0.345   -11.987 1.00 7.19  ? 26  TRP A CH2 1 
ATOM   189  N N   . ALA A 1 27  ? -2.512  -0.574  -7.088  1.00 8.10  ? 27  ALA A N   1 
ATOM   190  C CA  . ALA A 1 27  ? -2.631  0.871   -7.137  1.00 7.72  ? 27  ALA A CA  1 
ATOM   191  C C   . ALA A 1 27  ? -2.934  1.371   -5.736  1.00 8.13  ? 27  ALA A C   1 
ATOM   192  O O   . ALA A 1 27  ? -2.322  2.348   -5.318  1.00 8.15  ? 27  ALA A O   1 
ATOM   193  C CB  . ALA A 1 27  ? -3.750  1.250   -8.096  1.00 8.05  ? 27  ALA A CB  1 
ATOM   194  N N   . PHE A 1 28  ? -3.804  0.720   -4.957  1.00 7.29  ? 28  PHE A N   1 
ATOM   195  C CA  . PHE A 1 28  ? -4.044  1.129   -3.572  1.00 8.37  ? 28  PHE A CA  1 
ATOM   196  C C   . PHE A 1 28  ? -2.786  0.973   -2.714  1.00 8.17  ? 28  PHE A C   1 
ATOM   197  O O   . PHE A 1 28  ? -2.487  1.864   -1.915  1.00 7.38  ? 28  PHE A O   1 
ATOM   198  C CB  . PHE A 1 28  ? -5.180  0.320   -2.948  1.00 6.99  ? 28  PHE A CB  1 
ATOM   199  C CG  . PHE A 1 28  ? -6.521  0.855   -3.421  1.00 8.46  ? 28  PHE A CG  1 
ATOM   200  C CD1 . PHE A 1 28  ? -7.012  0.477   -4.676  1.00 7.63  ? 28  PHE A CD1 1 
ATOM   201  C CD2 . PHE A 1 28  ? -7.243  1.741   -2.605  1.00 7.63  ? 28  PHE A CD2 1 
ATOM   202  C CE1 . PHE A 1 28  ? -8.215  1.014   -5.122  1.00 7.89  ? 28  PHE A CE1 1 
ATOM   203  C CE2 . PHE A 1 28  ? -8.450  2.268   -3.071  1.00 7.72  ? 28  PHE A CE2 1 
ATOM   204  C CZ  . PHE A 1 28  ? -8.934  1.906   -4.326  1.00 7.40  ? 28  PHE A CZ  1 
ATOM   205  N N   . SER A 1 29  ? -2.003  -0.089  -2.871  1.00 8.81  ? 29  SER A N   1 
ATOM   206  C CA  . SER A 1 29  ? -0.736  -0.246  -2.161  1.00 8.34  ? 29  SER A CA  1 
ATOM   207  C C   . SER A 1 29  ? 0.237   0.879   -2.518  1.00 8.14  ? 29  SER A C   1 
ATOM   208  O O   . SER A 1 29  ? 0.817   1.507   -1.621  1.00 7.23  ? 29  SER A O   1 
ATOM   209  C CB  . SER A 1 29  ? -0.132  -1.600  -2.535  1.00 8.83  ? 29  SER A CB  1 
ATOM   210  O OG  . SER A 1 29  ? 1.145   -1.855  -1.986  1.00 8.45  ? 29  SER A OG  1 
ATOM   211  N N   . ALA A 1 30  ? 0.426   1.150   -3.816  1.00 7.21  ? 30  ALA A N   1 
ATOM   212  C CA  . ALA A 1 30  ? 1.374   2.152   -4.252  1.00 7.51  ? 30  ALA A CA  1 
ATOM   213  C C   . ALA A 1 30  ? 0.963   3.551   -3.799  1.00 7.93  ? 30  ALA A C   1 
ATOM   214  O O   . ALA A 1 30  ? 1.796   4.288   -3.249  1.00 6.96  ? 30  ALA A O   1 
ATOM   215  C CB  . ALA A 1 30  ? 1.495   2.093   -5.790  1.00 7.23  ? 30  ALA A CB  1 
ATOM   216  N N   . ILE A 1 31  ? -0.317  3.925   -3.924  1.00 7.65  ? 31  ILE A N   1 
ATOM   217  C CA  . ILE A 1 31  ? -0.750  5.253   -3.516  1.00 8.01  ? 31  ILE A CA  1 
ATOM   218  C C   . ILE A 1 31  ? -0.759  5.386   -1.997  1.00 8.77  ? 31  ILE A C   1 
ATOM   219  O O   . ILE A 1 31  ? -0.352  6.440   -1.501  1.00 8.74  ? 31  ILE A O   1 
ATOM   220  C CB  . ILE A 1 31  ? -2.163  5.539   -4.130  1.00 7.56  ? 31  ILE A CB  1 
ATOM   221  C CG1 . ILE A 1 31  ? -2.022  5.656   -5.657  1.00 7.05  ? 31  ILE A CG1 1 
ATOM   222  C CG2 . ILE A 1 31  ? -2.779  6.815   -3.547  1.00 7.25  ? 31  ILE A CG2 1 
ATOM   223  C CD1 . ILE A 1 31  ? -1.024  6.735   -6.179  1.00 6.40  ? 31  ILE A CD1 1 
ATOM   224  N N   . GLY A 1 32  ? -1.150  4.371   -1.231  1.00 8.26  ? 32  GLY A N   1 
ATOM   225  C CA  . GLY A 1 32  ? -1.121  4.434   0.226   1.00 8.35  ? 32  GLY A CA  1 
ATOM   226  C C   . GLY A 1 32  ? 0.299   4.714   0.712   1.00 8.89  ? 32  GLY A C   1 
ATOM   227  O O   . GLY A 1 32  ? 0.535   5.545   1.597   1.00 8.19  ? 32  GLY A O   1 
ATOM   228  N N   . ASN A 1 33  ? 1.283   4.073   0.071   1.00 8.57  ? 33  ASN A N   1 
ATOM   229  C CA  . ASN A 1 33  ? 2.674   4.318   0.409   1.00 7.65  ? 33  ASN A CA  1 
ATOM   230  C C   . ASN A 1 33  ? 3.067   5.767   0.109   1.00 7.62  ? 33  ASN A C   1 
ATOM   231  O O   . ASN A 1 33  ? 3.669   6.431   0.977   1.00 6.14  ? 33  ASN A O   1 
ATOM   232  C CB  . ASN A 1 33  ? 3.550   3.356   -0.372  1.00 7.87  ? 33  ASN A CB  1 
ATOM   233  C CG  . ASN A 1 33  ? 5.018   3.727   -0.269  1.00 8.31  ? 33  ASN A CG  1 
ATOM   234  O OD1 . ASN A 1 33  ? 5.570   4.246   -1.224  1.00 9.08  ? 33  ASN A OD1 1 
ATOM   235  N ND2 . ASN A 1 33  ? 5.748   3.535   0.821   1.00 8.48  ? 33  ASN A ND2 1 
ATOM   236  N N   . VAL A 1 34  ? 2.665   6.303   -1.059  1.00 6.89  ? 34  VAL A N   1 
ATOM   237  C CA  . VAL A 1 34  ? 2.965   7.688   -1.417  1.00 6.45  ? 34  VAL A CA  1 
ATOM   238  C C   . VAL A 1 34  ? 2.313   8.639   -0.435  1.00 6.40  ? 34  VAL A C   1 
ATOM   239  O O   . VAL A 1 34  ? 3.011   9.558   0.003   1.00 7.07  ? 34  VAL A O   1 
ATOM   240  C CB  . VAL A 1 34  ? 2.487   8.017   -2.865  1.00 5.58  ? 34  VAL A CB  1 
ATOM   241  C CG1 . VAL A 1 34  ? 2.730   9.478   -3.205  1.00 4.58  ? 34  VAL A CG1 1 
ATOM   242  C CG2 . VAL A 1 34  ? 3.309   7.195   -3.855  1.00 5.14  ? 34  VAL A CG2 1 
ATOM   243  N N   . GLU A 1 35  ? 1.050   8.435   -0.029  1.00 6.32  ? 35  GLU A N   1 
ATOM   244  C CA  . GLU A 1 35  ? 0.361   9.293   0.930   1.00 7.52  ? 35  GLU A CA  1 
ATOM   245  C C   . GLU A 1 35  ? 1.138   9.401   2.238   1.00 7.95  ? 35  GLU A C   1 
ATOM   246  O O   . GLU A 1 35  ? 1.372   10.515  2.722   1.00 7.35  ? 35  GLU A O   1 
ATOM   247  C CB  . GLU A 1 35  ? -1.029  8.770   1.253   1.00 7.50  ? 35  GLU A CB  1 
ATOM   248  C CG  . GLU A 1 35  ? -2.028  8.867   0.072   1.00 8.17  ? 35  GLU A CG  1 
ATOM   249  C CD  . GLU A 1 35  ? -3.349  8.151   0.316   1.00 8.64  ? 35  GLU A CD  1 
ATOM   250  O OE1 . GLU A 1 35  ? -3.410  7.219   1.116   1.00 8.59  ? 35  GLU A OE1 1 
ATOM   251  O OE2 . GLU A 1 35  ? -4.347  8.501   -0.304  1.00 8.35  ? 35  GLU A OE2 1 
ATOM   252  N N   . CYS A 1 36  ? 1.637   8.266   2.750   1.00 7.44  ? 36  CYS A N   1 
ATOM   253  C CA  . CYS A 1 36  ? 2.399   8.267   3.996   1.00 8.46  ? 36  CYS A CA  1 
ATOM   254  C C   . CYS A 1 36  ? 3.763   8.914   3.817   1.00 8.21  ? 36  CYS A C   1 
ATOM   255  O O   . CYS A 1 36  ? 4.140   9.749   4.641   1.00 8.60  ? 36  CYS A O   1 
ATOM   256  C CB  . CYS A 1 36  ? 2.601   6.838   4.503   1.00 8.02  ? 36  CYS A CB  1 
ATOM   257  S SG  . CYS A 1 36  ? 1.078   5.902   4.805   1.00 10.24 ? 36  CYS A SG  1 
ATOM   258  N N   . GLN A 1 37  ? 4.511   8.607   2.754   1.00 8.06  ? 37  GLN A N   1 
ATOM   259  C CA  . GLN A 1 37  ? 5.823   9.196   2.514   1.00 8.79  ? 37  GLN A CA  1 
ATOM   260  C C   . GLN A 1 37  ? 5.744   10.706  2.296   1.00 10.00 ? 37  GLN A C   1 
ATOM   261  O O   . GLN A 1 37  ? 6.590   11.463  2.795   1.00 9.55  ? 37  GLN A O   1 
ATOM   262  C CB  . GLN A 1 37  ? 6.483   8.513   1.302   1.00 7.98  ? 37  GLN A CB  1 
ATOM   263  C CG  . GLN A 1 37  ? 6.881   7.045   1.587   1.00 8.69  ? 37  GLN A CG  1 
ATOM   264  C CD  . GLN A 1 37  ? 7.855   6.884   2.754   1.00 9.82  ? 37  GLN A CD  1 
ATOM   265  O OE1 . GLN A 1 37  ? 8.786   7.672   2.922   1.00 11.16 ? 37  GLN A OE1 1 
ATOM   266  N NE2 . GLN A 1 37  ? 7.689   5.879   3.600   1.00 7.82  ? 37  GLN A NE2 1 
ATOM   267  N N   . TRP A 1 38  ? 4.693   11.189  1.615   1.00 10.22 ? 38  TRP A N   1 
ATOM   268  C CA  . TRP A 1 38  ? 4.489   12.620  1.430   1.00 10.42 ? 38  TRP A CA  1 
ATOM   269  C C   . TRP A 1 38  ? 4.297   13.289  2.802   1.00 10.70 ? 38  TRP A C   1 
ATOM   270  O O   . TRP A 1 38  ? 4.930   14.320  3.066   1.00 10.68 ? 38  TRP A O   1 
ATOM   271  C CB  . TRP A 1 38  ? 3.267   12.847  0.549   1.00 9.67  ? 38  TRP A CB  1 
ATOM   272  C CG  . TRP A 1 38  ? 3.034   14.304  0.150   1.00 9.87  ? 38  TRP A CG  1 
ATOM   273  C CD1 . TRP A 1 38  ? 1.914   14.961  0.582   1.00 10.15 ? 38  TRP A CD1 1 
ATOM   274  C CD2 . TRP A 1 38  ? 3.839   15.070  -0.658  1.00 9.71  ? 38  TRP A CD2 1 
ATOM   275  N NE1 . TRP A 1 38  ? 2.005   16.156  0.042   1.00 9.50  ? 38  TRP A NE1 1 
ATOM   276  C CE2 . TRP A 1 38  ? 3.124   16.271  -0.690  1.00 9.93  ? 38  TRP A CE2 1 
ATOM   277  C CE3 . TRP A 1 38  ? 5.049   14.941  -1.353  1.00 10.04 ? 38  TRP A CE3 1 
ATOM   278  C CZ2 . TRP A 1 38  ? 3.600   17.360  -1.422  1.00 10.05 ? 38  TRP A CZ2 1 
ATOM   279  C CZ3 . TRP A 1 38  ? 5.531   16.018  -2.088  1.00 11.09 ? 38  TRP A CZ3 1 
ATOM   280  C CH2 . TRP A 1 38  ? 4.807   17.220  -2.117  1.00 10.03 ? 38  TRP A CH2 1 
ATOM   281  N N   . PHE A 1 39  ? 3.476   12.731  3.698   1.00 10.92 ? 39  PHE A N   1 
ATOM   282  C CA  . PHE A 1 39  ? 3.317   13.292  5.030   1.00 11.80 ? 39  PHE A CA  1 
ATOM   283  C C   . PHE A 1 39  ? 4.647   13.328  5.789   1.00 12.07 ? 39  PHE A C   1 
ATOM   284  O O   . PHE A 1 39  ? 5.009   14.354  6.368   1.00 11.66 ? 39  PHE A O   1 
ATOM   285  C CB  . PHE A 1 39  ? 2.296   12.474  5.836   1.00 11.88 ? 39  PHE A CB  1 
ATOM   286  C CG  . PHE A 1 39  ? 2.241   12.874  7.308   1.00 12.59 ? 39  PHE A CG  1 
ATOM   287  C CD1 . PHE A 1 39  ? 1.593   14.046  7.701   1.00 12.53 ? 39  PHE A CD1 1 
ATOM   288  C CD2 . PHE A 1 39  ? 2.858   12.061  8.268   1.00 13.08 ? 39  PHE A CD2 1 
ATOM   289  C CE1 . PHE A 1 39  ? 1.566   14.414  9.052   1.00 13.28 ? 39  PHE A CE1 1 
ATOM   290  C CE2 . PHE A 1 39  ? 2.831   12.429  9.616   1.00 13.05 ? 39  PHE A CE2 1 
ATOM   291  C CZ  . PHE A 1 39  ? 2.194   13.608  10.009  1.00 12.68 ? 39  PHE A CZ  1 
ATOM   292  N N   . LEU A 1 40  ? 5.398   12.225  5.773   1.00 12.19 ? 40  LEU A N   1 
ATOM   293  C CA  . LEU A 1 40  ? 6.670   12.134  6.474   1.00 13.50 ? 40  LEU A CA  1 
ATOM   294  C C   . LEU A 1 40  ? 7.775   13.027  5.919   1.00 14.23 ? 40  LEU A C   1 
ATOM   295  O O   . LEU A 1 40  ? 8.760   13.333  6.619   1.00 14.82 ? 40  LEU A O   1 
ATOM   296  C CB  . LEU A 1 40  ? 7.108   10.680  6.484   1.00 13.50 ? 40  LEU A CB  1 
ATOM   297  C CG  . LEU A 1 40  ? 6.180   9.747   7.288   1.00 14.56 ? 40  LEU A CG  1 
ATOM   298  C CD1 . LEU A 1 40  ? 6.691   8.326   7.234   1.00 14.99 ? 40  LEU A CD1 1 
ATOM   299  C CD2 . LEU A 1 40  ? 6.119   10.217  8.734   1.00 15.60 ? 40  LEU A CD2 1 
ATOM   300  N N   . ALA A 1 41  ? 7.586   13.524  4.700   1.00 13.95 ? 41  ALA A N   1 
ATOM   301  C CA  . ALA A 1 41  ? 8.512   14.479  4.136   1.00 14.37 ? 41  ALA A CA  1 
ATOM   302  C C   . ALA A 1 41  ? 8.203   15.919  4.564   1.00 14.59 ? 41  ALA A C   1 
ATOM   303  O O   . ALA A 1 41  ? 8.812   16.864  4.055   1.00 15.74 ? 41  ALA A O   1 
ATOM   304  C CB  . ALA A 1 41  ? 8.456   14.363  2.623   1.00 13.63 ? 41  ALA A CB  1 
ATOM   305  N N   . GLY A 1 42  ? 7.211   16.143  5.430   1.00 14.62 ? 42  GLY A N   1 
ATOM   306  C CA  . GLY A 1 42  ? 6.907   17.454  5.980   1.00 15.25 ? 42  GLY A CA  1 
ATOM   307  C C   . GLY A 1 42  ? 5.741   18.134  5.283   1.00 16.03 ? 42  GLY A C   1 
ATOM   308  O O   . GLY A 1 42  ? 5.693   19.362  5.183   1.00 17.18 ? 42  GLY A O   1 
ATOM   309  N N   . HIS A 1 43  ? 4.786   17.384  4.738   1.00 15.17 ? 43  HIS A N   1 
ATOM   310  C CA  . HIS A 1 43  ? 3.636   17.993  4.075   1.00 14.85 ? 43  HIS A CA  1 
ATOM   311  C C   . HIS A 1 43  ? 2.379   17.491  4.757   1.00 14.95 ? 43  HIS A C   1 
ATOM   312  O O   . HIS A 1 43  ? 2.432   16.420  5.387   1.00 14.97 ? 43  HIS A O   1 
ATOM   313  C CB  . HIS A 1 43  ? 3.562   17.603  2.611   1.00 15.02 ? 43  HIS A CB  1 
ATOM   314  C CG  . HIS A 1 43  ? 4.828   17.966  1.887   1.00 15.83 ? 43  HIS A CG  1 
ATOM   315  N ND1 . HIS A 1 43  ? 5.225   19.156  1.458   1.00 17.14 ? 43  HIS A ND1 1 
ATOM   316  C CD2 . HIS A 1 43  ? 5.792   17.047  1.580   1.00 16.62 ? 43  HIS A CD2 1 
ATOM   317  C CE1 . HIS A 1 43  ? 6.402   18.987  0.905   1.00 16.32 ? 43  HIS A CE1 1 
ATOM   318  N NE2 . HIS A 1 43  ? 6.729   17.724  0.975   1.00 16.45 ? 43  HIS A NE2 1 
ATOM   319  N N   . PRO A 1 44  ? 1.233   18.194  4.725   1.00 15.00 ? 44  PRO A N   1 
ATOM   320  C CA  . PRO A 1 44  ? 0.000   17.707  5.342   1.00 14.38 ? 44  PRO A CA  1 
ATOM   321  C C   . PRO A 1 44  ? -0.476  16.448  4.642   1.00 13.85 ? 44  PRO A C   1 
ATOM   322  O O   . PRO A 1 44  ? -0.298  16.286  3.434   1.00 13.59 ? 44  PRO A O   1 
ATOM   323  C CB  . PRO A 1 44  ? -0.957  18.875  5.252   1.00 15.29 ? 44  PRO A CB  1 
ATOM   324  C CG  . PRO A 1 44  ? -0.357  19.756  4.188   1.00 15.64 ? 44  PRO A CG  1 
ATOM   325  C CD  . PRO A 1 44  ? 1.132   19.581  4.303   1.00 14.69 ? 44  PRO A CD  1 
ATOM   326  N N   . LEU A 1 45  ? -0.990  15.505  5.434   1.00 12.99 ? 45  LEU A N   1 
ATOM   327  C CA  . LEU A 1 45  ? -1.477  14.240  4.906   1.00 11.59 ? 45  LEU A CA  1 
ATOM   328  C C   . LEU A 1 45  ? -2.621  14.559  3.941   1.00 11.23 ? 45  LEU A C   1 
ATOM   329  O O   . LEU A 1 45  ? -3.585  15.250  4.303   1.00 12.04 ? 45  LEU A O   1 
ATOM   330  C CB  . LEU A 1 45  ? -1.957  13.379  6.072   1.00 11.49 ? 45  LEU A CB  1 
ATOM   331  C CG  . LEU A 1 45  ? -2.453  11.952  5.818   1.00 12.17 ? 45  LEU A CG  1 
ATOM   332  C CD1 . LEU A 1 45  ? -1.298  11.050  5.411   1.00 10.65 ? 45  LEU A CD1 1 
ATOM   333  C CD2 . LEU A 1 45  ? -3.124  11.440  7.074   1.00 11.27 ? 45  LEU A CD2 1 
ATOM   334  N N   . THR A 1 46  ? -2.475  14.123  2.709   1.00 9.64  ? 46  THR A N   1 
ATOM   335  C CA  . THR A 1 46  ? -3.425  14.388  1.657   1.00 10.46 ? 46  THR A CA  1 
ATOM   336  C C   . THR A 1 46  ? -3.864  13.053  1.069   1.00 9.80  ? 46  THR A C   1 
ATOM   337  O O   . THR A 1 46  ? -3.032  12.154  0.898   1.00 9.89  ? 46  THR A O   1 
ATOM   338  C CB  . THR A 1 46  ? -2.719  15.262  0.598   1.00 10.44 ? 46  THR A CB  1 
ATOM   339  O OG1 . THR A 1 46  ? -2.197  16.409  1.273   1.00 12.42 ? 46  THR A OG1 1 
ATOM   340  C CG2 . THR A 1 46  ? -3.649  15.712  -0.501  1.00 11.82 ? 46  THR A CG2 1 
ATOM   341  N N   . ASN A 1 47  ? -5.154  12.890  0.789   1.00 10.19 ? 47  ASN A N   1 
ATOM   342  C CA  . ASN A 1 47  ? -5.639  11.728  0.054   1.00 10.78 ? 47  ASN A CA  1 
ATOM   343  C C   . ASN A 1 47  ? -5.250  11.876  -1.417  1.00 10.23 ? 47  ASN A C   1 
ATOM   344  O O   . ASN A 1 47  ? -5.493  12.918  -2.038  1.00 10.01 ? 47  ASN A O   1 
ATOM   345  C CB  . ASN A 1 47  ? -7.155  11.605  0.145   1.00 12.40 ? 47  ASN A CB  1 
ATOM   346  C CG  . ASN A 1 47  ? -7.556  10.831  1.389   1.00 14.24 ? 47  ASN A CG  1 
ATOM   347  O OD1 . ASN A 1 47  ? -7.306  11.238  2.528   1.00 16.19 ? 47  ASN A OD1 1 
ATOM   348  N ND2 . ASN A 1 47  ? -8.201  9.699   1.250   1.00 16.85 ? 47  ASN A ND2 1 
ATOM   349  N N   . LEU A 1 48  ? -4.619  10.866  -2.018  1.00 9.89  ? 48  LEU A N   1 
ATOM   350  C CA  . LEU A 1 48  ? -4.169  10.890  -3.398  1.00 8.15  ? 48  LEU A CA  1 
ATOM   351  C C   . LEU A 1 48  ? -4.926  9.878   -4.257  1.00 8.85  ? 48  LEU A C   1 
ATOM   352  O O   . LEU A 1 48  ? -5.644  9.025   -3.730  1.00 8.82  ? 48  LEU A O   1 
ATOM   353  C CB  . LEU A 1 48  ? -2.670  10.625  -3.392  1.00 7.60  ? 48  LEU A CB  1 
ATOM   354  C CG  . LEU A 1 48  ? -1.839  11.591  -2.518  1.00 8.56  ? 48  LEU A CG  1 
ATOM   355  C CD1 . LEU A 1 48  ? -0.426  11.099  -2.463  1.00 8.19  ? 48  LEU A CD1 1 
ATOM   356  C CD2 . LEU A 1 48  ? -1.900  13.013  -3.068  1.00 8.50  ? 48  LEU A CD2 1 
ATOM   357  N N   . SER A 1 49  ? -4.801  9.965   -5.578  1.00 7.65  ? 49  SER A N   1 
ATOM   358  C CA  . SER A 1 49  ? -5.618  9.202   -6.514  1.00 8.13  ? 49  SER A CA  1 
ATOM   359  C C   . SER A 1 49  ? -5.135  7.843   -7.038  1.00 6.94  ? 49  SER A C   1 
ATOM   360  O O   . SER A 1 49  ? -4.184  7.743   -7.830  1.00 6.20  ? 49  SER A O   1 
ATOM   361  C CB  . SER A 1 49  ? -5.916  10.120  -7.708  1.00 8.40  ? 49  SER A CB  1 
ATOM   362  O OG  . SER A 1 49  ? -6.624  9.475   -8.763  1.00 8.86  ? 49  SER A OG  1 
ATOM   363  N N   . GLU A 1 50  ? -5.823  6.770   -6.642  1.00 7.77  ? 50  GLU A N   1 
ATOM   364  C CA  . GLU A 1 50  ? -5.564  5.453   -7.235  1.00 8.26  ? 50  GLU A CA  1 
ATOM   365  C C   . GLU A 1 50  ? -6.088  5.423   -8.662  1.00 7.78  ? 50  GLU A C   1 
ATOM   366  O O   . GLU A 1 50  ? -5.502  4.749   -9.514  1.00 8.15  ? 50  GLU A O   1 
ATOM   367  C CB  . GLU A 1 50  ? -6.265  4.326   -6.505  1.00 8.26  ? 50  GLU A CB  1 
ATOM   368  C CG  . GLU A 1 50  ? -5.796  4.101   -5.070  1.00 9.78  ? 50  GLU A CG  1 
ATOM   369  C CD  . GLU A 1 50  ? -6.267  5.079   -4.009  1.00 10.16 ? 50  GLU A CD  1 
ATOM   370  O OE1 . GLU A 1 50  ? -7.219  5.832   -4.175  1.00 10.22 ? 50  GLU A OE1 1 
ATOM   371  O OE2 . GLU A 1 50  ? -5.668  5.070   -2.947  1.00 10.99 ? 50  GLU A OE2 1 
ATOM   372  N N   . GLN A 1 51  ? -7.189  6.127   -8.957  1.00 7.14  ? 51  GLN A N   1 
ATOM   373  C CA  . GLN A 1 51  ? -7.758  6.157   -10.301 1.00 7.51  ? 51  GLN A CA  1 
ATOM   374  C C   . GLN A 1 51  ? -6.731  6.616   -11.330 1.00 8.09  ? 51  GLN A C   1 
ATOM   375  O O   . GLN A 1 51  ? -6.699  6.049   -12.433 1.00 8.68  ? 51  GLN A O   1 
ATOM   376  C CB  . GLN A 1 51  ? -8.972  7.079   -10.345 1.00 6.53  ? 51  GLN A CB  1 
ATOM   377  C CG  . GLN A 1 51  ? -9.829  6.825   -11.575 1.00 6.69  ? 51  GLN A CG  1 
ATOM   378  C CD  . GLN A 1 51  ? -10.280 5.380   -11.688 1.00 7.37  ? 51  GLN A CD  1 
ATOM   379  O OE1 . GLN A 1 51  ? -10.827 4.814   -10.753 1.00 9.55  ? 51  GLN A OE1 1 
ATOM   380  N NE2 . GLN A 1 51  ? -10.068 4.682   -12.781 1.00 9.38  ? 51  GLN A NE2 1 
ATOM   381  N N   . MET A 1 52  ? -5.859  7.589   -10.998 1.00 8.46  ? 52  MET A N   1 
ATOM   382  C CA  . MET A 1 52  ? -4.780  8.030   -11.878 1.00 8.55  ? 52  MET A CA  1 
ATOM   383  C C   . MET A 1 52  ? -3.957  6.829   -12.359 1.00 8.44  ? 52  MET A C   1 
ATOM   384  O O   . MET A 1 52  ? -3.727  6.678   -13.564 1.00 8.36  ? 52  MET A O   1 
ATOM   385  C CB  . MET A 1 52  ? -3.881  9.030   -11.124 1.00 8.66  ? 52  MET A CB  1 
ATOM   386  C CG  . MET A 1 52  ? -2.645  9.425   -11.931 1.00 10.78 ? 52  MET A CG  1 
ATOM   387  S SD  . MET A 1 52  ? -1.419  10.324  -10.967 1.00 11.80 ? 52  MET A SD  1 
ATOM   388  C CE  . MET A 1 52  ? -0.737  8.961   -10.063 1.00 12.16 ? 52  MET A CE  1 
ATOM   389  N N   . LEU A 1 53  ? -3.529  5.923   -11.470 1.00 7.54  ? 53  LEU A N   1 
ATOM   390  C CA  . LEU A 1 53  ? -2.814  4.742   -11.903 1.00 7.17  ? 53  LEU A CA  1 
ATOM   391  C C   . LEU A 1 53  ? -3.699  3.756   -12.665 1.00 7.91  ? 53  LEU A C   1 
ATOM   392  O O   . LEU A 1 53  ? -3.346  3.394   -13.790 1.00 8.29  ? 53  LEU A O   1 
ATOM   393  C CB  . LEU A 1 53  ? -2.191  4.046   -10.682 1.00 6.51  ? 53  LEU A CB  1 
ATOM   394  C CG  . LEU A 1 53  ? -1.059  4.771   -9.933  1.00 6.61  ? 53  LEU A CG  1 
ATOM   395  C CD1 . LEU A 1 53  ? -0.676  3.957   -8.700  1.00 5.37  ? 53  LEU A CD1 1 
ATOM   396  C CD2 . LEU A 1 53  ? 0.146   4.959   -10.851 1.00 7.12  ? 53  LEU A CD2 1 
ATOM   397  N N   . VAL A 1 54  ? -4.867  3.360   -12.149 1.00 8.49  ? 54  VAL A N   1 
ATOM   398  C CA  . VAL A 1 54  ? -5.721  2.371   -12.826 1.00 9.07  ? 54  VAL A CA  1 
ATOM   399  C C   . VAL A 1 54  ? -6.010  2.797   -14.273 1.00 9.87  ? 54  VAL A C   1 
ATOM   400  O O   . VAL A 1 54  ? -5.929  1.977   -15.191 1.00 9.96  ? 54  VAL A O   1 
ATOM   401  C CB  . VAL A 1 54  ? -7.058  2.198   -12.024 1.00 9.38  ? 54  VAL A CB  1 
ATOM   402  C CG1 . VAL A 1 54  ? -7.979  1.159   -12.680 1.00 9.33  ? 54  VAL A CG1 1 
ATOM   403  C CG2 . VAL A 1 54  ? -6.755  1.682   -10.621 1.00 9.36  ? 54  VAL A CG2 1 
ATOM   404  N N   . SER A 1 55  ? -6.355  4.081   -14.485 1.00 9.21  ? 55  SER A N   1 
ATOM   405  C CA  . SER A 1 55  ? -6.654  4.592   -15.809 1.00 9.79  ? 55  SER A CA  1 
ATOM   406  C C   . SER A 1 55  ? -5.498  5.007   -16.712 1.00 9.37  ? 55  SER A C   1 
ATOM   407  O O   . SER A 1 55  ? -5.578  4.802   -17.945 1.00 8.34  ? 55  SER A O   1 
ATOM   408  C CB  . SER A 1 55  ? -7.602  5.780   -15.675 1.00 8.75  ? 55  SER A CB  1 
ATOM   409  O OG  . SER A 1 55  ? -8.894  5.299   -15.350 1.00 9.96  ? 55  SER A OG  1 
ATOM   410  N N   . CYS A 1 56  ? -4.426  5.580   -16.170 1.00 9.30  ? 56  CYS A N   1 
ATOM   411  C CA  . CYS A 1 56  ? -3.377  6.162   -16.999 1.00 9.66  ? 56  CYS A CA  1 
ATOM   412  C C   . CYS A 1 56  ? -2.068  5.406   -17.066 1.00 10.19 ? 56  CYS A C   1 
ATOM   413  O O   . CYS A 1 56  ? -1.287  5.636   -17.992 1.00 9.46  ? 56  CYS A O   1 
ATOM   414  C CB  . CYS A 1 56  ? -3.090  7.582   -16.518 1.00 10.95 ? 56  CYS A CB  1 
ATOM   415  S SG  . CYS A 1 56  ? -4.540  8.632   -16.372 1.00 11.66 ? 56  CYS A SG  1 
ATOM   416  N N   . ASP A 1 57  ? -1.805  4.470   -16.142 1.00 9.80  ? 57  ASP A N   1 
ATOM   417  C CA  . ASP A 1 57  ? -0.548  3.761   -16.174 1.00 10.35 ? 57  ASP A CA  1 
ATOM   418  C C   . ASP A 1 57  ? -0.649  2.577   -17.105 1.00 11.37 ? 57  ASP A C   1 
ATOM   419  O O   . ASP A 1 57  ? -1.156  1.498   -16.814 1.00 10.70 ? 57  ASP A O   1 
ATOM   420  C CB  . ASP A 1 57  ? -0.226  3.306   -14.771 1.00 9.58  ? 57  ASP A CB  1 
ATOM   421  C CG  . ASP A 1 57  ? 0.967   2.381   -14.622 1.00 10.89 ? 57  ASP A CG  1 
ATOM   422  O OD1 . ASP A 1 57  ? 1.729   2.109   -15.560 1.00 9.87  ? 57  ASP A OD1 1 
ATOM   423  O OD2 . ASP A 1 57  ? 1.117   1.942   -13.496 1.00 11.70 ? 57  ASP A OD2 1 
ATOM   424  N N   . LYS A 1 58  ? -0.099  2.792   -18.293 1.00 12.19 ? 58  LYS A N   1 
ATOM   425  C CA  . LYS A 1 58  ? -0.160  1.750   -19.283 1.00 13.19 ? 58  LYS A CA  1 
ATOM   426  C C   . LYS A 1 58  ? 0.936   0.693   -19.172 1.00 12.38 ? 58  LYS A C   1 
ATOM   427  O O   . LYS A 1 58  ? 1.004   -0.206  -20.015 1.00 11.26 ? 58  LYS A O   1 
ATOM   428  C CB  . LYS A 1 58  ? -0.173  2.487   -20.641 1.00 15.04 ? 58  LYS A CB  1 
ATOM   429  C CG  . LYS A 1 58  ? -1.597  2.571   -21.175 1.00 17.52 ? 58  LYS A CG  1 
ATOM   430  C CD  . LYS A 1 58  ? -2.632  3.368   -20.388 1.00 18.49 ? 58  LYS A CD  1 
ATOM   431  C CE  . LYS A 1 58  ? -3.936  2.573   -20.473 1.00 20.27 ? 58  LYS A CE  1 
ATOM   432  N NZ  . LYS A 1 58  ? -5.150  3.325   -20.220 1.00 19.20 ? 58  LYS A NZ  1 
ATOM   433  N N   . THR A 1 59  ? 1.814   0.759   -18.161 1.00 11.15 ? 59  THR A N   1 
ATOM   434  C CA  . THR A 1 59  ? 2.797   -0.299  -17.962 1.00 10.68 ? 59  THR A CA  1 
ATOM   435  C C   . THR A 1 59  ? 2.242   -1.346  -16.996 1.00 10.58 ? 59  THR A C   1 
ATOM   436  O O   . THR A 1 59  ? 2.884   -2.362  -16.722 1.00 10.71 ? 59  THR A O   1 
ATOM   437  C CB  . THR A 1 59  ? 4.135   0.290   -17.433 1.00 11.27 ? 59  THR A CB  1 
ATOM   438  O OG1 . THR A 1 59  ? 4.051   0.763   -16.075 1.00 11.31 ? 59  THR A OG1 1 
ATOM   439  C CG2 . THR A 1 59  ? 4.498   1.496   -18.300 1.00 10.79 ? 59  THR A CG2 1 
ATOM   440  N N   . ASP A 1 60  ? 1.079   -1.041  -16.415 1.00 10.87 ? 60  ASP A N   1 
ATOM   441  C CA  . ASP A 1 60  ? 0.309   -1.992  -15.644 1.00 10.83 ? 60  ASP A CA  1 
ATOM   442  C C   . ASP A 1 60  ? -1.019  -2.263  -16.329 1.00 11.51 ? 60  ASP A C   1 
ATOM   443  O O   . ASP A 1 60  ? -1.290  -1.706  -17.399 1.00 13.12 ? 60  ASP A O   1 
ATOM   444  C CB  . ASP A 1 60  ? 0.113   -1.447  -14.244 1.00 10.73 ? 60  ASP A CB  1 
ATOM   445  C CG  . ASP A 1 60  ? 1.422   -1.592  -13.473 1.00 11.74 ? 60  ASP A CG  1 
ATOM   446  O OD1 . ASP A 1 60  ? 1.841   -2.722  -13.229 1.00 10.25 ? 60  ASP A OD1 1 
ATOM   447  O OD2 . ASP A 1 60  ? 2.064   -0.602  -13.140 1.00 11.50 ? 60  ASP A OD2 1 
ATOM   448  N N   . SER A 1 61  ? -1.891  -3.125  -15.794 1.00 11.22 ? 61  SER A N   1 
ATOM   449  C CA  . SER A 1 61  ? -3.080  -3.540  -16.506 1.00 11.78 ? 61  SER A CA  1 
ATOM   450  C C   . SER A 1 61  ? -4.424  -3.186  -15.877 1.00 11.78 ? 61  SER A C   1 
ATOM   451  O O   . SER A 1 61  ? -5.381  -3.972  -15.975 1.00 12.48 ? 61  SER A O   1 
ATOM   452  C CB  . SER A 1 61  ? -2.982  -5.063  -16.740 1.00 11.69 ? 61  SER A CB  1 
ATOM   453  O OG  . SER A 1 61  ? -1.823  -5.425  -17.495 1.00 12.57 ? 61  SER A OG  1 
ATOM   454  N N   . GLY A 1 62  ? -4.564  -2.010  -15.269 1.00 11.50 ? 62  GLY A N   1 
ATOM   455  C CA  . GLY A 1 62  ? -5.841  -1.531  -14.755 1.00 11.60 ? 62  GLY A CA  1 
ATOM   456  C C   . GLY A 1 62  ? -6.514  -2.485  -13.796 1.00 11.58 ? 62  GLY A C   1 
ATOM   457  O O   . GLY A 1 62  ? -5.902  -2.933  -12.818 1.00 11.81 ? 62  GLY A O   1 
ATOM   458  N N   . CYS A 1 63  ? -7.772  -2.827  -14.098 1.00 10.60 ? 63  CYS A N   1 
ATOM   459  C CA  . CYS A 1 63  ? -8.503  -3.757  -13.261 1.00 10.88 ? 63  CYS A CA  1 
ATOM   460  C C   . CYS A 1 63  ? -8.079  -5.203  -13.438 1.00 10.12 ? 63  CYS A C   1 
ATOM   461  O O   . CYS A 1 63  ? -8.631  -6.056  -12.760 1.00 9.43  ? 63  CYS A O   1 
ATOM   462  C CB  . CYS A 1 63  ? -10.017 -3.612  -13.513 1.00 11.11 ? 63  CYS A CB  1 
ATOM   463  S SG  . CYS A 1 63  ? -10.658 -2.017  -12.920 1.00 11.53 ? 63  CYS A SG  1 
ATOM   464  N N   . SER A 1 64  ? -7.116  -5.518  -14.295 1.00 10.11 ? 64  SER A N   1 
ATOM   465  C CA  . SER A 1 64  ? -6.606  -6.878  -14.423 1.00 11.06 ? 64  SER A CA  1 
ATOM   466  C C   . SER A 1 64  ? -5.262  -7.044  -13.712 1.00 11.02 ? 64  SER A C   1 
ATOM   467  O O   . SER A 1 64  ? -4.568  -8.047  -13.902 1.00 12.04 ? 64  SER A O   1 
ATOM   468  C CB  . SER A 1 64  ? -6.464  -7.230  -15.904 1.00 11.62 ? 64  SER A CB  1 
ATOM   469  O OG  . SER A 1 64  ? -7.730  -7.168  -16.555 1.00 14.62 ? 64  SER A OG  1 
ATOM   470  N N   . GLY A 1 65  ? -4.831  -6.098  -12.875 1.00 11.50 ? 65  GLY A N   1 
ATOM   471  C CA  . GLY A 1 65  ? -3.640  -6.297  -12.073 1.00 10.18 ? 65  GLY A CA  1 
ATOM   472  C C   . GLY A 1 65  ? -2.497  -5.404  -12.458 1.00 10.36 ? 65  GLY A C   1 
ATOM   473  O O   . GLY A 1 65  ? -2.512  -4.745  -13.503 1.00 10.48 ? 65  GLY A O   1 
ATOM   474  N N   . GLY A 1 66  ? -1.487  -5.378  -11.595 1.00 9.75  ? 66  GLY A N   1 
ATOM   475  C CA  . GLY A 1 66  ? -0.316  -4.557  -11.810 1.00 8.94  ? 66  GLY A CA  1 
ATOM   476  C C   . GLY A 1 66  ? 0.695   -4.837  -10.712 1.00 8.37  ? 66  GLY A C   1 
ATOM   477  O O   . GLY A 1 66  ? 0.491   -5.734  -9.888  1.00 7.97  ? 66  GLY A O   1 
ATOM   478  N N   . LEU A 1 67  ? 1.752   -4.040  -10.687 1.00 8.86  ? 67  LEU A N   1 
ATOM   479  C CA  . LEU A 1 67  ? 2.877   -4.159  -9.788  1.00 9.20  ? 67  LEU A CA  1 
ATOM   480  C C   . LEU A 1 67  ? 3.200   -2.773  -9.234  1.00 8.71  ? 67  LEU A C   1 
ATOM   481  O O   . LEU A 1 67  ? 3.347   -1.809  -9.996  1.00 7.13  ? 67  LEU A O   1 
ATOM   482  C CB  . LEU A 1 67  ? 4.105   -4.708  -10.543 1.00 9.02  ? 67  LEU A CB  1 
ATOM   483  C CG  . LEU A 1 67  ? 4.049   -6.119  -11.123 1.00 11.55 ? 67  LEU A CG  1 
ATOM   484  C CD1 . LEU A 1 67  ? 5.294   -6.400  -11.964 1.00 12.19 ? 67  LEU A CD1 1 
ATOM   485  C CD2 . LEU A 1 67  ? 3.909   -7.110  -9.975  1.00 10.89 ? 67  LEU A CD2 1 
ATOM   486  N N   . MET A 1 68  ? 3.418   -2.663  -7.911  1.00 8.33  ? 68  MET A N   1 
ATOM   487  C CA  . MET A 1 68  ? 3.693   -1.381  -7.266  1.00 8.34  ? 68  MET A CA  1 
ATOM   488  C C   . MET A 1 68  ? 4.969   -0.777  -7.809  1.00 8.99  ? 68  MET A C   1 
ATOM   489  O O   . MET A 1 68  ? 4.966   0.422   -8.069  1.00 8.92  ? 68  MET A O   1 
ATOM   490  C CB  . MET A 1 68  ? 3.833   -1.515  -5.750  1.00 7.94  ? 68  MET A CB  1 
ATOM   491  C CG  . MET A 1 68  ? 2.537   -1.880  -5.022  1.00 9.11  ? 68  MET A CG  1 
ATOM   492  S SD  . MET A 1 68  ? 1.933   -3.583  -5.186  1.00 11.59 ? 68  MET A SD  1 
ATOM   493  C CE  . MET A 1 68  ? 2.943   -4.318  -3.943  1.00 9.87  ? 68  MET A CE  1 
ATOM   494  N N   . ASN A 1 69  ? 6.025   -1.558  -8.081  1.00 9.50  ? 69  ASN A N   1 
ATOM   495  C CA  . ASN A 1 69  ? 7.259   -1.029  -8.657  1.00 10.51 ? 69  ASN A CA  1 
ATOM   496  C C   . ASN A 1 69  ? 7.053   -0.412  -10.044 1.00 9.64  ? 69  ASN A C   1 
ATOM   497  O O   . ASN A 1 69  ? 7.595   0.666   -10.318 1.00 10.35 ? 69  ASN A O   1 
ATOM   498  C CB  . ASN A 1 69  ? 8.321   -2.141  -8.730  1.00 10.70 ? 69  ASN A CB  1 
ATOM   499  C CG  . ASN A 1 69  ? 8.860   -2.501  -7.352  1.00 12.85 ? 69  ASN A CG  1 
ATOM   500  O OD1 . ASN A 1 69  ? 8.757   -1.720  -6.398  1.00 14.96 ? 69  ASN A OD1 1 
ATOM   501  N ND2 . ASN A 1 69  ? 9.419   -3.671  -7.154  1.00 13.41 ? 69  ASN A ND2 1 
ATOM   502  N N   . ASN A 1 70  ? 6.220   -0.991  -10.908 1.00 8.92  ? 70  ASN A N   1 
ATOM   503  C CA  . ASN A 1 70  ? 5.950   -0.387  -12.217 1.00 8.77  ? 70  ASN A CA  1 
ATOM   504  C C   . ASN A 1 70  ? 5.177   0.896   -12.018 1.00 8.49  ? 70  ASN A C   1 
ATOM   505  O O   . ASN A 1 70  ? 5.503   1.892   -12.667 1.00 9.43  ? 70  ASN A O   1 
ATOM   506  C CB  . ASN A 1 70  ? 5.097   -1.256  -13.114 1.00 8.85  ? 70  ASN A CB  1 
ATOM   507  C CG  . ASN A 1 70  ? 5.785   -2.453  -13.737 1.00 10.14 ? 70  ASN A CG  1 
ATOM   508  O OD1 . ASN A 1 70  ? 6.949   -2.771  -13.481 1.00 10.66 ? 70  ASN A OD1 1 
ATOM   509  N ND2 . ASN A 1 70  ? 5.069   -3.165  -14.582 1.00 10.83 ? 70  ASN A ND2 1 
ATOM   510  N N   . ALA A 1 71  ? 4.210   0.910   -11.087 1.00 8.08  ? 71  ALA A N   1 
ATOM   511  C CA  . ALA A 1 71  ? 3.412   2.089   -10.791 1.00 8.10  ? 71  ALA A CA  1 
ATOM   512  C C   . ALA A 1 71  ? 4.302   3.254   -10.345 1.00 9.69  ? 71  ALA A C   1 
ATOM   513  O O   . ALA A 1 71  ? 4.152   4.386   -10.838 1.00 9.43  ? 71  ALA A O   1 
ATOM   514  C CB  . ALA A 1 71  ? 2.411   1.741   -9.695  1.00 7.61  ? 71  ALA A CB  1 
ATOM   515  N N   . PHE A 1 72  ? 5.297   3.015   -9.467  1.00 9.17  ? 72  PHE A N   1 
ATOM   516  C CA  . PHE A 1 72  ? 6.195   4.084   -9.029  1.00 10.23 ? 72  PHE A CA  1 
ATOM   517  C C   . PHE A 1 72  ? 7.015   4.618   -10.196 1.00 11.05 ? 72  PHE A C   1 
ATOM   518  O O   . PHE A 1 72  ? 7.115   5.844   -10.387 1.00 12.49 ? 72  PHE A O   1 
ATOM   519  C CB  . PHE A 1 72  ? 7.156   3.589   -7.945  1.00 8.93  ? 72  PHE A CB  1 
ATOM   520  C CG  . PHE A 1 72  ? 6.517   3.171   -6.625  1.00 8.06  ? 72  PHE A CG  1 
ATOM   521  C CD1 . PHE A 1 72  ? 5.489   3.930   -6.048  1.00 8.34  ? 72  PHE A CD1 1 
ATOM   522  C CD2 . PHE A 1 72  ? 6.998   2.032   -5.975  1.00 8.49  ? 72  PHE A CD2 1 
ATOM   523  C CE1 . PHE A 1 72  ? 4.934   3.543   -4.828  1.00 8.21  ? 72  PHE A CE1 1 
ATOM   524  C CE2 . PHE A 1 72  ? 6.440   1.641   -4.757  1.00 7.27  ? 72  PHE A CE2 1 
ATOM   525  C CZ  . PHE A 1 72  ? 5.410   2.398   -4.188  1.00 8.13  ? 72  PHE A CZ  1 
ATOM   526  N N   . GLU A 1 73  ? 7.537   3.730   -11.039 1.00 12.20 ? 73  GLU A N   1 
ATOM   527  C CA  . GLU A 1 73  ? 8.303   4.196   -12.171 1.00 13.75 ? 73  GLU A CA  1 
ATOM   528  C C   . GLU A 1 73  ? 7.447   4.859   -13.231 1.00 13.23 ? 73  GLU A C   1 
ATOM   529  O O   . GLU A 1 73  ? 7.924   5.803   -13.872 1.00 12.70 ? 73  GLU A O   1 
ATOM   530  C CB  . GLU A 1 73  ? 9.091   3.038   -12.755 1.00 16.41 ? 73  GLU A CB  1 
ATOM   531  C CG  . GLU A 1 73  ? 10.261  2.709   -11.826 1.00 21.28 ? 73  GLU A CG  1 
ATOM   532  C CD  . GLU A 1 73  ? 11.118  3.927   -11.473 1.00 24.93 ? 73  GLU A CD  1 
ATOM   533  O OE1 . GLU A 1 73  ? 11.753  4.486   -12.371 1.00 26.58 ? 73  GLU A OE1 1 
ATOM   534  O OE2 . GLU A 1 73  ? 11.137  4.310   -10.288 1.00 26.55 ? 73  GLU A OE2 1 
ATOM   535  N N   . TRP A 1 74  ? 6.166   4.506   -13.423 1.00 12.28 ? 74  TRP A N   1 
ATOM   536  C CA  . TRP A 1 74  ? 5.335   5.225   -14.370 1.00 11.00 ? 74  TRP A CA  1 
ATOM   537  C C   . TRP A 1 74  ? 5.143   6.661   -13.863 1.00 11.00 ? 74  TRP A C   1 
ATOM   538  O O   . TRP A 1 74  ? 5.214   7.603   -14.672 1.00 10.88 ? 74  TRP A O   1 
ATOM   539  C CB  . TRP A 1 74  ? 3.957   4.525   -14.549 1.00 9.74  ? 74  TRP A CB  1 
ATOM   540  C CG  . TRP A 1 74  ? 2.983   5.355   -15.406 1.00 10.47 ? 74  TRP A CG  1 
ATOM   541  C CD1 . TRP A 1 74  ? 2.957   5.239   -16.778 1.00 10.33 ? 74  TRP A CD1 1 
ATOM   542  C CD2 . TRP A 1 74  ? 2.107   6.321   -14.959 1.00 10.50 ? 74  TRP A CD2 1 
ATOM   543  N NE1 . TRP A 1 74  ? 2.089   6.128   -17.201 1.00 10.40 ? 74  TRP A NE1 1 
ATOM   544  C CE2 . TRP A 1 74  ? 1.560   6.792   -16.159 1.00 10.50 ? 74  TRP A CE2 1 
ATOM   545  C CE3 . TRP A 1 74  ? 1.705   6.870   -13.738 1.00 9.46  ? 74  TRP A CE3 1 
ATOM   546  C CZ2 . TRP A 1 74  ? 0.608   7.814   -16.140 1.00 9.45  ? 74  TRP A CZ2 1 
ATOM   547  C CZ3 . TRP A 1 74  ? 0.752   7.895   -13.723 1.00 10.98 ? 74  TRP A CZ3 1 
ATOM   548  C CH2 . TRP A 1 74  ? 0.205   8.367   -14.922 1.00 9.73  ? 74  TRP A CH2 1 
ATOM   549  N N   . ILE A 1 75  ? 4.906   6.900   -12.565 1.00 10.32 ? 75  ILE A N   1 
ATOM   550  C CA  . ILE A 1 75  ? 4.734   8.266   -12.054 1.00 10.64 ? 75  ILE A CA  1 
ATOM   551  C C   . ILE A 1 75  ? 5.962   9.131   -12.376 1.00 10.82 ? 75  ILE A C   1 
ATOM   552  O O   . ILE A 1 75  ? 5.844   10.246  -12.903 1.00 10.83 ? 75  ILE A O   1 
ATOM   553  C CB  . ILE A 1 75  ? 4.469   8.211   -10.507 1.00 10.69 ? 75  ILE A CB  1 
ATOM   554  C CG1 . ILE A 1 75  ? 3.094   7.577   -10.254 1.00 9.91  ? 75  ILE A CG1 1 
ATOM   555  C CG2 . ILE A 1 75  ? 4.511   9.608   -9.883  1.00 9.56  ? 75  ILE A CG2 1 
ATOM   556  C CD1 . ILE A 1 75  ? 2.938   7.195   -8.766  1.00 10.44 ? 75  ILE A CD1 1 
ATOM   557  N N   . VAL A 1 76  ? 7.159   8.601   -12.151 1.00 11.86 ? 76  VAL A N   1 
ATOM   558  C CA  . VAL A 1 76  ? 8.385   9.333   -12.416 1.00 12.39 ? 76  VAL A CA  1 
ATOM   559  C C   . VAL A 1 76  ? 8.668   9.520   -13.905 1.00 13.60 ? 76  VAL A C   1 
ATOM   560  O O   . VAL A 1 76  ? 8.854   10.655  -14.346 1.00 13.18 ? 76  VAL A O   1 
ATOM   561  C CB  . VAL A 1 76  ? 9.563   8.598   -11.708 1.00 12.58 ? 76  VAL A CB  1 
ATOM   562  C CG1 . VAL A 1 76  ? 10.895  9.286   -11.954 1.00 11.35 ? 76  VAL A CG1 1 
ATOM   563  C CG2 . VAL A 1 76  ? 9.302   8.599   -10.206 1.00 13.24 ? 76  VAL A CG2 1 
ATOM   564  N N   . GLN A 1 77  ? 8.646   8.438   -14.681 1.00 14.68 ? 77  GLN A N   1 
ATOM   565  C CA  . GLN A 1 77  ? 9.069   8.490   -16.067 1.00 17.50 ? 77  GLN A CA  1 
ATOM   566  C C   . GLN A 1 77  ? 8.026   9.039   -17.010 1.00 17.39 ? 77  GLN A C   1 
ATOM   567  O O   . GLN A 1 77  ? 8.389   9.734   -17.961 1.00 17.78 ? 77  GLN A O   1 
ATOM   568  C CB  . GLN A 1 77  ? 9.467   7.106   -16.614 1.00 20.36 ? 77  GLN A CB  1 
ATOM   569  C CG  . GLN A 1 77  ? 10.509  6.307   -15.832 1.00 25.69 ? 77  GLN A CG  1 
ATOM   570  C CD  . GLN A 1 77  ? 11.792  7.037   -15.475 1.00 29.23 ? 77  GLN A CD  1 
ATOM   571  O OE1 . GLN A 1 77  ? 12.259  7.923   -16.187 1.00 32.19 ? 77  GLN A OE1 1 
ATOM   572  N NE2 . GLN A 1 77  ? 12.440  6.703   -14.368 1.00 32.02 ? 77  GLN A NE2 1 
ATOM   573  N N   . GLU A 1 78  ? 6.747   8.781   -16.749 1.00 15.62 ? 78  GLU A N   1 
ATOM   574  C CA  . GLU A 1 78  ? 5.727   9.219   -17.677 1.00 15.78 ? 78  GLU A CA  1 
ATOM   575  C C   . GLU A 1 78  ? 4.829   10.322  -17.134 1.00 14.98 ? 78  GLU A C   1 
ATOM   576  O O   . GLU A 1 78  ? 4.129   10.971  -17.911 1.00 16.57 ? 78  GLU A O   1 
ATOM   577  C CB  . GLU A 1 78  ? 4.867   8.039   -18.071 1.00 16.56 ? 78  GLU A CB  1 
ATOM   578  C CG  . GLU A 1 78  ? 5.606   6.847   -18.663 1.00 19.97 ? 78  GLU A CG  1 
ATOM   579  C CD  . GLU A 1 78  ? 6.347   7.074   -19.979 1.00 23.06 ? 78  GLU A CD  1 
ATOM   580  O OE1 . GLU A 1 78  ? 7.393   6.444   -20.183 1.00 25.23 ? 78  GLU A OE1 1 
ATOM   581  O OE2 . GLU A 1 78  ? 5.876   7.850   -20.807 1.00 23.97 ? 78  GLU A OE2 1 
ATOM   582  N N   . ASN A 1 79  A 4.740   10.599  -15.827 1.00 13.00 ? 78  ASN A N   1 
ATOM   583  C CA  . ASN A 1 79  A 3.817   11.631  -15.380 1.00 11.85 ? 78  ASN A CA  1 
ATOM   584  C C   . ASN A 1 79  A 4.517   12.788  -14.710 1.00 11.66 ? 78  ASN A C   1 
ATOM   585  O O   . ASN A 1 79  A 3.944   13.499  -13.880 1.00 12.16 ? 78  ASN A O   1 
ATOM   586  C CB  . ASN A 1 79  A 2.781   11.043  -14.411 1.00 10.92 ? 78  ASN A CB  1 
ATOM   587  C CG  . ASN A 1 79  A 1.484   11.855  -14.410 1.00 10.71 ? 78  ASN A CG  1 
ATOM   588  O OD1 . ASN A 1 79  A 0.776   12.007  -13.414 1.00 11.53 ? 78  ASN A OD1 1 
ATOM   589  N ND2 . ASN A 1 79  A 1.049   12.352  -15.550 1.00 8.17  ? 78  ASN A ND2 1 
ATOM   590  N N   . ASN A 1 80  B 5.808   12.971  -15.015 1.00 10.87 ? 78  ASN A N   1 
ATOM   591  C CA  . ASN A 1 80  B 6.602   14.057  -14.449 1.00 11.43 ? 78  ASN A CA  1 
ATOM   592  C C   . ASN A 1 80  B 6.621   14.110  -12.929 1.00 11.36 ? 78  ASN A C   1 
ATOM   593  O O   . ASN A 1 80  B 6.674   15.177  -12.301 1.00 10.78 ? 78  ASN A O   1 
ATOM   594  C CB  . ASN A 1 80  B 6.105   15.415  -14.985 1.00 11.89 ? 78  ASN A CB  1 
ATOM   595  C CG  . ASN A 1 80  B 6.436   15.572  -16.453 1.00 13.28 ? 78  ASN A CG  1 
ATOM   596  O OD1 . ASN A 1 80  B 5.626   15.318  -17.332 1.00 14.80 ? 78  ASN A OD1 1 
ATOM   597  N ND2 . ASN A 1 80  B 7.638   15.967  -16.807 1.00 13.61 ? 78  ASN A ND2 1 
ATOM   598  N N   . GLY A 1 81  C 6.564   12.909  -12.346 1.00 10.67 ? 78  GLY A N   1 
ATOM   599  C CA  . GLY A 1 81  C 6.610   12.756  -10.907 1.00 10.65 ? 78  GLY A CA  1 
ATOM   600  C C   . GLY A 1 81  C 5.307   13.102  -10.225 1.00 10.50 ? 78  GLY A C   1 
ATOM   601  O O   . GLY A 1 81  C 5.260   12.952  -9.009  1.00 10.82 ? 78  GLY A O   1 
ATOM   602  N N   . ALA A 1 82  ? 4.232   13.495  -10.916 1.00 9.99  ? 79  ALA A N   1 
ATOM   603  C CA  . ALA A 1 82  ? 3.006   13.952  -10.282 1.00 9.14  ? 79  ALA A CA  1 
ATOM   604  C C   . ALA A 1 82  ? 2.038   12.887  -9.811  1.00 9.44  ? 79  ALA A C   1 
ATOM   605  O O   . ALA A 1 82  ? 1.827   11.873  -10.481 1.00 9.83  ? 79  ALA A O   1 
ATOM   606  C CB  . ALA A 1 82  ? 2.245   14.859  -11.245 1.00 8.65  ? 79  ALA A CB  1 
ATOM   607  N N   . VAL A 1 83  ? 1.440   13.096  -8.637  1.00 9.57  ? 80  VAL A N   1 
ATOM   608  C CA  . VAL A 1 83  ? 0.411   12.200  -8.113  1.00 8.81  ? 80  VAL A CA  1 
ATOM   609  C C   . VAL A 1 83  ? -0.745  13.140  -7.785  1.00 9.26  ? 80  VAL A C   1 
ATOM   610  O O   . VAL A 1 83  ? -0.611  14.082  -6.985  1.00 9.47  ? 80  VAL A O   1 
ATOM   611  C CB  . VAL A 1 83  ? 0.873   11.450  -6.808  1.00 8.10  ? 80  VAL A CB  1 
ATOM   612  C CG1 . VAL A 1 83  ? -0.261  10.586  -6.302  1.00 7.60  ? 80  VAL A CG1 1 
ATOM   613  C CG2 . VAL A 1 83  ? 2.102   10.593  -7.087  1.00 8.47  ? 80  VAL A CG2 1 
ATOM   614  N N   . TYR A 1 84  ? -1.890  12.922  -8.420  1.00 8.65  ? 81  TYR A N   1 
ATOM   615  C CA  . TYR A 1 84  ? -3.039  13.812  -8.226  1.00 9.51  ? 81  TYR A CA  1 
ATOM   616  C C   . TYR A 1 84  ? -3.796  13.554  -6.936  1.00 9.66  ? 81  TYR A C   1 
ATOM   617  O O   . TYR A 1 84  ? -3.715  12.453  -6.371  1.00 9.03  ? 81  TYR A O   1 
ATOM   618  C CB  . TYR A 1 84  ? -4.060  13.682  -9.356  1.00 10.09 ? 81  TYR A CB  1 
ATOM   619  C CG  . TYR A 1 84  ? -3.492  13.834  -10.758 1.00 11.07 ? 81  TYR A CG  1 
ATOM   620  C CD1 . TYR A 1 84  ? -2.722  14.936  -11.141 1.00 12.37 ? 81  TYR A CD1 1 
ATOM   621  C CD2 . TYR A 1 84  ? -3.802  12.848  -11.695 1.00 11.94 ? 81  TYR A CD2 1 
ATOM   622  C CE1 . TYR A 1 84  ? -2.279  15.043  -12.465 1.00 12.61 ? 81  TYR A CE1 1 
ATOM   623  C CE2 . TYR A 1 84  ? -3.367  12.943  -13.015 1.00 11.52 ? 81  TYR A CE2 1 
ATOM   624  C CZ  . TYR A 1 84  ? -2.613  14.043  -13.389 1.00 13.04 ? 81  TYR A CZ  1 
ATOM   625  O OH  . TYR A 1 84  ? -2.264  14.154  -14.718 1.00 16.01 ? 81  TYR A OH  1 
ATOM   626  N N   . THR A 1 85  ? -4.505  14.578  -6.446  1.00 9.99  ? 82  THR A N   1 
ATOM   627  C CA  . THR A 1 85  ? -5.320  14.397  -5.255  1.00 10.58 ? 82  THR A CA  1 
ATOM   628  C C   . THR A 1 85  ? -6.494  13.484  -5.583  1.00 10.81 ? 82  THR A C   1 
ATOM   629  O O   . THR A 1 85  ? -6.971  13.482  -6.729  1.00 10.04 ? 82  THR A O   1 
ATOM   630  C CB  . THR A 1 85  ? -5.895  15.731  -4.722  1.00 11.42 ? 82  THR A CB  1 
ATOM   631  O OG1 . THR A 1 85  ? -6.677  16.361  -5.739  1.00 11.07 ? 82  THR A OG1 1 
ATOM   632  C CG2 . THR A 1 85  ? -4.761  16.623  -4.257  1.00 11.57 ? 82  THR A CG2 1 
ATOM   633  N N   . GLU A 1 86  ? -7.002  12.752  -4.584  1.00 10.52 ? 83  GLU A N   1 
ATOM   634  C CA  . GLU A 1 86  ? -8.138  11.857  -4.779  1.00 11.31 ? 83  GLU A CA  1 
ATOM   635  C C   . GLU A 1 86  ? -9.376  12.676  -5.124  1.00 11.53 ? 83  GLU A C   1 
ATOM   636  O O   . GLU A 1 86  ? -10.167 12.331  -5.997  1.00 10.37 ? 83  GLU A O   1 
ATOM   637  C CB  . GLU A 1 86  ? -8.388  11.054  -3.502  1.00 12.40 ? 83  GLU A CB  1 
ATOM   638  C CG  . GLU A 1 86  ? -9.309  9.861   -3.713  1.00 14.18 ? 83  GLU A CG  1 
ATOM   639  C CD  . GLU A 1 86  ? -9.529  8.996   -2.476  1.00 15.75 ? 83  GLU A CD  1 
ATOM   640  O OE1 . GLU A 1 86  ? -8.732  9.024   -1.539  1.00 16.94 ? 83  GLU A OE1 1 
ATOM   641  O OE2 . GLU A 1 86  ? -10.505 8.255   -2.450  1.00 17.25 ? 83  GLU A OE2 1 
ATOM   642  N N   . ASP A 1 87  ? -9.479  13.832  -4.505  1.00 12.72 ? 84  ASP A N   1 
ATOM   643  C CA  . ASP A 1 87  ? -10.563 14.787  -4.704  1.00 14.43 ? 84  ASP A CA  1 
ATOM   644  C C   . ASP A 1 87  ? -10.668 15.229  -6.157  1.00 13.17 ? 84  ASP A C   1 
ATOM   645  O O   . ASP A 1 87  ? -11.759 15.318  -6.733  1.00 13.80 ? 84  ASP A O   1 
ATOM   646  C CB  . ASP A 1 87  ? -10.294 15.979  -3.794  1.00 18.33 ? 84  ASP A CB  1 
ATOM   647  C CG  . ASP A 1 87  ? -9.975  15.534  -2.367  1.00 23.86 ? 84  ASP A CG  1 
ATOM   648  O OD1 . ASP A 1 87  ? -8.841  15.056  -2.100  1.00 25.94 ? 84  ASP A OD1 1 
ATOM   649  O OD2 . ASP A 1 87  ? -10.890 15.631  -1.550  1.00 26.20 ? 84  ASP A OD2 1 
ATOM   650  N N   . SER A 1 88  ? -9.523  15.480  -6.797  1.00 11.60 ? 85  SER A N   1 
ATOM   651  C CA  . SER A 1 88  ? -9.545  15.929  -8.174  1.00 10.92 ? 85  SER A CA  1 
ATOM   652  C C   . SER A 1 88  ? -9.546  14.785  -9.183  1.00 11.31 ? 85  SER A C   1 
ATOM   653  O O   . SER A 1 88  ? -9.682  15.033  -10.390 1.00 11.35 ? 85  SER A O   1 
ATOM   654  C CB  . SER A 1 88  ? -8.355  16.837  -8.439  1.00 10.29 ? 85  SER A CB  1 
ATOM   655  O OG  . SER A 1 88  ? -7.081  16.203  -8.456  1.00 9.57  ? 85  SER A OG  1 
ATOM   656  N N   . TYR A 1 89  ? -9.298  13.533  -8.781  1.00 9.70  ? 86  TYR A N   1 
ATOM   657  C CA  . TYR A 1 89  ? -9.435  12.411  -9.688  1.00 10.08 ? 86  TYR A CA  1 
ATOM   658  C C   . TYR A 1 89  ? -9.997  11.264  -8.842  1.00 10.66 ? 86  TYR A C   1 
ATOM   659  O O   . TYR A 1 89  ? -9.259  10.353  -8.451  1.00 9.73  ? 86  TYR A O   1 
ATOM   660  C CB  . TYR A 1 89  ? -8.076  12.037  -10.329 1.00 8.38  ? 86  TYR A CB  1 
ATOM   661  C CG  . TYR A 1 89  ? -8.143  11.251  -11.646 1.00 8.01  ? 86  TYR A CG  1 
ATOM   662  C CD1 . TYR A 1 89  ? -9.308  10.628  -12.112 1.00 9.01  ? 86  TYR A CD1 1 
ATOM   663  C CD2 . TYR A 1 89  ? -7.000  11.185  -12.438 1.00 9.01  ? 86  TYR A CD2 1 
ATOM   664  C CE1 . TYR A 1 89  ? -9.324  9.937   -13.326 1.00 8.89  ? 86  TYR A CE1 1 
ATOM   665  C CE2 . TYR A 1 89  ? -6.992  10.501  -13.656 1.00 8.84  ? 86  TYR A CE2 1 
ATOM   666  C CZ  . TYR A 1 89  ? -8.167  9.890   -14.107 1.00 9.37  ? 86  TYR A CZ  1 
ATOM   667  O OH  . TYR A 1 89  ? -8.168  9.234   -15.329 1.00 9.70  ? 86  TYR A OH  1 
ATOM   668  N N   . PRO A 1 90  ? -11.306 11.289  -8.537  1.00 10.51 ? 87  PRO A N   1 
ATOM   669  C CA  . PRO A 1 90  ? -11.979 10.330  -7.651  1.00 10.52 ? 87  PRO A CA  1 
ATOM   670  C C   . PRO A 1 90  ? -11.999 8.919   -8.206  1.00 10.48 ? 87  PRO A C   1 
ATOM   671  O O   . PRO A 1 90  ? -11.849 8.733   -9.424  1.00 11.19 ? 87  PRO A O   1 
ATOM   672  C CB  . PRO A 1 90  ? -13.375 10.859  -7.463  1.00 10.81 ? 87  PRO A CB  1 
ATOM   673  C CG  . PRO A 1 90  ? -13.277 12.296  -7.907  1.00 12.05 ? 87  PRO A CG  1 
ATOM   674  C CD  . PRO A 1 90  ? -12.253 12.293  -9.020  1.00 10.48 ? 87  PRO A CD  1 
ATOM   675  N N   . TYR A 1 91  ? -12.193 7.921   -7.336  1.00 10.60 ? 88  TYR A N   1 
ATOM   676  C CA  . TYR A 1 91  ? -12.221 6.542   -7.770  1.00 10.84 ? 88  TYR A CA  1 
ATOM   677  C C   . TYR A 1 91  ? -13.487 6.347   -8.572  1.00 11.13 ? 88  TYR A C   1 
ATOM   678  O O   . TYR A 1 91  ? -14.597 6.705   -8.173  1.00 11.17 ? 88  TYR A O   1 
ATOM   679  C CB  . TYR A 1 91  ? -12.239 5.591   -6.587  1.00 10.61 ? 88  TYR A CB  1 
ATOM   680  C CG  . TYR A 1 91  ? -11.860 4.156   -6.959  1.00 10.45 ? 88  TYR A CG  1 
ATOM   681  C CD1 . TYR A 1 91  ? -10.589 3.885   -7.495  1.00 9.59  ? 88  TYR A CD1 1 
ATOM   682  C CD2 . TYR A 1 91  ? -12.770 3.111   -6.730  1.00 10.33 ? 88  TYR A CD2 1 
ATOM   683  C CE1 . TYR A 1 91  ? -10.227 2.574   -7.803  1.00 7.59  ? 88  TYR A CE1 1 
ATOM   684  C CE2 . TYR A 1 91  ? -12.402 1.800   -7.033  1.00 7.53  ? 88  TYR A CE2 1 
ATOM   685  C CZ  . TYR A 1 91  ? -11.135 1.542   -7.568  1.00 8.63  ? 88  TYR A CZ  1 
ATOM   686  O OH  . TYR A 1 91  ? -10.764 0.255   -7.885  1.00 8.33  ? 88  TYR A OH  1 
ATOM   687  N N   . ALA A 1 92  ? -13.264 5.776   -9.742  1.00 11.11 ? 89  ALA A N   1 
ATOM   688  C CA  . ALA A 1 92  ? -14.318 5.537   -10.704 1.00 11.02 ? 89  ALA A CA  1 
ATOM   689  C C   . ALA A 1 92  ? -14.357 4.092   -11.195 1.00 12.00 ? 89  ALA A C   1 
ATOM   690  O O   . ALA A 1 92  ? -15.122 3.773   -12.109 1.00 12.39 ? 89  ALA A O   1 
ATOM   691  C CB  . ALA A 1 92  ? -14.092 6.482   -11.879 1.00 11.05 ? 89  ALA A CB  1 
ATOM   692  N N   . SER A 1 93  A -13.590 3.178   -10.605 1.00 11.23 ? 89  SER A N   1 
ATOM   693  C CA  . SER A 1 93  A -13.525 1.808   -11.091 1.00 10.72 ? 89  SER A CA  1 
ATOM   694  C C   . SER A 1 93  A -14.206 0.754   -10.214 1.00 10.40 ? 89  SER A C   1 
ATOM   695  O O   . SER A 1 93  A -13.987 -0.448  -10.405 1.00 11.17 ? 89  SER A O   1 
ATOM   696  C CB  . SER A 1 93  A -12.040 1.465   -11.297 1.00 10.75 ? 89  SER A CB  1 
ATOM   697  O OG  . SER A 1 93  A -11.504 2.228   -12.363 1.00 11.58 ? 89  SER A OG  1 
ATOM   698  N N   . GLY A 1 94  B -15.103 1.144   -9.304  1.00 10.02 ? 89  GLY A N   1 
ATOM   699  C CA  . GLY A 1 94  B -15.763 0.230   -8.387  1.00 11.52 ? 89  GLY A CA  1 
ATOM   700  C C   . GLY A 1 94  B -16.549 -0.883  -9.074  1.00 11.76 ? 89  GLY A C   1 
ATOM   701  O O   . GLY A 1 94  B -16.614 -1.989  -8.530  1.00 11.36 ? 89  GLY A O   1 
ATOM   702  N N   . GLU A 1 95  C -17.084 -0.648  -10.278 1.00 11.91 ? 89  GLU A N   1 
ATOM   703  C CA  . GLU A 1 95  C -17.855 -1.661  -10.990 1.00 13.79 ? 89  GLU A CA  1 
ATOM   704  C C   . GLU A 1 95  C -16.971 -2.667  -11.716 1.00 14.87 ? 89  GLU A C   1 
ATOM   705  O O   . GLU A 1 95  C -17.485 -3.659  -12.251 1.00 15.67 ? 89  GLU A O   1 
ATOM   706  C CB  . GLU A 1 95  C -18.806 -1.023  -12.019 1.00 13.80 ? 89  GLU A CB  1 
ATOM   707  C CG  . GLU A 1 95  C -19.847 -0.112  -11.422 1.00 15.68 ? 89  GLU A CG  1 
ATOM   708  C CD  . GLU A 1 95  C -20.689 -0.747  -10.322 1.00 16.37 ? 89  GLU A CD  1 
ATOM   709  O OE1 . GLU A 1 95  C -21.325 -1.776  -10.568 1.00 16.74 ? 89  GLU A OE1 1 
ATOM   710  O OE2 . GLU A 1 95  C -20.724 -0.218  -9.205  1.00 17.64 ? 89  GLU A OE2 1 
ATOM   711  N N   . GLY A 1 96  ? -15.652 -2.443  -11.770 1.00 14.73 ? 90  GLY A N   1 
ATOM   712  C CA  . GLY A 1 96  ? -14.770 -3.416  -12.380 1.00 16.80 ? 90  GLY A CA  1 
ATOM   713  C C   . GLY A 1 96  ? -14.195 -2.967  -13.710 1.00 17.98 ? 90  GLY A C   1 
ATOM   714  O O   . GLY A 1 96  ? -13.491 -3.739  -14.361 1.00 18.86 ? 90  GLY A O   1 
ATOM   715  N N   . ILE A 1 97  ? -14.435 -1.728  -14.135 1.00 18.78 ? 91  ILE A N   1 
ATOM   716  C CA  . ILE A 1 97  ? -13.899 -1.215  -15.389 1.00 20.99 ? 91  ILE A CA  1 
ATOM   717  C C   . ILE A 1 97  ? -13.124 0.071   -15.122 1.00 20.16 ? 91  ILE A C   1 
ATOM   718  O O   . ILE A 1 97  ? -13.456 0.832   -14.204 1.00 20.58 ? 91  ILE A O   1 
ATOM   719  C CB  . ILE A 1 97  ? -15.022 -0.912  -16.420 1.00 22.94 ? 91  ILE A CB  1 
ATOM   720  C CG1 . ILE A 1 97  ? -16.050 -0.001  -15.785 1.00 24.27 ? 91  ILE A CG1 1 
ATOM   721  C CG2 . ILE A 1 97  ? -15.611 -2.222  -16.940 1.00 23.67 ? 91  ILE A CG2 1 
ATOM   722  C CD1 . ILE A 1 97  ? -17.057 0.504   -16.779 1.00 26.71 ? 91  ILE A CD1 1 
ATOM   723  N N   . SER A 1 98  ? -12.103 0.329   -15.926 1.00 20.10 ? 92  SER A N   1 
ATOM   724  C CA  . SER A 1 98  ? -11.331 1.544   -15.775 1.00 20.35 ? 92  SER A CA  1 
ATOM   725  C C   . SER A 1 98  ? -11.735 2.471   -16.900 1.00 19.61 ? 92  SER A C   1 
ATOM   726  O O   . SER A 1 98  ? -11.484 2.163   -18.066 1.00 19.68 ? 92  SER A O   1 
ATOM   727  C CB  . SER A 1 98  ? -9.825  1.279   -15.855 1.00 20.73 ? 92  SER A CB  1 
ATOM   728  O OG  . SER A 1 98  ? -9.499  0.184   -16.698 1.00 23.50 ? 92  SER A OG  1 
ATOM   729  N N   . PRO A 1 99  ? -12.392 3.599   -16.648 1.00 19.02 ? 93  PRO A N   1 
ATOM   730  C CA  . PRO A 1 99  ? -12.599 4.637   -17.664 1.00 18.17 ? 93  PRO A CA  1 
ATOM   731  C C   . PRO A 1 99  ? -11.310 5.140   -18.341 1.00 17.17 ? 93  PRO A C   1 
ATOM   732  O O   . PRO A 1 99  ? -10.207 4.940   -17.807 1.00 16.21 ? 93  PRO A O   1 
ATOM   733  C CB  . PRO A 1 99  ? -13.367 5.685   -16.895 1.00 18.50 ? 93  PRO A CB  1 
ATOM   734  C CG  . PRO A 1 99  ? -13.062 5.406   -15.438 1.00 20.01 ? 93  PRO A CG  1 
ATOM   735  C CD  . PRO A 1 99  ? -13.045 3.900   -15.388 1.00 18.43 ? 93  PRO A CD  1 
ATOM   736  N N   . PRO A 1 100 ? -11.337 5.716   -19.552 1.00 16.23 ? 94  PRO A N   1 
ATOM   737  C CA  . PRO A 1 100 ? -10.168 6.300   -20.203 1.00 15.58 ? 94  PRO A CA  1 
ATOM   738  C C   . PRO A 1 100 ? -9.483  7.389   -19.370 1.00 15.03 ? 94  PRO A C   1 
ATOM   739  O O   . PRO A 1 100 ? -10.113 8.192   -18.681 1.00 14.20 ? 94  PRO A O   1 
ATOM   740  C CB  . PRO A 1 100 ? -10.693 6.830   -21.527 1.00 15.11 ? 94  PRO A CB  1 
ATOM   741  C CG  . PRO A 1 100 ? -11.867 5.915   -21.804 1.00 16.19 ? 94  PRO A CG  1 
ATOM   742  C CD  . PRO A 1 100 ? -12.500 5.750   -20.435 1.00 16.50 ? 94  PRO A CD  1 
ATOM   743  N N   . CYS A 1 101 ? -8.157  7.342   -19.420 1.00 13.85 ? 95  CYS A N   1 
ATOM   744  C CA  . CYS A 1 101 ? -7.338  8.337   -18.762 1.00 15.19 ? 95  CYS A CA  1 
ATOM   745  C C   . CYS A 1 101 ? -7.634  9.778   -19.174 1.00 16.85 ? 95  CYS A C   1 
ATOM   746  O O   . CYS A 1 101 ? -7.763  10.059  -20.376 1.00 16.44 ? 95  CYS A O   1 
ATOM   747  C CB  . CYS A 1 101 ? -5.871  8.050   -19.058 1.00 14.12 ? 95  CYS A CB  1 
ATOM   748  S SG  . CYS A 1 101 ? -4.745  9.234   -18.289 1.00 11.67 ? 95  CYS A SG  1 
ATOM   749  N N   . THR A 1 102 ? -7.806  10.698  -18.222 1.00 18.14 ? 96  THR A N   1 
ATOM   750  C CA  . THR A 1 102 ? -7.884  12.100  -18.583 1.00 20.24 ? 96  THR A CA  1 
ATOM   751  C C   . THR A 1 102 ? -6.630  12.717  -17.986 1.00 20.22 ? 96  THR A C   1 
ATOM   752  O O   . THR A 1 102 ? -6.273  12.524  -16.814 1.00 18.51 ? 96  THR A O   1 
ATOM   753  C CB  . THR A 1 102 ? -9.194  12.753  -18.020 1.00 21.63 ? 96  THR A CB  1 
ATOM   754  O OG1 . THR A 1 102 ? -9.242  12.651  -16.596 1.00 23.08 ? 96  THR A OG1 1 
ATOM   755  C CG2 . THR A 1 102 ? -10.419 12.065  -18.629 1.00 23.77 ? 96  THR A CG2 1 
ATOM   756  N N   . THR A 1 103 ? -5.959  13.449  -18.857 1.00 20.43 ? 97  THR A N   1 
ATOM   757  C CA  . THR A 1 103 ? -4.700  14.101  -18.568 1.00 21.48 ? 97  THR A CA  1 
ATOM   758  C C   . THR A 1 103 ? -4.777  15.501  -17.980 1.00 20.72 ? 97  THR A C   1 
ATOM   759  O O   . THR A 1 103 ? -3.749  16.083  -17.619 1.00 21.87 ? 97  THR A O   1 
ATOM   760  C CB  . THR A 1 103 ? -3.888  14.121  -19.870 1.00 23.74 ? 97  THR A CB  1 
ATOM   761  O OG1 . THR A 1 103 ? -4.837  14.291  -20.948 1.00 25.50 ? 97  THR A OG1 1 
ATOM   762  C CG2 . THR A 1 103 ? -3.020  12.877  -20.015 1.00 24.13 ? 97  THR A CG2 1 
ATOM   763  N N   . SER A 1 104 ? -5.965  16.084  -17.876 1.00 19.36 ? 98  SER A N   1 
ATOM   764  C CA  . SER A 1 104 ? -6.080  17.438  -17.368 1.00 17.39 ? 98  SER A CA  1 
ATOM   765  C C   . SER A 1 104 ? -7.293  17.468  -16.461 1.00 15.77 ? 98  SER A C   1 
ATOM   766  O O   . SER A 1 104 ? -7.984  16.444  -16.323 1.00 15.85 ? 98  SER A O   1 
ATOM   767  C CB  . SER A 1 104 ? -6.229  18.405  -18.558 1.00 16.82 ? 98  SER A CB  1 
ATOM   768  O OG  . SER A 1 104 ? -7.453  18.304  -19.286 1.00 17.55 ? 98  SER A OG  1 
ATOM   769  N N   . GLY A 1 105 ? -7.529  18.599  -15.808 1.00 13.83 ? 99  GLY A N   1 
ATOM   770  C CA  . GLY A 1 105 ? -8.667  18.754  -14.920 1.00 13.83 ? 99  GLY A CA  1 
ATOM   771  C C   . GLY A 1 105 ? -8.348  18.174  -13.548 1.00 14.04 ? 99  GLY A C   1 
ATOM   772  O O   . GLY A 1 105 ? -9.267  17.845  -12.784 1.00 14.94 ? 99  GLY A O   1 
ATOM   773  N N   . HIS A 1 106 ? -7.075  17.969  -13.193 1.00 13.02 ? 100 HIS A N   1 
ATOM   774  C CA  . HIS A 1 106 ? -6.753  17.389  -11.891 1.00 12.89 ? 100 HIS A CA  1 
ATOM   775  C C   . HIS A 1 106 ? -5.737  18.307  -11.203 1.00 13.34 ? 100 HIS A C   1 
ATOM   776  O O   . HIS A 1 106 ? -5.206  19.243  -11.829 1.00 14.17 ? 100 HIS A O   1 
ATOM   777  C CB  . HIS A 1 106 ? -6.186  15.946  -12.079 1.00 11.32 ? 100 HIS A CB  1 
ATOM   778  C CG  . HIS A 1 106 ? -7.072  15.028  -12.918 1.00 9.46  ? 100 HIS A CG  1 
ATOM   779  N ND1 . HIS A 1 106 ? -8.354  14.721  -12.749 1.00 9.38  ? 100 HIS A ND1 1 
ATOM   780  C CD2 . HIS A 1 106 ? -6.659  14.427  -14.084 1.00 9.40  ? 100 HIS A CD2 1 
ATOM   781  C CE1 . HIS A 1 106 ? -8.735  13.981  -13.759 1.00 8.53  ? 100 HIS A CE1 1 
ATOM   782  N NE2 . HIS A 1 106 ? -7.713  13.805  -14.558 1.00 9.16  ? 100 HIS A NE2 1 
ATOM   783  N N   . THR A 1 107 ? -5.482  18.105  -9.908  1.00 12.75 ? 101 THR A N   1 
ATOM   784  C CA  . THR A 1 107 ? -4.557  18.929  -9.142  1.00 12.77 ? 101 THR A CA  1 
ATOM   785  C C   . THR A 1 107 ? -3.466  18.026  -8.597  1.00 11.65 ? 101 THR A C   1 
ATOM   786  O O   . THR A 1 107 ? -3.790  16.922  -8.135  1.00 12.21 ? 101 THR A O   1 
ATOM   787  C CB  . THR A 1 107 ? -5.282  19.584  -7.960  1.00 12.34 ? 101 THR A CB  1 
ATOM   788  O OG1 . THR A 1 107 ? -6.506  20.126  -8.425  1.00 15.86 ? 101 THR A OG1 1 
ATOM   789  C CG2 . THR A 1 107 ? -4.419  20.654  -7.344  1.00 14.09 ? 101 THR A CG2 1 
ATOM   790  N N   . VAL A 1 108 ? -2.197  18.464  -8.604  1.00 10.83 ? 102 VAL A N   1 
ATOM   791  C CA  . VAL A 1 108 ? -1.101  17.673  -8.086  1.00 10.10 ? 102 VAL A CA  1 
ATOM   792  C C   . VAL A 1 108 ? -1.152  17.817  -6.576  1.00 10.67 ? 102 VAL A C   1 
ATOM   793  O O   . VAL A 1 108 ? -1.293  18.906  -6.015  1.00 11.05 ? 102 VAL A O   1 
ATOM   794  C CB  . VAL A 1 108 ? 0.241   18.209  -8.663  1.00 10.62 ? 102 VAL A CB  1 
ATOM   795  C CG1 . VAL A 1 108 ? 1.412   17.387  -8.138  1.00 9.97  ? 102 VAL A CG1 1 
ATOM   796  C CG2 . VAL A 1 108 ? 0.232   18.099  -10.189 1.00 9.68  ? 102 VAL A CG2 1 
ATOM   797  N N   . GLY A 1 109 ? -1.139  16.668  -5.922  1.00 10.69 ? 103 GLY A N   1 
ATOM   798  C CA  . GLY A 1 109 ? -1.158  16.588  -4.471  1.00 10.66 ? 103 GLY A CA  1 
ATOM   799  C C   . GLY A 1 109 ? 0.194   16.169  -3.898  1.00 10.85 ? 103 GLY A C   1 
ATOM   800  O O   . GLY A 1 109 ? 0.516   16.503  -2.761  1.00 11.50 ? 103 GLY A O   1 
ATOM   801  N N   . ALA A 1 110 ? 1.008   15.446  -4.649  1.00 10.28 ? 105 ALA A N   1 
ATOM   802  C CA  . ALA A 1 110 ? 2.302   14.980  -4.195  1.00 10.82 ? 105 ALA A CA  1 
ATOM   803  C C   . ALA A 1 110 ? 3.206   14.750  -5.389  1.00 10.47 ? 105 ALA A C   1 
ATOM   804  O O   . ALA A 1 110 ? 2.717   14.641  -6.521  1.00 11.52 ? 105 ALA A O   1 
ATOM   805  C CB  . ALA A 1 110 ? 2.150   13.660  -3.453  1.00 10.03 ? 105 ALA A CB  1 
ATOM   806  N N   . THR A 1 111 ? 4.511   14.686  -5.167  1.00 10.17 ? 106 THR A N   1 
ATOM   807  C CA  . THR A 1 111 ? 5.459   14.364  -6.215  1.00 9.75  ? 106 THR A CA  1 
ATOM   808  C C   . THR A 1 111 ? 6.415   13.330  -5.629  1.00 9.75  ? 106 THR A C   1 
ATOM   809  O O   . THR A 1 111 ? 6.631   13.323  -4.407  1.00 9.22  ? 106 THR A O   1 
ATOM   810  C CB  . THR A 1 111 ? 6.252   15.627  -6.681  1.00 10.96 ? 106 THR A CB  1 
ATOM   811  O OG1 . THR A 1 111 ? 6.754   16.303  -5.511  1.00 12.09 ? 106 THR A OG1 1 
ATOM   812  C CG2 . THR A 1 111 ? 5.386   16.516  -7.569  1.00 10.80 ? 106 THR A CG2 1 
ATOM   813  N N   . ILE A 1 112 ? 6.944   12.427  -6.444  1.00 9.71  ? 107 ILE A N   1 
ATOM   814  C CA  . ILE A 1 112 ? 7.966   11.486  -5.984  1.00 9.67  ? 107 ILE A CA  1 
ATOM   815  C C   . ILE A 1 112 ? 9.121   11.547  -6.965  1.00 10.36 ? 107 ILE A C   1 
ATOM   816  O O   . ILE A 1 112 ? 8.955   12.030  -8.094  1.00 10.83 ? 107 ILE A O   1 
ATOM   817  C CB  . ILE A 1 112 ? 7.479   9.988   -5.897  1.00 9.36  ? 107 ILE A CB  1 
ATOM   818  C CG1 . ILE A 1 112 ? 7.032   9.428   -7.239  1.00 9.30  ? 107 ILE A CG1 1 
ATOM   819  C CG2 . ILE A 1 112 ? 6.369   9.925   -4.849  1.00 8.06  ? 107 ILE A CG2 1 
ATOM   820  C CD1 . ILE A 1 112 ? 6.840   7.895   -7.201  1.00 10.16 ? 107 ILE A CD1 1 
ATOM   821  N N   . THR A 1 113 ? 10.310  11.092  -6.583  1.00 11.24 ? 108 THR A N   1 
ATOM   822  C CA  . THR A 1 113 ? 11.489  11.145  -7.441  1.00 12.52 ? 108 THR A CA  1 
ATOM   823  C C   . THR A 1 113 ? 11.995  9.760   -7.832  1.00 12.69 ? 108 THR A C   1 
ATOM   824  O O   . THR A 1 113 ? 12.853  9.625   -8.713  1.00 14.48 ? 108 THR A O   1 
ATOM   825  C CB  . THR A 1 113 ? 12.613  11.930  -6.703  1.00 13.84 ? 108 THR A CB  1 
ATOM   826  O OG1 . THR A 1 113 ? 12.762  11.349  -5.405  1.00 15.10 ? 108 THR A OG1 1 
ATOM   827  C CG2 . THR A 1 113 ? 12.306  13.391  -6.588  1.00 12.87 ? 108 THR A CG2 1 
ATOM   828  N N   . GLY A 1 114 ? 11.534  8.699   -7.174  1.00 12.38 ? 109 GLY A N   1 
ATOM   829  C CA  . GLY A 1 114 ? 11.996  7.365   -7.490  1.00 11.55 ? 109 GLY A CA  1 
ATOM   830  C C   . GLY A 1 114 ? 11.375  6.392   -6.506  1.00 11.21 ? 109 GLY A C   1 
ATOM   831  O O   . GLY A 1 114 ? 10.348  6.702   -5.895  1.00 10.57 ? 109 GLY A O   1 
ATOM   832  N N   . HIS A 1 115 ? 12.002  5.231   -6.327  1.00 10.88 ? 110 HIS A N   1 
ATOM   833  C CA  . HIS A 1 115 ? 11.515  4.218   -5.413  1.00 11.81 ? 110 HIS A CA  1 
ATOM   834  C C   . HIS A 1 115 ? 12.689  3.325   -5.026  1.00 11.53 ? 110 HIS A C   1 
ATOM   835  O O   . HIS A 1 115 ? 13.655  3.244   -5.786  1.00 12.46 ? 110 HIS A O   1 
ATOM   836  C CB  . HIS A 1 115 ? 10.384  3.380   -6.072  1.00 12.03 ? 110 HIS A CB  1 
ATOM   837  C CG  . HIS A 1 115 ? 10.800  2.252   -7.010  1.00 14.21 ? 110 HIS A CG  1 
ATOM   838  N ND1 . HIS A 1 115 ? 11.255  2.300   -8.258  1.00 14.97 ? 110 HIS A ND1 1 
ATOM   839  C CD2 . HIS A 1 115 ? 10.813  0.934   -6.621  1.00 13.94 ? 110 HIS A CD2 1 
ATOM   840  C CE1 . HIS A 1 115 ? 11.561  1.087   -8.646  1.00 14.59 ? 110 HIS A CE1 1 
ATOM   841  N NE2 . HIS A 1 115 ? 11.286  0.291   -7.651  1.00 15.38 ? 110 HIS A NE2 1 
ATOM   842  N N   . VAL A 1 116 ? 12.653  2.678   -3.869  1.00 11.43 ? 111 VAL A N   1 
ATOM   843  C CA  . VAL A 1 116 ? 13.691  1.753   -3.424  1.00 11.12 ? 111 VAL A CA  1 
ATOM   844  C C   . VAL A 1 116 ? 13.019  0.409   -3.189  1.00 11.92 ? 111 VAL A C   1 
ATOM   845  O O   . VAL A 1 116 ? 11.842  0.343   -2.799  1.00 11.72 ? 111 VAL A O   1 
ATOM   846  C CB  . VAL A 1 116 ? 14.371  2.181   -2.085  1.00 11.28 ? 111 VAL A CB  1 
ATOM   847  C CG1 . VAL A 1 116 ? 15.194  3.413   -2.347  1.00 11.51 ? 111 VAL A CG1 1 
ATOM   848  C CG2 . VAL A 1 116 ? 13.373  2.515   -0.999  1.00 10.93 ? 111 VAL A CG2 1 
ATOM   849  N N   . GLU A 1 117 ? 13.733  -0.665  -3.461  1.00 12.64 ? 112 GLU A N   1 
ATOM   850  C CA  . GLU A 1 117 ? 13.225  -2.009  -3.236  1.00 14.07 ? 112 GLU A CA  1 
ATOM   851  C C   . GLU A 1 117 ? 13.978  -2.474  -1.997  1.00 14.10 ? 112 GLU A C   1 
ATOM   852  O O   . GLU A 1 117 ? 15.204  -2.341  -1.900  1.00 14.08 ? 112 GLU A O   1 
ATOM   853  C CB  . GLU A 1 117 ? 13.518  -2.853  -4.482  1.00 15.44 ? 112 GLU A CB  1 
ATOM   854  C CG  . GLU A 1 117 ? 12.702  -2.280  -5.656  1.00 18.47 ? 112 GLU A CG  1 
ATOM   855  C CD  . GLU A 1 117 ? 12.895  -2.886  -7.041  1.00 20.46 ? 112 GLU A CD  1 
ATOM   856  O OE1 . GLU A 1 117 ? 13.575  -3.899  -7.170  1.00 21.76 ? 112 GLU A OE1 1 
ATOM   857  O OE2 . GLU A 1 117 ? 12.332  -2.332  -7.994  1.00 22.16 ? 112 GLU A OE2 1 
ATOM   858  N N   . LEU A 1 118 ? 13.242  -2.946  -0.998  1.00 14.43 ? 113 LEU A N   1 
ATOM   859  C CA  . LEU A 1 118 ? 13.815  -3.310  0.281   1.00 14.66 ? 113 LEU A CA  1 
ATOM   860  C C   . LEU A 1 118 ? 14.308  -4.747  0.303   1.00 14.44 ? 113 LEU A C   1 
ATOM   861  O O   . LEU A 1 118 ? 13.861  -5.549  -0.523  1.00 13.58 ? 113 LEU A O   1 
ATOM   862  C CB  . LEU A 1 118 ? 12.764  -3.087  1.369   1.00 15.65 ? 113 LEU A CB  1 
ATOM   863  C CG  . LEU A 1 118 ? 12.192  -1.679  1.572   1.00 17.45 ? 113 LEU A CG  1 
ATOM   864  C CD1 . LEU A 1 118 ? 11.642  -1.601  2.981   1.00 17.93 ? 113 LEU A CD1 1 
ATOM   865  C CD2 . LEU A 1 118 ? 13.261  -0.609  1.435   1.00 18.71 ? 113 LEU A CD2 1 
ATOM   866  N N   . PRO A 1 119 ? 15.247  -5.126  1.188   1.00 15.35 ? 114 PRO A N   1 
ATOM   867  C CA  . PRO A 1 119 ? 15.753  -6.501  1.325   1.00 15.72 ? 114 PRO A CA  1 
ATOM   868  C C   . PRO A 1 119 ? 14.651  -7.508  1.625   1.00 16.05 ? 114 PRO A C   1 
ATOM   869  O O   . PRO A 1 119 ? 13.653  -7.184  2.275   1.00 15.96 ? 114 PRO A O   1 
ATOM   870  C CB  . PRO A 1 119 ? 16.768  -6.450  2.449   1.00 15.47 ? 114 PRO A CB  1 
ATOM   871  C CG  . PRO A 1 119 ? 17.194  -4.998  2.487   1.00 16.91 ? 114 PRO A CG  1 
ATOM   872  C CD  . PRO A 1 119 ? 15.891  -4.260  2.178   1.00 15.39 ? 114 PRO A CD  1 
ATOM   873  N N   . GLN A 1 120 ? 14.790  -8.754  1.195   1.00 16.51 ? 115 GLN A N   1 
ATOM   874  C CA  . GLN A 1 120 ? 13.789  -9.755  1.509   1.00 17.50 ? 115 GLN A CA  1 
ATOM   875  C C   . GLN A 1 120 ? 14.103  -10.374 2.866   1.00 17.37 ? 115 GLN A C   1 
ATOM   876  O O   . GLN A 1 120 ? 14.409  -11.577 2.983   1.00 16.94 ? 115 GLN A O   1 
ATOM   877  C CB  . GLN A 1 120 ? 13.792  -10.794 0.393   1.00 19.47 ? 115 GLN A CB  1 
ATOM   878  C CG  . GLN A 1 120 ? 13.340  -10.221 -0.944  1.00 21.69 ? 115 GLN A CG  1 
ATOM   879  C CD  . GLN A 1 120 ? 13.514  -11.233 -2.065  1.00 24.48 ? 115 GLN A CD  1 
ATOM   880  O OE1 . GLN A 1 120 ? 14.619  -11.744 -2.244  1.00 26.19 ? 115 GLN A OE1 1 
ATOM   881  N NE2 . GLN A 1 120 ? 12.527  -11.605 -2.863  1.00 24.46 ? 115 GLN A NE2 1 
ATOM   882  N N   . ASP A 1 121 ? 13.953  -9.543  3.895   1.00 16.39 ? 116 ASP A N   1 
ATOM   883  C CA  . ASP A 1 121 ? 14.296  -9.908  5.263   1.00 15.75 ? 116 ASP A CA  1 
ATOM   884  C C   . ASP A 1 121 ? 13.402  -9.085  6.174   1.00 14.66 ? 116 ASP A C   1 
ATOM   885  O O   . ASP A 1 121 ? 13.455  -7.849  6.154   1.00 13.02 ? 116 ASP A O   1 
ATOM   886  C CB  . ASP A 1 121 ? 15.776  -9.586  5.516   1.00 18.01 ? 116 ASP A CB  1 
ATOM   887  C CG  . ASP A 1 121 ? 16.330  -9.909  6.903   1.00 20.28 ? 116 ASP A CG  1 
ATOM   888  O OD1 . ASP A 1 121 ? 15.754  -9.507  7.920   1.00 21.76 ? 116 ASP A OD1 1 
ATOM   889  O OD2 . ASP A 1 121 ? 17.389  -10.518 6.972   1.00 22.33 ? 116 ASP A OD2 1 
ATOM   890  N N   . GLU A 1 122 ? 12.566  -9.744  6.993   1.00 13.62 ? 117 GLU A N   1 
ATOM   891  C CA  . GLU A 1 122 ? 11.651  -9.037  7.878   1.00 13.48 ? 117 GLU A CA  1 
ATOM   892  C C   . GLU A 1 122 ? 12.300  -8.127  8.909   1.00 13.03 ? 117 GLU A C   1 
ATOM   893  O O   . GLU A 1 122 ? 11.752  -7.051  9.191   1.00 11.93 ? 117 GLU A O   1 
ATOM   894  C CB  . GLU A 1 122 ? 10.756  -10.029 8.622   1.00 13.81 ? 117 GLU A CB  1 
ATOM   895  C CG  . GLU A 1 122 ? 9.704   -10.599 7.698   1.00 13.84 ? 117 GLU A CG  1 
ATOM   896  C CD  . GLU A 1 122 ? 8.863   -11.639 8.391   1.00 14.85 ? 117 GLU A CD  1 
ATOM   897  O OE1 . GLU A 1 122 ? 9.277   -12.792 8.427   1.00 14.69 ? 117 GLU A OE1 1 
ATOM   898  O OE2 . GLU A 1 122 ? 7.804   -11.333 8.930   1.00 14.65 ? 117 GLU A OE2 1 
ATOM   899  N N   . ALA A 1 123 ? 13.469  -8.499  9.457   1.00 11.98 ? 118 ALA A N   1 
ATOM   900  C CA  . ALA A 1 123 ? 14.122  -7.667  10.451  1.00 12.51 ? 118 ALA A CA  1 
ATOM   901  C C   . ALA A 1 123 ? 14.656  -6.398  9.782   1.00 12.41 ? 118 ALA A C   1 
ATOM   902  O O   . ALA A 1 123 ? 14.615  -5.301  10.357  1.00 12.27 ? 118 ALA A O   1 
ATOM   903  C CB  . ALA A 1 123 ? 15.290  -8.410  11.095  1.00 12.55 ? 118 ALA A CB  1 
ATOM   904  N N   . GLN A 1 124 ? 15.114  -6.512  8.538   1.00 12.17 ? 119 GLN A N   1 
ATOM   905  C CA  . GLN A 1 124 ? 15.613  -5.356  7.816   1.00 12.40 ? 119 GLN A CA  1 
ATOM   906  C C   . GLN A 1 124 ? 14.478  -4.473  7.346   1.00 11.81 ? 119 GLN A C   1 
ATOM   907  O O   . GLN A 1 124 ? 14.600  -3.244  7.359   1.00 11.91 ? 119 GLN A O   1 
ATOM   908  C CB  . GLN A 1 124 ? 16.433  -5.816  6.640   1.00 13.30 ? 119 GLN A CB  1 
ATOM   909  C CG  . GLN A 1 124 ? 17.673  -6.459  7.205   1.00 15.94 ? 119 GLN A CG  1 
ATOM   910  C CD  . GLN A 1 124 ? 18.596  -6.968  6.135   1.00 19.05 ? 119 GLN A CD  1 
ATOM   911  O OE1 . GLN A 1 124 ? 18.910  -6.249  5.186   1.00 20.38 ? 119 GLN A OE1 1 
ATOM   912  N NE2 . GLN A 1 124 ? 19.081  -8.188  6.252   1.00 20.60 ? 119 GLN A NE2 1 
ATOM   913  N N   . ILE A 1 125 ? 13.345  -5.048  6.969   1.00 10.72 ? 120 ILE A N   1 
ATOM   914  C CA  . ILE A 1 125 ? 12.173  -4.260  6.582   1.00 10.38 ? 120 ILE A CA  1 
ATOM   915  C C   . ILE A 1 125 ? 11.665  -3.519  7.807   1.00 9.87  ? 120 ILE A C   1 
ATOM   916  O O   . ILE A 1 125 ? 11.308  -2.344  7.717   1.00 8.78  ? 120 ILE A O   1 
ATOM   917  C CB  . ILE A 1 125 ? 11.086  -5.208  5.998   1.00 9.78  ? 120 ILE A CB  1 
ATOM   918  C CG1 . ILE A 1 125 ? 11.585  -5.684  4.633   1.00 8.83  ? 120 ILE A CG1 1 
ATOM   919  C CG2 . ILE A 1 125 ? 9.719   -4.530  5.870   1.00 10.40 ? 120 ILE A CG2 1 
ATOM   920  C CD1 . ILE A 1 125 ? 10.675  -6.795  4.076   1.00 8.36  ? 120 ILE A CD1 1 
ATOM   921  N N   . ALA A 1 126 ? 11.673  -4.150  8.979   1.00 9.52  ? 121 ALA A N   1 
ATOM   922  C CA  . ALA A 1 126 ? 11.224  -3.486  10.192  1.00 10.26 ? 121 ALA A CA  1 
ATOM   923  C C   . ALA A 1 126 ? 12.139  -2.321  10.542  1.00 10.26 ? 121 ALA A C   1 
ATOM   924  O O   . ALA A 1 126 ? 11.662  -1.254  10.940  1.00 10.51 ? 121 ALA A O   1 
ATOM   925  C CB  . ALA A 1 126 ? 11.229  -4.448  11.358  1.00 10.92 ? 121 ALA A CB  1 
ATOM   926  N N   . ALA A 1 127 ? 13.452  -2.496  10.373  1.00 9.99  ? 122 ALA A N   1 
ATOM   927  C CA  . ALA A 1 127 ? 14.405  -1.449  10.707  1.00 10.09 ? 122 ALA A CA  1 
ATOM   928  C C   . ALA A 1 127 ? 14.196  -0.217  9.838   1.00 10.02 ? 122 ALA A C   1 
ATOM   929  O O   . ALA A 1 127 ? 14.198  0.889   10.387  1.00 9.88  ? 122 ALA A O   1 
ATOM   930  C CB  . ALA A 1 127 ? 15.828  -1.950  10.517  1.00 8.99  ? 122 ALA A CB  1 
ATOM   931  N N   . TRP A 1 128 ? 13.932  -0.392  8.532   1.00 9.34  ? 123 TRP A N   1 
ATOM   932  C CA  . TRP A 1 128 ? 13.677  0.719   7.610   1.00 9.32  ? 123 TRP A CA  1 
ATOM   933  C C   . TRP A 1 128 ? 12.346  1.392   7.929   1.00 9.26  ? 123 TRP A C   1 
ATOM   934  O O   . TRP A 1 128 ? 12.261  2.622   8.015   1.00 8.29  ? 123 TRP A O   1 
ATOM   935  C CB  . TRP A 1 128 ? 13.678  0.180   6.163   1.00 9.69  ? 123 TRP A CB  1 
ATOM   936  C CG  . TRP A 1 128 ? 13.704  1.217   5.034   1.00 9.94  ? 123 TRP A CG  1 
ATOM   937  C CD1 . TRP A 1 128 ? 14.895  1.535   4.412   1.00 10.77 ? 123 TRP A CD1 1 
ATOM   938  C CD2 . TRP A 1 128 ? 12.634  1.920   4.518   1.00 10.23 ? 123 TRP A CD2 1 
ATOM   939  N NE1 . TRP A 1 128 ? 14.587  2.443   3.506   1.00 11.39 ? 123 TRP A NE1 1 
ATOM   940  C CE2 . TRP A 1 128 ? 13.261  2.699   3.534   1.00 10.72 ? 123 TRP A CE2 1 
ATOM   941  C CE3 . TRP A 1 128 ? 11.252  2.032   4.710   1.00 10.42 ? 123 TRP A CE3 1 
ATOM   942  C CZ2 . TRP A 1 128 ? 12.517  3.589   2.743   1.00 10.38 ? 123 TRP A CZ2 1 
ATOM   943  C CZ3 . TRP A 1 128 ? 10.504  2.916   3.929   1.00 10.63 ? 123 TRP A CZ3 1 
ATOM   944  C CH2 . TRP A 1 128 ? 11.140  3.692   2.950   1.00 10.44 ? 123 TRP A CH2 1 
ATOM   945  N N   . LEU A 1 129 ? 11.278  0.613   8.128   1.00 8.77  ? 124 LEU A N   1 
ATOM   946  C CA  . LEU A 1 129 ? 9.939   1.108   8.420   1.00 8.84  ? 124 LEU A CA  1 
ATOM   947  C C   . LEU A 1 129 ? 9.897   1.963   9.670   1.00 9.77  ? 124 LEU A C   1 
ATOM   948  O O   . LEU A 1 129 ? 9.180   2.966   9.727   1.00 9.21  ? 124 LEU A O   1 
ATOM   949  C CB  . LEU A 1 129 ? 8.969   -0.080  8.571   1.00 9.25  ? 124 LEU A CB  1 
ATOM   950  C CG  . LEU A 1 129 ? 7.476   0.188   8.831   1.00 10.01 ? 124 LEU A CG  1 
ATOM   951  C CD1 . LEU A 1 129 ? 6.661   -0.773  8.006   1.00 10.86 ? 124 LEU A CD1 1 
ATOM   952  C CD2 . LEU A 1 129 ? 7.135   0.034   10.307  1.00 10.63 ? 124 LEU A CD2 1 
ATOM   953  N N   . ALA A 1 130 ? 10.647  1.539   10.695  1.00 9.44  ? 125 ALA A N   1 
ATOM   954  C CA  . ALA A 1 130 ? 10.702  2.228   11.965  1.00 10.08 ? 125 ALA A CA  1 
ATOM   955  C C   . ALA A 1 130 ? 11.149  3.675   11.830  1.00 10.05 ? 125 ALA A C   1 
ATOM   956  O O   . ALA A 1 130 ? 10.661  4.530   12.564  1.00 11.52 ? 125 ALA A O   1 
ATOM   957  C CB  . ALA A 1 130 ? 11.661  1.509   12.901  1.00 9.54  ? 125 ALA A CB  1 
ATOM   958  N N   . VAL A 1 131 ? 12.033  3.949   10.877  1.00 9.82  ? 126 VAL A N   1 
ATOM   959  C CA  . VAL A 1 131 ? 12.586  5.281   10.680  1.00 11.02 ? 126 VAL A CA  1 
ATOM   960  C C   . VAL A 1 131 ? 11.947  6.026   9.513   1.00 10.51 ? 126 VAL A C   1 
ATOM   961  O O   . VAL A 1 131 ? 11.659  7.221   9.588   1.00 11.60 ? 126 VAL A O   1 
ATOM   962  C CB  . VAL A 1 131 ? 14.127  5.139   10.468  1.00 11.21 ? 126 VAL A CB  1 
ATOM   963  C CG1 . VAL A 1 131 ? 14.786  6.458   10.040  1.00 12.00 ? 126 VAL A CG1 1 
ATOM   964  C CG2 . VAL A 1 131 ? 14.743  4.692   11.787  1.00 11.49 ? 126 VAL A CG2 1 
ATOM   965  N N   . ASN A 1 132 ? 11.770  5.325   8.402   1.00 10.26 ? 127 ASN A N   1 
ATOM   966  C CA  . ASN A 1 132 ? 11.314  5.934   7.166   1.00 9.11  ? 127 ASN A CA  1 
ATOM   967  C C   . ASN A 1 132 ? 9.839   5.781   6.848   1.00 9.72  ? 127 ASN A C   1 
ATOM   968  O O   . ASN A 1 132 ? 9.393   6.395   5.879   1.00 10.86 ? 127 ASN A O   1 
ATOM   969  C CB  . ASN A 1 132 ? 12.101  5.387   5.987   1.00 9.38  ? 127 ASN A CB  1 
ATOM   970  C CG  . ASN A 1 132 ? 13.611  5.531   6.113   1.00 10.55 ? 127 ASN A CG  1 
ATOM   971  O OD1 . ASN A 1 132 ? 14.349  4.549   6.128   1.00 11.52 ? 127 ASN A OD1 1 
ATOM   972  N ND2 . ASN A 1 132 ? 14.150  6.719   6.254   1.00 8.48  ? 127 ASN A ND2 1 
ATOM   973  N N   . GLY A 1 133 ? 9.052   5.020   7.607   1.00 9.01  ? 128 GLY A N   1 
ATOM   974  C CA  . GLY A 1 133 ? 7.622   4.972   7.409   1.00 7.83  ? 128 GLY A CA  1 
ATOM   975  C C   . GLY A 1 133 ? 7.105   3.755   6.653   1.00 7.33  ? 128 GLY A C   1 
ATOM   976  O O   . GLY A 1 133 ? 7.864   2.835   6.332   1.00 8.01  ? 128 GLY A O   1 
ATOM   977  N N   . PRO A 1 134 ? 5.806   3.745   6.345   1.00 6.99  ? 129 PRO A N   1 
ATOM   978  C CA  . PRO A 1 134 ? 5.095   2.620   5.743   1.00 6.67  ? 129 PRO A CA  1 
ATOM   979  C C   . PRO A 1 134 ? 5.673   2.163   4.413   1.00 7.23  ? 129 PRO A C   1 
ATOM   980  O O   . PRO A 1 134 ? 6.163   2.980   3.625   1.00 7.06  ? 129 PRO A O   1 
ATOM   981  C CB  . PRO A 1 134 ? 3.679   3.107   5.665   1.00 6.77  ? 129 PRO A CB  1 
ATOM   982  C CG  . PRO A 1 134 ? 3.558   3.953   6.899   1.00 7.12  ? 129 PRO A CG  1 
ATOM   983  C CD  . PRO A 1 134 ? 4.852   4.751   6.785   1.00 7.38  ? 129 PRO A CD  1 
ATOM   984  N N   . VAL A 1 135 ? 5.540   0.847   4.170   1.00 6.83  ? 130 VAL A N   1 
ATOM   985  C CA  . VAL A 1 135 ? 6.189   0.123   3.085   1.00 7.74  ? 130 VAL A CA  1 
ATOM   986  C C   . VAL A 1 135 ? 5.110   -0.578  2.286   1.00 8.01  ? 130 VAL A C   1 
ATOM   987  O O   . VAL A 1 135 ? 4.191   -1.135  2.889   1.00 8.07  ? 130 VAL A O   1 
ATOM   988  C CB  . VAL A 1 135 ? 7.181   -0.960  3.663   1.00 9.56  ? 130 VAL A CB  1 
ATOM   989  C CG1 . VAL A 1 135 ? 7.804   -1.826  2.574   1.00 10.84 ? 130 VAL A CG1 1 
ATOM   990  C CG2 . VAL A 1 135 ? 8.328   -0.251  4.366   1.00 10.72 ? 130 VAL A CG2 1 
ATOM   991  N N   . ALA A 1 136 ? 5.189   -0.553  0.954   1.00 7.06  ? 131 ALA A N   1 
ATOM   992  C CA  . ALA A 1 136 ? 4.260   -1.309  0.118   1.00 7.93  ? 131 ALA A CA  1 
ATOM   993  C C   . ALA A 1 136 ? 4.789   -2.754  0.055   1.00 7.12  ? 131 ALA A C   1 
ATOM   994  O O   . ALA A 1 136 ? 6.003   -2.984  -0.093  1.00 7.52  ? 131 ALA A O   1 
ATOM   995  C CB  . ALA A 1 136 ? 4.212   -0.723  -1.291  1.00 6.62  ? 131 ALA A CB  1 
ATOM   996  N N   . VAL A 1 137 ? 3.927   -3.758  0.240   1.00 7.13  ? 132 VAL A N   1 
ATOM   997  C CA  . VAL A 1 137 ? 4.334   -5.165  0.195   1.00 7.86  ? 132 VAL A CA  1 
ATOM   998  C C   . VAL A 1 137 ? 3.319   -5.966  -0.591  1.00 7.46  ? 132 VAL A C   1 
ATOM   999  O O   . VAL A 1 137 ? 2.149   -5.601  -0.681  1.00 7.62  ? 132 VAL A O   1 
ATOM   1000 C CB  . VAL A 1 137 ? 4.443   -5.855  1.603   1.00 7.45  ? 132 VAL A CB  1 
ATOM   1001 C CG1 . VAL A 1 137 ? 5.610   -5.249  2.346   1.00 8.19  ? 132 VAL A CG1 1 
ATOM   1002 C CG2 . VAL A 1 137 ? 3.172   -5.702  2.426   1.00 7.86  ? 132 VAL A CG2 1 
ATOM   1003 N N   . ALA A 1 138 ? 3.768   -7.095  -1.112  1.00 8.38  ? 133 ALA A N   1 
ATOM   1004 C CA  . ALA A 1 138 ? 2.933   -8.039  -1.842  1.00 8.80  ? 133 ALA A CA  1 
ATOM   1005 C C   . ALA A 1 138 ? 2.788   -9.258  -0.924  1.00 9.51  ? 133 ALA A C   1 
ATOM   1006 O O   . ALA A 1 138 ? 3.737   -9.629  -0.222  1.00 9.26  ? 133 ALA A O   1 
ATOM   1007 C CB  . ALA A 1 138 ? 3.629   -8.457  -3.117  1.00 8.80  ? 133 ALA A CB  1 
ATOM   1008 N N   . VAL A 1 139 ? 1.621   -9.881  -0.871  1.00 9.33  ? 134 VAL A N   1 
ATOM   1009 C CA  . VAL A 1 139 ? 1.367   -11.015 0.006   1.00 9.06  ? 134 VAL A CA  1 
ATOM   1010 C C   . VAL A 1 139 ? 0.502   -11.994 -0.773  1.00 9.87  ? 134 VAL A C   1 
ATOM   1011 O O   . VAL A 1 139 ? -0.053  -11.666 -1.839  1.00 9.20  ? 134 VAL A O   1 
ATOM   1012 C CB  . VAL A 1 139 ? 0.580   -10.647 1.331   1.00 8.94  ? 134 VAL A CB  1 
ATOM   1013 C CG1 . VAL A 1 139 ? 1.471   -9.819  2.252   1.00 8.49  ? 134 VAL A CG1 1 
ATOM   1014 C CG2 . VAL A 1 139 ? -0.695  -9.864  1.021   1.00 8.87  ? 134 VAL A CG2 1 
ATOM   1015 N N   . ASP A 1 140 ? 0.414   -13.196 -0.210  1.00 9.82  ? 135 ASP A N   1 
ATOM   1016 C CA  . ASP A 1 140 ? -0.504  -14.217 -0.649  1.00 10.40 ? 135 ASP A CA  1 
ATOM   1017 C C   . ASP A 1 140 ? -1.735  -13.942 0.204   1.00 11.13 ? 135 ASP A C   1 
ATOM   1018 O O   . ASP A 1 140 ? -1.731  -14.088 1.439   1.00 11.56 ? 135 ASP A O   1 
ATOM   1019 C CB  . ASP A 1 140 ? 0.053   -15.622 -0.349  1.00 11.20 ? 135 ASP A CB  1 
ATOM   1020 C CG  . ASP A 1 140 ? -0.864  -16.766 -0.786  1.00 11.95 ? 135 ASP A CG  1 
ATOM   1021 O OD1 . ASP A 1 140 ? -2.076  -16.631 -0.795  1.00 11.48 ? 135 ASP A OD1 1 
ATOM   1022 O OD2 . ASP A 1 140 ? -0.357  -17.835 -1.101  1.00 11.57 ? 135 ASP A OD2 1 
ATOM   1023 N N   . ALA A 1 141 ? -2.831  -13.546 -0.417  1.00 11.22 ? 136 ALA A N   1 
ATOM   1024 C CA  . ALA A 1 141 ? -4.041  -13.227 0.321   1.00 12.69 ? 136 ALA A CA  1 
ATOM   1025 C C   . ALA A 1 141 ? -5.079  -14.346 0.287   1.00 13.63 ? 136 ALA A C   1 
ATOM   1026 O O   . ALA A 1 141 ? -6.224  -14.095 0.692   1.00 12.97 ? 136 ALA A O   1 
ATOM   1027 C CB  . ALA A 1 141 ? -4.688  -11.954 -0.234  1.00 12.56 ? 136 ALA A CB  1 
ATOM   1028 N N   . SER A 1 142 ? -4.737  -15.568 -0.157  1.00 15.48 ? 139 SER A N   1 
ATOM   1029 C CA  . SER A 1 142 ? -5.636  -16.719 -0.147  1.00 17.86 ? 139 SER A CA  1 
ATOM   1030 C C   . SER A 1 142 ? -6.379  -16.944 1.155   1.00 18.25 ? 139 SER A C   1 
ATOM   1031 O O   . SER A 1 142 ? -7.560  -17.278 1.110   1.00 19.73 ? 139 SER A O   1 
ATOM   1032 C CB  . SER A 1 142 ? -4.899  -18.020 -0.415  1.00 17.80 ? 139 SER A CB  1 
ATOM   1033 O OG  . SER A 1 142 ? -4.395  -18.108 -1.729  1.00 20.46 ? 139 SER A OG  1 
ATOM   1034 N N   . SER A 1 143 ? -5.767  -16.759 2.317   1.00 19.47 ? 140 SER A N   1 
ATOM   1035 C CA  . SER A 1 143 ? -6.443  -17.006 3.585   1.00 21.09 ? 140 SER A CA  1 
ATOM   1036 C C   . SER A 1 143 ? -7.324  -15.846 4.051   1.00 20.68 ? 140 SER A C   1 
ATOM   1037 O O   . SER A 1 143 ? -8.159  -15.972 4.960   1.00 20.67 ? 140 SER A O   1 
ATOM   1038 C CB  . SER A 1 143 ? -5.470  -17.219 4.711   1.00 21.36 ? 140 SER A CB  1 
ATOM   1039 O OG  . SER A 1 143 ? -4.361  -18.062 4.491   1.00 26.20 ? 140 SER A OG  1 
ATOM   1040 N N   . TRP A 1 144 ? -7.134  -14.672 3.449   1.00 20.63 ? 141 TRP A N   1 
ATOM   1041 C CA  . TRP A 1 144 ? -7.667  -13.456 4.028   1.00 20.13 ? 141 TRP A CA  1 
ATOM   1042 C C   . TRP A 1 144 ? -9.150  -13.244 3.955   1.00 21.01 ? 141 TRP A C   1 
ATOM   1043 O O   . TRP A 1 144 ? -9.660  -12.467 4.758   1.00 20.67 ? 141 TRP A O   1 
ATOM   1044 C CB  . TRP A 1 144 ? -6.947  -12.260 3.410   1.00 18.91 ? 141 TRP A CB  1 
ATOM   1045 C CG  . TRP A 1 144 ? -5.477  -12.133 3.827   1.00 17.77 ? 141 TRP A CG  1 
ATOM   1046 C CD1 . TRP A 1 144 ? -4.706  -13.194 4.232   1.00 17.30 ? 141 TRP A CD1 1 
ATOM   1047 C CD2 . TRP A 1 144 ? -4.767  -10.961 3.825   1.00 18.13 ? 141 TRP A CD2 1 
ATOM   1048 N NE1 . TRP A 1 144 ? -3.516  -12.707 4.482   1.00 17.18 ? 141 TRP A NE1 1 
ATOM   1049 C CE2 . TRP A 1 144 ? -3.501  -11.388 4.256   1.00 17.50 ? 141 TRP A CE2 1 
ATOM   1050 C CE3 . TRP A 1 144 ? -5.002  -9.613  3.522   1.00 17.91 ? 141 TRP A CE3 1 
ATOM   1051 C CZ2 . TRP A 1 144 ? -2.462  -10.471 4.387   1.00 17.36 ? 141 TRP A CZ2 1 
ATOM   1052 C CZ3 . TRP A 1 144 ? -3.949  -8.693  3.657   1.00 17.87 ? 141 TRP A CZ3 1 
ATOM   1053 C CH2 . TRP A 1 144 ? -2.686  -9.121  4.087   1.00 17.06 ? 141 TRP A CH2 1 
ATOM   1054 N N   . MET A 1 145 ? -9.894  -13.929 3.091   1.00 22.21 ? 142 MET A N   1 
ATOM   1055 C CA  . MET A 1 145 ? -11.336 -13.732 3.078   1.00 24.40 ? 142 MET A CA  1 
ATOM   1056 C C   . MET A 1 145 ? -11.979 -14.266 4.353   1.00 23.61 ? 142 MET A C   1 
ATOM   1057 O O   . MET A 1 145 ? -13.085 -13.860 4.706   1.00 24.58 ? 142 MET A O   1 
ATOM   1058 C CB  . MET A 1 145 ? -11.941 -14.431 1.880   1.00 28.02 ? 142 MET A CB  1 
ATOM   1059 C CG  . MET A 1 145 ? -13.167 -13.698 1.352   1.00 33.38 ? 142 MET A CG  1 
ATOM   1060 S SD  . MET A 1 145 ? -12.775 -12.248 0.333   1.00 37.99 ? 142 MET A SD  1 
ATOM   1061 C CE  . MET A 1 145 ? -12.695 -10.898 1.472   1.00 38.42 ? 142 MET A CE  1 
ATOM   1062 N N   . THR A 1 146 ? -11.355 -15.204 5.074   1.00 22.00 ? 143 THR A N   1 
ATOM   1063 C CA  . THR A 1 146 ? -11.917 -15.669 6.339   1.00 20.71 ? 143 THR A CA  1 
ATOM   1064 C C   . THR A 1 146 ? -11.284 -14.998 7.569   1.00 19.03 ? 143 THR A C   1 
ATOM   1065 O O   . THR A 1 146 ? -11.409 -15.470 8.706   1.00 18.79 ? 143 THR A O   1 
ATOM   1066 C CB  . THR A 1 146 ? -11.773 -17.224 6.394   1.00 21.27 ? 143 THR A CB  1 
ATOM   1067 O OG1 . THR A 1 146 ? -10.447 -17.585 6.017   1.00 21.64 ? 143 THR A OG1 1 
ATOM   1068 C CG2 . THR A 1 146 ? -12.780 -17.896 5.466   1.00 22.53 ? 143 THR A CG2 1 
ATOM   1069 N N   . TYR A 1 147 ? -10.531 -13.912 7.403   1.00 17.06 ? 144 TYR A N   1 
ATOM   1070 C CA  . TYR A 1 147 ? -9.928  -13.246 8.541   1.00 16.01 ? 144 TYR A CA  1 
ATOM   1071 C C   . TYR A 1 147 ? -10.999 -12.439 9.261   1.00 16.04 ? 144 TYR A C   1 
ATOM   1072 O O   . TYR A 1 147 ? -11.613 -11.556 8.670   1.00 15.63 ? 144 TYR A O   1 
ATOM   1073 C CB  . TYR A 1 147 ? -8.788  -12.336 8.072   1.00 14.34 ? 144 TYR A CB  1 
ATOM   1074 C CG  . TYR A 1 147 ? -8.172  -11.531 9.214   1.00 13.87 ? 144 TYR A CG  1 
ATOM   1075 C CD1 . TYR A 1 147 ? -7.320  -12.132 10.157  1.00 13.19 ? 144 TYR A CD1 1 
ATOM   1076 C CD2 . TYR A 1 147 ? -8.475  -10.169 9.310   1.00 13.52 ? 144 TYR A CD2 1 
ATOM   1077 C CE1 . TYR A 1 147 ? -6.769  -11.369 11.195  1.00 12.68 ? 144 TYR A CE1 1 
ATOM   1078 C CE2 . TYR A 1 147 ? -7.931  -9.410  10.337  1.00 11.63 ? 144 TYR A CE2 1 
ATOM   1079 C CZ  . TYR A 1 147 ? -7.083  -10.011 11.265  1.00 12.61 ? 144 TYR A CZ  1 
ATOM   1080 O OH  . TYR A 1 147 ? -6.534  -9.206  12.224  1.00 11.96 ? 144 TYR A OH  1 
ATOM   1081 N N   . THR A 1 148 ? -11.198 -12.726 10.543  1.00 15.65 ? 145 THR A N   1 
ATOM   1082 C CA  . THR A 1 148 ? -12.199 -12.043 11.346  1.00 16.58 ? 145 THR A CA  1 
ATOM   1083 C C   . THR A 1 148 ? -11.588 -11.187 12.458  1.00 17.02 ? 145 THR A C   1 
ATOM   1084 O O   . THR A 1 148 ? -12.321 -10.544 13.212  1.00 19.40 ? 145 THR A O   1 
ATOM   1085 C CB  . THR A 1 148 ? -13.181 -13.083 11.981  1.00 15.69 ? 145 THR A CB  1 
ATOM   1086 O OG1 . THR A 1 148 ? -12.407 -14.068 12.671  1.00 16.03 ? 145 THR A OG1 1 
ATOM   1087 C CG2 . THR A 1 148 ? -14.057 -13.753 10.932  1.00 16.25 ? 145 THR A CG2 1 
ATOM   1088 N N   . GLY A 1 149 ? -10.265 -11.173 12.644  1.00 15.92 ? 146 GLY A N   1 
ATOM   1089 C CA  . GLY A 1 149 ? -9.656  -10.355 13.679  1.00 14.65 ? 146 GLY A CA  1 
ATOM   1090 C C   . GLY A 1 149 ? -8.584  -11.139 14.417  1.00 14.03 ? 146 GLY A C   1 
ATOM   1091 O O   . GLY A 1 149 ? -8.402  -12.335 14.175  1.00 12.50 ? 146 GLY A O   1 
ATOM   1092 N N   . GLY A 1 150 ? -7.855  -10.450 15.274  1.00 13.48 ? 147 GLY A N   1 
ATOM   1093 C CA  . GLY A 1 150 ? -6.802  -11.026 16.080  1.00 13.54 ? 147 GLY A CA  1 
ATOM   1094 C C   . GLY A 1 150 ? -5.492  -11.168 15.319  1.00 14.10 ? 147 GLY A C   1 
ATOM   1095 O O   . GLY A 1 150 ? -5.379  -10.733 14.168  1.00 13.46 ? 147 GLY A O   1 
ATOM   1096 N N   . VAL A 1 151 ? -4.436  -11.729 15.922  1.00 13.63 ? 148 VAL A N   1 
ATOM   1097 C CA  . VAL A 1 151 ? -3.191  -11.917 15.191  1.00 14.22 ? 148 VAL A CA  1 
ATOM   1098 C C   . VAL A 1 151 ? -3.277  -13.287 14.529  1.00 15.05 ? 148 VAL A C   1 
ATOM   1099 O O   . VAL A 1 151 ? -3.476  -14.318 15.183  1.00 14.77 ? 148 VAL A O   1 
ATOM   1100 C CB  . VAL A 1 151 ? -1.917  -11.826 16.126  1.00 14.32 ? 148 VAL A CB  1 
ATOM   1101 C CG1 . VAL A 1 151 ? -1.985  -10.512 16.869  1.00 14.32 ? 148 VAL A CG1 1 
ATOM   1102 C CG2 . VAL A 1 151 ? -1.869  -12.844 17.231  1.00 18.20 ? 148 VAL A CG2 1 
ATOM   1103 N N   . MET A 1 152 ? -3.236  -13.305 13.197  1.00 15.41 ? 149 MET A N   1 
ATOM   1104 C CA  . MET A 1 152 ? -3.237  -14.549 12.444  1.00 16.42 ? 149 MET A CA  1 
ATOM   1105 C C   . MET A 1 152 ? -1.872  -15.206 12.607  1.00 16.52 ? 149 MET A C   1 
ATOM   1106 O O   . MET A 1 152 ? -0.840  -14.671 12.179  1.00 16.22 ? 149 MET A O   1 
ATOM   1107 C CB  . MET A 1 152 ? -3.516  -14.286 10.957  1.00 16.78 ? 149 MET A CB  1 
ATOM   1108 C CG  . MET A 1 152 ? -3.616  -15.604 10.195  1.00 17.97 ? 149 MET A CG  1 
ATOM   1109 S SD  . MET A 1 152 ? -4.291  -15.456 8.526   1.00 21.34 ? 149 MET A SD  1 
ATOM   1110 C CE  . MET A 1 152 ? -5.998  -15.494 8.956   1.00 16.53 ? 149 MET A CE  1 
ATOM   1111 N N   . THR A 1 153 ? -1.855  -16.373 13.240  1.00 16.40 ? 151 THR A N   1 
ATOM   1112 C CA  . THR A 1 153 ? -0.610  -17.058 13.545  1.00 17.57 ? 151 THR A CA  1 
ATOM   1113 C C   . THR A 1 153 ? -0.136  -18.057 12.502  1.00 17.69 ? 151 THR A C   1 
ATOM   1114 O O   . THR A 1 153 ? 0.951   -18.595 12.635  1.00 19.03 ? 151 THR A O   1 
ATOM   1115 C CB  . THR A 1 153 ? -0.773  -17.738 14.927  1.00 17.74 ? 151 THR A CB  1 
ATOM   1116 O OG1 . THR A 1 153 ? -1.964  -18.521 14.859  1.00 18.03 ? 151 THR A OG1 1 
ATOM   1117 C CG2 . THR A 1 153 ? -0.851  -16.729 16.072  1.00 17.05 ? 151 THR A CG2 1 
ATOM   1118 N N   . SER A 1 154 ? -0.909  -18.377 11.467  1.00 17.18 ? 152 SER A N   1 
ATOM   1119 C CA  . SER A 1 154 ? -0.488  -19.277 10.408  1.00 17.89 ? 152 SER A CA  1 
ATOM   1120 C C   . SER A 1 154 ? -1.153  -18.724 9.154   1.00 16.92 ? 152 SER A C   1 
ATOM   1121 O O   . SER A 1 154 ? -2.320  -18.342 9.194   1.00 17.43 ? 152 SER A O   1 
ATOM   1122 C CB  . SER A 1 154 ? -0.969  -20.696 10.724  1.00 18.27 ? 152 SER A CB  1 
ATOM   1123 O OG  . SER A 1 154 ? -0.723  -21.607 9.665   1.00 20.87 ? 152 SER A OG  1 
ATOM   1124 N N   . CYS A 1 155 ? -0.497  -18.667 8.003   1.00 16.47 ? 153 CYS A N   1 
ATOM   1125 C CA  . CYS A 1 155 ? -1.083  -18.062 6.810   1.00 16.45 ? 153 CYS A CA  1 
ATOM   1126 C C   . CYS A 1 155 ? -0.716  -18.848 5.558   1.00 16.25 ? 153 CYS A C   1 
ATOM   1127 O O   . CYS A 1 155 ? 0.446   -19.248 5.482   1.00 16.90 ? 153 CYS A O   1 
ATOM   1128 C CB  . CYS A 1 155 ? -0.558  -16.637 6.728   1.00 16.08 ? 153 CYS A CB  1 
ATOM   1129 S SG  . CYS A 1 155 ? -1.165  -15.720 5.294   1.00 14.87 ? 153 CYS A SG  1 
ATOM   1130 N N   . VAL A 1 156 ? -1.583  -19.131 4.563   1.00 16.50 ? 154 VAL A N   1 
ATOM   1131 C CA  . VAL A 1 156 ? -1.178  -19.849 3.335   1.00 16.72 ? 154 VAL A CA  1 
ATOM   1132 C C   . VAL A 1 156 ? -0.169  -18.959 2.619   1.00 17.52 ? 154 VAL A C   1 
ATOM   1133 O O   . VAL A 1 156 ? -0.390  -17.744 2.530   1.00 17.52 ? 154 VAL A O   1 
ATOM   1134 C CB  . VAL A 1 156 ? -2.397  -20.108 2.418   1.00 15.99 ? 154 VAL A CB  1 
ATOM   1135 C CG1 . VAL A 1 156 ? -1.964  -20.613 1.039   1.00 15.22 ? 154 VAL A CG1 1 
ATOM   1136 C CG2 . VAL A 1 156 ? -3.302  -21.121 3.119   1.00 15.53 ? 154 VAL A CG2 1 
ATOM   1137 N N   . SER A 1 157 ? 0.974   -19.527 2.245   1.00 17.93 ? 155 SER A N   1 
ATOM   1138 C CA  . SER A 1 157 ? 2.091   -18.757 1.738   1.00 19.15 ? 155 SER A CA  1 
ATOM   1139 C C   . SER A 1 157 ? 2.681   -19.446 0.517   1.00 20.62 ? 155 SER A C   1 
ATOM   1140 O O   . SER A 1 157 ? 3.814   -19.934 0.542   1.00 21.74 ? 155 SER A O   1 
ATOM   1141 C CB  . SER A 1 157 ? 3.126   -18.625 2.870   1.00 18.44 ? 155 SER A CB  1 
ATOM   1142 O OG  . SER A 1 157 ? 2.552   -17.938 3.977   1.00 17.12 ? 155 SER A OG  1 
ATOM   1143 N N   . GLU A 1 158 ? 1.906   -19.442 -0.560  1.00 21.84 ? 156 GLU A N   1 
ATOM   1144 C CA  . GLU A 1 158 ? 2.279   -20.075 -1.810  1.00 23.72 ? 156 GLU A CA  1 
ATOM   1145 C C   . GLU A 1 158 ? 2.552   -19.140 -2.966  1.00 23.38 ? 156 GLU A C   1 
ATOM   1146 O O   . GLU A 1 158 ? 3.564   -19.278 -3.662  1.00 22.11 ? 156 GLU A O   1 
ATOM   1147 C CB  . GLU A 1 158 ? 1.196   -21.008 -2.330  1.00 27.13 ? 156 GLU A CB  1 
ATOM   1148 C CG  . GLU A 1 158 ? 1.262   -22.480 -1.989  1.00 32.88 ? 156 GLU A CG  1 
ATOM   1149 C CD  . GLU A 1 158 ? 0.606   -22.833 -0.674  1.00 35.69 ? 156 GLU A CD  1 
ATOM   1150 O OE1 . GLU A 1 158 ? -0.524  -23.319 -0.717  1.00 37.64 ? 156 GLU A OE1 1 
ATOM   1151 O OE2 . GLU A 1 158 ? 1.209   -22.611 0.380   1.00 38.25 ? 156 GLU A OE2 1 
ATOM   1152 N N   . GLN A 1 159 A 1.631   -18.217 -3.241  1.00 22.77 ? 156 GLN A N   1 
ATOM   1153 C CA  . GLN A 1 159 A 1.701   -17.373 -4.425  1.00 23.22 ? 156 GLN A CA  1 
ATOM   1154 C C   . GLN A 1 159 A 1.378   -15.915 -4.114  1.00 20.81 ? 156 GLN A C   1 
ATOM   1155 O O   . GLN A 1 159 A 0.351   -15.631 -3.504  1.00 19.84 ? 156 GLN A O   1 
ATOM   1156 C CB  . GLN A 1 159 A 0.726   -17.944 -5.475  1.00 27.28 ? 156 GLN A CB  1 
ATOM   1157 C CG  . GLN A 1 159 A 0.450   -16.998 -6.674  1.00 33.94 ? 156 GLN A CG  1 
ATOM   1158 C CD  . GLN A 1 159 A 1.611   -16.808 -7.654  1.00 38.30 ? 156 GLN A CD  1 
ATOM   1159 O OE1 . GLN A 1 159 A 1.517   -16.083 -8.645  1.00 41.85 ? 156 GLN A OE1 1 
ATOM   1160 N NE2 . GLN A 1 159 A 2.786   -17.398 -7.459  1.00 39.58 ? 156 GLN A NE2 1 
ATOM   1161 N N   . LEU A 1 160 ? 2.213   -14.949 -4.491  1.00 17.47 ? 157 LEU A N   1 
ATOM   1162 C CA  . LEU A 1 160 ? 1.875   -13.559 -4.221  1.00 15.63 ? 157 LEU A CA  1 
ATOM   1163 C C   . LEU A 1 160 ? 0.703   -13.187 -5.115  1.00 14.84 ? 157 LEU A C   1 
ATOM   1164 O O   . LEU A 1 160 ? 0.787   -13.448 -6.323  1.00 14.15 ? 157 LEU A O   1 
ATOM   1165 C CB  . LEU A 1 160 ? 3.048   -12.640 -4.539  1.00 14.69 ? 157 LEU A CB  1 
ATOM   1166 C CG  . LEU A 1 160 ? 4.348   -12.815 -3.768  1.00 14.94 ? 157 LEU A CG  1 
ATOM   1167 C CD1 . LEU A 1 160 ? 5.407   -11.924 -4.393  1.00 13.83 ? 157 LEU A CD1 1 
ATOM   1168 C CD2 . LEU A 1 160 ? 4.145   -12.477 -2.302  1.00 13.38 ? 157 LEU A CD2 1 
ATOM   1169 N N   . ASP A 1 161 ? -0.375  -12.615 -4.592  1.00 13.83 ? 158 ASP A N   1 
ATOM   1170 C CA  . ASP A 1 161 ? -1.469  -12.194 -5.456  1.00 13.11 ? 158 ASP A CA  1 
ATOM   1171 C C   . ASP A 1 161 ? -2.074  -10.868 -5.027  1.00 13.02 ? 158 ASP A C   1 
ATOM   1172 O O   . ASP A 1 161 ? -3.007  -10.332 -5.669  1.00 12.99 ? 158 ASP A O   1 
ATOM   1173 C CB  . ASP A 1 161 ? -2.577  -13.275 -5.468  1.00 13.83 ? 158 ASP A CB  1 
ATOM   1174 C CG  . ASP A 1 161 ? -3.307  -13.522 -4.147  1.00 15.24 ? 158 ASP A CG  1 
ATOM   1175 O OD1 . ASP A 1 161 ? -3.001  -12.885 -3.143  1.00 13.79 ? 158 ASP A OD1 1 
ATOM   1176 O OD2 . ASP A 1 161 ? -4.230  -14.333 -4.109  1.00 17.21 ? 158 ASP A OD2 1 
ATOM   1177 N N   . HIS A 1 162 ? -1.579  -10.261 -3.945  1.00 12.12 ? 159 HIS A N   1 
ATOM   1178 C CA  . HIS A 1 162 ? -2.224  -9.067  -3.402  1.00 11.65 ? 159 HIS A CA  1 
ATOM   1179 C C   . HIS A 1 162 ? -1.194  -8.045  -2.932  1.00 10.72 ? 159 HIS A C   1 
ATOM   1180 O O   . HIS A 1 162 ? -0.119  -8.422  -2.464  1.00 11.73 ? 159 HIS A O   1 
ATOM   1181 C CB  . HIS A 1 162 ? -3.126  -9.503  -2.243  1.00 10.76 ? 159 HIS A CB  1 
ATOM   1182 C CG  . HIS A 1 162 ? -4.137  -8.484  -1.784  1.00 12.65 ? 159 HIS A CG  1 
ATOM   1183 N ND1 . HIS A 1 162 ? -5.048  -7.808  -2.471  1.00 13.08 ? 159 HIS A ND1 1 
ATOM   1184 C CD2 . HIS A 1 162 ? -4.234  -8.100  -0.473  1.00 12.59 ? 159 HIS A CD2 1 
ATOM   1185 C CE1 . HIS A 1 162 ? -5.673  -7.022  -1.615  1.00 13.03 ? 159 HIS A CE1 1 
ATOM   1186 N NE2 . HIS A 1 162 ? -5.182  -7.210  -0.427  1.00 13.92 ? 159 HIS A NE2 1 
ATOM   1187 N N   . GLY A 1 163 ? -1.515  -6.760  -3.071  1.00 10.13 ? 160 GLY A N   1 
ATOM   1188 C CA  . GLY A 1 163 ? -0.607  -5.698  -2.680  1.00 8.68  ? 160 GLY A CA  1 
ATOM   1189 C C   . GLY A 1 163 ? -1.268  -4.891  -1.587  1.00 8.47  ? 160 GLY A C   1 
ATOM   1190 O O   . GLY A 1 163 ? -2.452  -4.556  -1.720  1.00 7.92  ? 160 GLY A O   1 
ATOM   1191 N N   . VAL A 1 164 ? -0.557  -4.633  -0.494  1.00 7.95  ? 161 VAL A N   1 
ATOM   1192 C CA  . VAL A 1 164 ? -1.077  -3.931  0.678   1.00 8.34  ? 161 VAL A CA  1 
ATOM   1193 C C   . VAL A 1 164 ? -0.034  -2.975  1.264   1.00 7.83  ? 161 VAL A C   1 
ATOM   1194 O O   . VAL A 1 164 ? 1.033   -2.773  0.673   1.00 7.49  ? 161 VAL A O   1 
ATOM   1195 C CB  . VAL A 1 164 ? -1.526  -4.958  1.767   1.00 8.87  ? 161 VAL A CB  1 
ATOM   1196 C CG1 . VAL A 1 164 ? -2.859  -5.556  1.345   1.00 8.70  ? 161 VAL A CG1 1 
ATOM   1197 C CG2 . VAL A 1 164 ? -0.454  -6.042  1.983   1.00 10.31 ? 161 VAL A CG2 1 
ATOM   1198 N N   . LEU A 1 165 ? -0.272  -2.412  2.442   1.00 8.27  ? 162 LEU A N   1 
ATOM   1199 C CA  . LEU A 1 165 ? 0.624   -1.414  3.005   1.00 8.97  ? 162 LEU A CA  1 
ATOM   1200 C C   . LEU A 1 165 ? 0.935   -1.793  4.458   1.00 9.11  ? 162 LEU A C   1 
ATOM   1201 O O   . LEU A 1 165 ? 0.011   -1.980  5.265   1.00 8.28  ? 162 LEU A O   1 
ATOM   1202 C CB  . LEU A 1 165 ? -0.085  -0.057  2.927   1.00 9.58  ? 162 LEU A CB  1 
ATOM   1203 C CG  . LEU A 1 165 ? 0.547   1.345   2.801   1.00 12.29 ? 162 LEU A CG  1 
ATOM   1204 C CD1 . LEU A 1 165 ? -0.076  2.237   3.857   1.00 10.98 ? 162 LEU A CD1 1 
ATOM   1205 C CD2 . LEU A 1 165 ? 2.047   1.296   2.869   1.00 11.52 ? 162 LEU A CD2 1 
ATOM   1206 N N   . LEU A 1 166 ? 2.209   -1.975  4.786   1.00 8.75  ? 163 LEU A N   1 
ATOM   1207 C CA  . LEU A 1 166 ? 2.683   -2.262  6.132   1.00 9.34  ? 163 LEU A CA  1 
ATOM   1208 C C   . LEU A 1 166 ? 2.756   -0.923  6.852   1.00 9.11  ? 163 LEU A C   1 
ATOM   1209 O O   . LEU A 1 166 ? 3.524   -0.044  6.427   1.00 9.84  ? 163 LEU A O   1 
ATOM   1210 C CB  . LEU A 1 166 ? 4.082   -2.815  6.169   1.00 9.96  ? 163 LEU A CB  1 
ATOM   1211 C CG  . LEU A 1 166 ? 4.416   -4.225  5.947   1.00 11.51 ? 163 LEU A CG  1 
ATOM   1212 C CD1 . LEU A 1 166 ? 5.924   -4.373  5.968   1.00 10.93 ? 163 LEU A CD1 1 
ATOM   1213 C CD2 . LEU A 1 166 ? 3.778   -5.057  7.040   1.00 13.70 ? 163 LEU A CD2 1 
ATOM   1214 N N   . VAL A 1 167 ? 1.976   -0.742  7.912   1.00 7.90  ? 164 VAL A N   1 
ATOM   1215 C CA  . VAL A 1 167 ? 1.986   0.505   8.646   1.00 8.61  ? 164 VAL A CA  1 
ATOM   1216 C C   . VAL A 1 167 ? 2.630   0.370   10.029  1.00 8.68  ? 164 VAL A C   1 
ATOM   1217 O O   . VAL A 1 167 ? 2.753   1.385   10.722  1.00 9.75  ? 164 VAL A O   1 
ATOM   1218 C CB  . VAL A 1 167 ? 0.526   1.063   8.774   1.00 8.90  ? 164 VAL A CB  1 
ATOM   1219 C CG1 . VAL A 1 167 ? -0.005  1.344   7.384   1.00 8.66  ? 164 VAL A CG1 1 
ATOM   1220 C CG2 . VAL A 1 167 ? -0.392  0.096   9.500   1.00 8.51  ? 164 VAL A CG2 1 
ATOM   1221 N N   . GLY A 1 168 ? 3.075   -0.807  10.499  1.00 8.90  ? 165 GLY A N   1 
ATOM   1222 C CA  . GLY A 1 168 ? 3.680   -0.887  11.819  1.00 8.83  ? 165 GLY A CA  1 
ATOM   1223 C C   . GLY A 1 168 ? 3.927   -2.316  12.221  1.00 9.64  ? 165 GLY A C   1 
ATOM   1224 O O   . GLY A 1 168 ? 3.595   -3.236  11.460  1.00 9.17  ? 165 GLY A O   1 
ATOM   1225 N N   . TYR A 1 169 ? 4.512   -2.512  13.401  1.00 9.90  ? 166 TYR A N   1 
ATOM   1226 C CA  . TYR A 1 169 ? 4.818   -3.843  13.926  1.00 9.25  ? 166 TYR A CA  1 
ATOM   1227 C C   . TYR A 1 169 ? 4.852   -3.715  15.436  1.00 9.29  ? 166 TYR A C   1 
ATOM   1228 O O   . TYR A 1 169 ? 5.028   -2.615  15.972  1.00 8.23  ? 166 TYR A O   1 
ATOM   1229 C CB  . TYR A 1 169 ? 6.203   -4.363  13.449  1.00 9.25  ? 166 TYR A CB  1 
ATOM   1230 C CG  . TYR A 1 169 ? 7.427   -3.553  13.891  1.00 10.78 ? 166 TYR A CG  1 
ATOM   1231 C CD1 . TYR A 1 169 ? 8.042   -3.775  15.134  1.00 11.81 ? 166 TYR A CD1 1 
ATOM   1232 C CD2 . TYR A 1 169 ? 7.936   -2.567  13.047  1.00 11.22 ? 166 TYR A CD2 1 
ATOM   1233 C CE1 . TYR A 1 169 ? 9.132   -3.002  15.536  1.00 12.46 ? 166 TYR A CE1 1 
ATOM   1234 C CE2 . TYR A 1 169 ? 9.030   -1.800  13.446  1.00 11.72 ? 166 TYR A CE2 1 
ATOM   1235 C CZ  . TYR A 1 169 ? 9.631   -2.017  14.682  1.00 13.33 ? 166 TYR A CZ  1 
ATOM   1236 O OH  . TYR A 1 169 ? 10.706  -1.218  15.054  1.00 13.58 ? 166 TYR A OH  1 
ATOM   1237 N N   . ASN A 1 170 ? 4.756   -4.823  16.145  1.00 9.75  ? 167 ASN A N   1 
ATOM   1238 C CA  . ASN A 1 170 ? 4.881   -4.801  17.587  1.00 10.92 ? 167 ASN A CA  1 
ATOM   1239 C C   . ASN A 1 170 ? 5.583   -6.089  17.986  1.00 12.57 ? 167 ASN A C   1 
ATOM   1240 O O   . ASN A 1 170 ? 5.037   -7.195  17.853  1.00 12.00 ? 167 ASN A O   1 
ATOM   1241 C CB  . ASN A 1 170 ? 3.485   -4.689  18.203  1.00 11.31 ? 167 ASN A CB  1 
ATOM   1242 C CG  . ASN A 1 170 ? 3.468   -4.665  19.727  1.00 11.67 ? 167 ASN A CG  1 
ATOM   1243 O OD1 . ASN A 1 170 ? 4.498   -4.818  20.385  1.00 12.98 ? 167 ASN A OD1 1 
ATOM   1244 N ND2 . ASN A 1 170 ? 2.311   -4.545  20.352  1.00 13.18 ? 167 ASN A ND2 1 
ATOM   1245 N N   . ASP A 1 171 A 6.846   -5.926  18.386  1.00 13.41 ? 167 ASP A N   1 
ATOM   1246 C CA  . ASP A 1 171 A 7.689   -7.023  18.836  1.00 15.43 ? 167 ASP A CA  1 
ATOM   1247 C C   . ASP A 1 171 A 7.551   -7.326  20.318  1.00 16.45 ? 167 ASP A C   1 
ATOM   1248 O O   . ASP A 1 171 A 8.079   -8.312  20.826  1.00 16.87 ? 167 ASP A O   1 
ATOM   1249 C CB  . ASP A 1 171 A 9.168   -6.729  18.520  1.00 16.31 ? 167 ASP A CB  1 
ATOM   1250 C CG  . ASP A 1 171 A 9.558   -6.887  17.042  1.00 17.97 ? 167 ASP A CG  1 
ATOM   1251 O OD1 . ASP A 1 171 A 10.639  -6.443  16.635  1.00 18.82 ? 167 ASP A OD1 1 
ATOM   1252 O OD2 . ASP A 1 171 A 8.799   -7.445  16.238  1.00 20.20 ? 167 ASP A OD2 1 
ATOM   1253 N N   . SER A 1 172 B 6.840   -6.477  21.057  1.00 16.91 ? 167 SER A N   1 
ATOM   1254 C CA  . SER A 1 172 B 6.585   -6.677  22.479  1.00 18.02 ? 167 SER A CA  1 
ATOM   1255 C C   . SER A 1 172 B 5.358   -7.545  22.746  1.00 17.15 ? 167 SER A C   1 
ATOM   1256 O O   . SER A 1 172 B 5.151   -7.956  23.896  1.00 17.36 ? 167 SER A O   1 
ATOM   1257 C CB  . SER A 1 172 B 6.378   -5.330  23.155  1.00 18.15 ? 167 SER A CB  1 
ATOM   1258 O OG  . SER A 1 172 B 7.535   -4.544  22.902  1.00 22.87 ? 167 SER A OG  1 
ATOM   1259 N N   . ALA A 1 173 C 4.522   -7.807  21.728  1.00 15.98 ? 167 ALA A N   1 
ATOM   1260 C CA  . ALA A 1 173 C 3.313   -8.597  21.916  1.00 15.89 ? 167 ALA A CA  1 
ATOM   1261 C C   . ALA A 1 173 C 3.639   -10.064 22.221  1.00 14.95 ? 167 ALA A C   1 
ATOM   1262 O O   . ALA A 1 173 C 4.787   -10.470 22.054  1.00 14.71 ? 167 ALA A O   1 
ATOM   1263 C CB  . ALA A 1 173 C 2.478   -8.534  20.659  1.00 15.08 ? 167 ALA A CB  1 
ATOM   1264 N N   . ALA A 1 174 D 2.665   -10.899 22.593  1.00 14.78 ? 167 ALA A N   1 
ATOM   1265 C CA  . ALA A 1 174 D 2.917   -12.296 22.926  1.00 13.55 ? 167 ALA A CA  1 
ATOM   1266 C C   . ALA A 1 174 D 3.530   -12.999 21.729  1.00 13.96 ? 167 ALA A C   1 
ATOM   1267 O O   . ALA A 1 174 D 4.525   -13.717 21.855  1.00 13.18 ? 167 ALA A O   1 
ATOM   1268 C CB  . ALA A 1 174 D 1.610   -12.953 23.303  1.00 15.04 ? 167 ALA A CB  1 
ATOM   1269 N N   . VAL A 1 175 ? 2.943   -12.771 20.553  1.00 12.62 ? 168 VAL A N   1 
ATOM   1270 C CA  . VAL A 1 175 ? 3.493   -13.211 19.283  1.00 12.27 ? 168 VAL A CA  1 
ATOM   1271 C C   . VAL A 1 175 ? 3.743   -11.881 18.555  1.00 12.42 ? 168 VAL A C   1 
ATOM   1272 O O   . VAL A 1 175 ? 2.788   -11.109 18.362  1.00 13.03 ? 168 VAL A O   1 
ATOM   1273 C CB  . VAL A 1 175 ? 2.460   -14.081 18.501  1.00 12.54 ? 168 VAL A CB  1 
ATOM   1274 C CG1 . VAL A 1 175 ? 2.996   -14.425 17.109  1.00 12.13 ? 168 VAL A CG1 1 
ATOM   1275 C CG2 . VAL A 1 175 ? 2.175   -15.359 19.295  1.00 11.69 ? 168 VAL A CG2 1 
ATOM   1276 N N   . PRO A 1 176 ? 4.979   -11.543 18.149  1.00 11.95 ? 169 PRO A N   1 
ATOM   1277 C CA  . PRO A 1 176 ? 5.286   -10.321 17.402  1.00 12.00 ? 169 PRO A CA  1 
ATOM   1278 C C   . PRO A 1 176 ? 4.461   -10.254 16.130  1.00 11.55 ? 169 PRO A C   1 
ATOM   1279 O O   . PRO A 1 176 ? 4.278   -11.302 15.493  1.00 11.23 ? 169 PRO A O   1 
ATOM   1280 C CB  . PRO A 1 176 ? 6.785   -10.382 17.145  1.00 12.03 ? 169 PRO A CB  1 
ATOM   1281 C CG  . PRO A 1 176 ? 7.106   -11.853 17.280  1.00 14.21 ? 169 PRO A CG  1 
ATOM   1282 C CD  . PRO A 1 176 ? 6.193   -12.317 18.410  1.00 12.18 ? 169 PRO A CD  1 
ATOM   1283 N N   . TYR A 1 177 ? 3.940   -9.089  15.745  1.00 10.43 ? 170 TYR A N   1 
ATOM   1284 C CA  . TYR A 1 177 ? 3.104   -9.034  14.561  1.00 10.11 ? 170 TYR A CA  1 
ATOM   1285 C C   . TYR A 1 177 ? 3.351   -7.790  13.733  1.00 10.33 ? 170 TYR A C   1 
ATOM   1286 O O   . TYR A 1 177 ? 3.910   -6.798  14.219  1.00 9.70  ? 170 TYR A O   1 
ATOM   1287 C CB  . TYR A 1 177 ? 1.601   -9.093  14.941  1.00 10.33 ? 170 TYR A CB  1 
ATOM   1288 C CG  . TYR A 1 177 ? 1.082   -8.032  15.895  1.00 10.73 ? 170 TYR A CG  1 
ATOM   1289 C CD1 . TYR A 1 177 ? 0.889   -6.717  15.461  1.00 11.30 ? 170 TYR A CD1 1 
ATOM   1290 C CD2 . TYR A 1 177 ? 0.847   -8.368  17.229  1.00 10.32 ? 170 TYR A CD2 1 
ATOM   1291 C CE1 . TYR A 1 177 ? 0.469   -5.734  16.348  1.00 11.60 ? 170 TYR A CE1 1 
ATOM   1292 C CE2 . TYR A 1 177 ? 0.413   -7.393  18.121  1.00 10.99 ? 170 TYR A CE2 1 
ATOM   1293 C CZ  . TYR A 1 177 ? 0.234   -6.084  17.676  1.00 11.21 ? 170 TYR A CZ  1 
ATOM   1294 O OH  . TYR A 1 177 ? -0.227  -5.140  18.558  1.00 12.08 ? 170 TYR A OH  1 
ATOM   1295 N N   . TRP A 1 178 ? 2.891   -7.877  12.491  1.00 9.21  ? 171 TRP A N   1 
ATOM   1296 C CA  . TRP A 1 178 ? 2.894   -6.781  11.540  1.00 9.48  ? 171 TRP A CA  1 
ATOM   1297 C C   . TRP A 1 178 ? 1.480   -6.221  11.525  1.00 8.68  ? 171 TRP A C   1 
ATOM   1298 O O   . TRP A 1 178 ? 0.544   -6.978  11.798  1.00 9.25  ? 171 TRP A O   1 
ATOM   1299 C CB  . TRP A 1 178 ? 3.205   -7.268  10.146  1.00 10.15 ? 171 TRP A CB  1 
ATOM   1300 C CG  . TRP A 1 178 ? 4.642   -7.630  9.822   1.00 10.51 ? 171 TRP A CG  1 
ATOM   1301 C CD1 . TRP A 1 178 ? 4.975   -8.919  9.501   1.00 10.22 ? 171 TRP A CD1 1 
ATOM   1302 C CD2 . TRP A 1 178 ? 5.707   -6.757  9.720   1.00 11.20 ? 171 TRP A CD2 1 
ATOM   1303 N NE1 . TRP A 1 178 ? 6.252   -8.875  9.179   1.00 10.49 ? 171 TRP A NE1 1 
ATOM   1304 C CE2 . TRP A 1 178 ? 6.729   -7.621  9.288   1.00 11.40 ? 171 TRP A CE2 1 
ATOM   1305 C CE3 . TRP A 1 178 ? 5.958   -5.397  9.914   1.00 10.91 ? 171 TRP A CE3 1 
ATOM   1306 C CZ2 . TRP A 1 178 ? 8.011   -7.122  9.044   1.00 11.12 ? 171 TRP A CZ2 1 
ATOM   1307 C CZ3 . TRP A 1 178 ? 7.236   -4.903  9.672   1.00 10.71 ? 171 TRP A CZ3 1 
ATOM   1308 C CH2 . TRP A 1 178 ? 8.253   -5.761  9.238   1.00 11.46 ? 171 TRP A CH2 1 
ATOM   1309 N N   . ILE A 1 179 ? 1.282   -4.932  11.217  1.00 8.03  ? 172 ILE A N   1 
ATOM   1310 C CA  . ILE A 1 179 ? -0.037  -4.311  11.137  1.00 7.41  ? 172 ILE A CA  1 
ATOM   1311 C C   . ILE A 1 179 ? -0.127  -3.897  9.663   1.00 7.77  ? 172 ILE A C   1 
ATOM   1312 O O   . ILE A 1 179 ? 0.765   -3.183  9.160   1.00 8.12  ? 172 ILE A O   1 
ATOM   1313 C CB  . ILE A 1 179 ? -0.131  -3.036  12.048  1.00 8.18  ? 172 ILE A CB  1 
ATOM   1314 C CG1 . ILE A 1 179 ? 0.253   -3.359  13.491  1.00 6.51  ? 172 ILE A CG1 1 
ATOM   1315 C CG2 . ILE A 1 179 ? -1.554  -2.473  11.959  1.00 5.94  ? 172 ILE A CG2 1 
ATOM   1316 C CD1 . ILE A 1 179 ? 0.478   -2.101  14.363  1.00 8.86  ? 172 ILE A CD1 1 
ATOM   1317 N N   . ILE A 1 180 ? -1.175  -4.295  8.947   1.00 7.75  ? 173 ILE A N   1 
ATOM   1318 C CA  . ILE A 1 180 ? -1.321  -4.071  7.502   1.00 8.44  ? 173 ILE A CA  1 
ATOM   1319 C C   . ILE A 1 180 ? -2.670  -3.451  7.118   1.00 8.53  ? 173 ILE A C   1 
ATOM   1320 O O   . ILE A 1 180 ? -3.737  -3.903  7.563   1.00 8.58  ? 173 ILE A O   1 
ATOM   1321 C CB  . ILE A 1 180 ? -1.138  -5.437  6.761   1.00 8.04  ? 173 ILE A CB  1 
ATOM   1322 C CG1 . ILE A 1 180 ? 0.271   -5.955  6.945   1.00 8.32  ? 173 ILE A CG1 1 
ATOM   1323 C CG2 . ILE A 1 180 ? -1.419  -5.258  5.286   1.00 6.95  ? 173 ILE A CG2 1 
ATOM   1324 C CD1 . ILE A 1 180 ? 0.457   -7.403  6.438   1.00 10.13 ? 173 ILE A CD1 1 
ATOM   1325 N N   . LYS A 1 181 ? -2.614  -2.384  6.316   1.00 7.20  ? 174 LYS A N   1 
ATOM   1326 C CA  . LYS A 1 181 ? -3.776  -1.684  5.788   1.00 7.23  ? 174 LYS A CA  1 
ATOM   1327 C C   . LYS A 1 181 ? -4.194  -2.393  4.507   1.00 7.67  ? 174 LYS A C   1 
ATOM   1328 O O   . LYS A 1 181 ? -3.374  -2.588  3.589   1.00 7.42  ? 174 LYS A O   1 
ATOM   1329 C CB  . LYS A 1 181 ? -3.456  -0.210  5.434   1.00 6.14  ? 174 LYS A CB  1 
ATOM   1330 C CG  . LYS A 1 181 ? -4.670  0.639   5.017   1.00 6.86  ? 174 LYS A CG  1 
ATOM   1331 C CD  . LYS A 1 181 ? -4.221  2.051   4.547   1.00 6.90  ? 174 LYS A CD  1 
ATOM   1332 C CE  . LYS A 1 181 ? -5.435  2.953   4.334   1.00 7.21  ? 174 LYS A CE  1 
ATOM   1333 N NZ  . LYS A 1 181 ? -5.138  4.337   3.999   1.00 6.94  ? 174 LYS A NZ  1 
ATOM   1334 N N   . ASN A 1 182 ? -5.474  -2.748  4.435   1.00 8.10  ? 175 ASN A N   1 
ATOM   1335 C CA  . ASN A 1 182 ? -6.005  -3.407  3.262   1.00 8.97  ? 175 ASN A CA  1 
ATOM   1336 C C   . ASN A 1 182 ? -6.990  -2.453  2.592   1.00 9.75  ? 175 ASN A C   1 
ATOM   1337 O O   . ASN A 1 182 ? -7.259  -1.383  3.144   1.00 9.69  ? 175 ASN A O   1 
ATOM   1338 C CB  . ASN A 1 182 ? -6.707  -4.693  3.688   1.00 9.50  ? 175 ASN A CB  1 
ATOM   1339 C CG  . ASN A 1 182 ? -6.927  -5.682  2.553   1.00 10.92 ? 175 ASN A CG  1 
ATOM   1340 O OD1 . ASN A 1 182 ? -6.516  -5.507  1.397   1.00 10.77 ? 175 ASN A OD1 1 
ATOM   1341 N ND2 . ASN A 1 182 ? -7.591  -6.782  2.843   1.00 10.97 ? 175 ASN A ND2 1 
ATOM   1342 N N   . SER A 1 183 ? -7.507  -2.808  1.411   1.00 9.32  ? 176 SER A N   1 
ATOM   1343 C CA  . SER A 1 183 ? -8.411  -1.978  0.643   1.00 9.76  ? 176 SER A CA  1 
ATOM   1344 C C   . SER A 1 183 ? -9.774  -2.606  0.384   1.00 10.38 ? 176 SER A C   1 
ATOM   1345 O O   . SER A 1 183 ? -10.353 -2.492  -0.713  1.00 9.29  ? 176 SER A O   1 
ATOM   1346 C CB  . SER A 1 183 ? -7.697  -1.659  -0.651  1.00 9.84  ? 176 SER A CB  1 
ATOM   1347 O OG  . SER A 1 183 ? -7.188  -2.834  -1.280  1.00 10.53 ? 176 SER A OG  1 
ATOM   1348 N N   . TRP A 1 184 ? -10.315 -3.292  1.384   1.00 10.96 ? 177 TRP A N   1 
ATOM   1349 C CA  . TRP A 1 184 ? -11.574 -4.004  1.242   1.00 11.39 ? 177 TRP A CA  1 
ATOM   1350 C C   . TRP A 1 184 ? -12.619 -3.447  2.218   1.00 12.00 ? 177 TRP A C   1 
ATOM   1351 O O   . TRP A 1 184 ? -13.438 -4.212  2.745   1.00 11.99 ? 177 TRP A O   1 
ATOM   1352 C CB  . TRP A 1 184 ? -11.346 -5.521  1.491   1.00 11.20 ? 177 TRP A CB  1 
ATOM   1353 C CG  . TRP A 1 184 ? -10.460 -6.326  0.529   1.00 11.87 ? 177 TRP A CG  1 
ATOM   1354 C CD1 . TRP A 1 184 ? -10.047 -5.844  -0.690  1.00 11.92 ? 177 TRP A CD1 1 
ATOM   1355 C CD2 . TRP A 1 184 ? -9.977  -7.597  0.767   1.00 12.31 ? 177 TRP A CD2 1 
ATOM   1356 N NE1 . TRP A 1 184 ? -9.305  -6.792  -1.225  1.00 12.56 ? 177 TRP A NE1 1 
ATOM   1357 C CE2 . TRP A 1 184 ? -9.233  -7.849  -0.396  1.00 12.41 ? 177 TRP A CE2 1 
ATOM   1358 C CE3 . TRP A 1 184 ? -10.038 -8.572  1.768   1.00 11.78 ? 177 TRP A CE3 1 
ATOM   1359 C CZ2 . TRP A 1 184 ? -8.553  -9.066  -0.558  1.00 13.42 ? 177 TRP A CZ2 1 
ATOM   1360 C CZ3 . TRP A 1 184 ? -9.358  -9.788  1.608   1.00 12.91 ? 177 TRP A CZ3 1 
ATOM   1361 C CH2 . TRP A 1 184 ? -8.618  -10.034 0.449   1.00 13.58 ? 177 TRP A CH2 1 
ATOM   1362 N N   . THR A 1 185 ? -12.638 -2.111  2.424   1.00 11.87 ? 178 THR A N   1 
ATOM   1363 C CA  . THR A 1 185 ? -13.502 -1.341  3.338   1.00 11.78 ? 178 THR A CA  1 
ATOM   1364 C C   . THR A 1 185 ? -13.213 -1.570  4.830   1.00 12.40 ? 178 THR A C   1 
ATOM   1365 O O   . THR A 1 185 ? -12.446 -2.465  5.200   1.00 10.91 ? 178 THR A O   1 
ATOM   1366 C CB  . THR A 1 185 ? -15.072 -1.603  3.152   1.00 12.09 ? 178 THR A CB  1 
ATOM   1367 O OG1 . THR A 1 185 ? -15.415 -2.797  3.887   1.00 12.01 ? 178 THR A OG1 1 
ATOM   1368 C CG2 . THR A 1 185 ? -15.492 -1.711  1.702   1.00 12.50 ? 178 THR A CG2 1 
ATOM   1369 N N   . THR A 1 186 ? -13.842 -0.782  5.712   1.00 13.13 ? 179 THR A N   1 
ATOM   1370 C CA  . THR A 1 186 ? -13.712 -0.977  7.142   1.00 14.60 ? 179 THR A CA  1 
ATOM   1371 C C   . THR A 1 186 ? -14.511 -2.177  7.633   1.00 15.45 ? 179 THR A C   1 
ATOM   1372 O O   . THR A 1 186 ? -14.225 -2.674  8.714   1.00 16.91 ? 179 THR A O   1 
ATOM   1373 C CB  . THR A 1 186 ? -14.167 0.303   7.855   1.00 14.46 ? 179 THR A CB  1 
ATOM   1374 O OG1 . THR A 1 186 ? -15.356 0.712   7.182   1.00 16.72 ? 179 THR A OG1 1 
ATOM   1375 C CG2 . THR A 1 186 ? -13.113 1.413   7.819   1.00 15.11 ? 179 THR A CG2 1 
ATOM   1376 N N   . GLN A 1 187 ? -15.467 -2.717  6.873   1.00 16.60 ? 180 GLN A N   1 
ATOM   1377 C CA  . GLN A 1 187 ? -16.220 -3.896  7.297   1.00 17.48 ? 180 GLN A CA  1 
ATOM   1378 C C   . GLN A 1 187 ? -15.405 -5.187  7.353   1.00 16.58 ? 180 GLN A C   1 
ATOM   1379 O O   . GLN A 1 187 ? -15.896 -6.173  7.911   1.00 18.40 ? 180 GLN A O   1 
ATOM   1380 C CB  . GLN A 1 187 ? -17.397 -4.172  6.369   1.00 20.61 ? 180 GLN A CB  1 
ATOM   1381 C CG  . GLN A 1 187 ? -18.485 -3.117  6.337   1.00 26.65 ? 180 GLN A CG  1 
ATOM   1382 C CD  . GLN A 1 187 ? -19.328 -2.968  7.599   1.00 29.98 ? 180 GLN A CD  1 
ATOM   1383 O OE1 . GLN A 1 187 ? -19.830 -3.926  8.209   1.00 32.76 ? 180 GLN A OE1 1 
ATOM   1384 N NE2 . GLN A 1 187 ? -19.672 -1.736  7.946   1.00 32.84 ? 180 GLN A NE2 1 
ATOM   1385 N N   . TRP A 1 188 ? -14.222 -5.262  6.731   1.00 13.65 ? 181 TRP A N   1 
ATOM   1386 C CA  . TRP A 1 188 ? -13.425 -6.467  6.729   1.00 11.95 ? 181 TRP A CA  1 
ATOM   1387 C C   . TRP A 1 188 ? -12.385 -6.369  7.835   1.00 10.85 ? 181 TRP A C   1 
ATOM   1388 O O   . TRP A 1 188 ? -11.856 -5.280  8.079   1.00 11.25 ? 181 TRP A O   1 
ATOM   1389 C CB  . TRP A 1 188 ? -12.726 -6.625  5.373   1.00 10.45 ? 181 TRP A CB  1 
ATOM   1390 C CG  . TRP A 1 188 ? -11.677 -7.754  5.314   1.00 11.36 ? 181 TRP A CG  1 
ATOM   1391 C CD1 . TRP A 1 188 ? -12.048 -9.030  4.970   1.00 10.46 ? 181 TRP A CD1 1 
ATOM   1392 C CD2 . TRP A 1 188 ? -10.325 -7.650  5.577   1.00 10.60 ? 181 TRP A CD2 1 
ATOM   1393 N NE1 . TRP A 1 188 ? -10.943 -9.741  5.010   1.00 9.59  ? 181 TRP A NE1 1 
ATOM   1394 C CE2 . TRP A 1 188 ? -9.902  -8.972  5.361   1.00 12.03 ? 181 TRP A CE2 1 
ATOM   1395 C CE3 . TRP A 1 188 ? -9.396  -6.683  5.956   1.00 10.89 ? 181 TRP A CE3 1 
ATOM   1396 C CZ2 . TRP A 1 188 ? -8.558  -9.336  5.518   1.00 12.66 ? 181 TRP A CZ2 1 
ATOM   1397 C CZ3 . TRP A 1 188 ? -8.056  -7.048  6.115   1.00 11.38 ? 181 TRP A CZ3 1 
ATOM   1398 C CH2 . TRP A 1 188 ? -7.638  -8.363  5.894   1.00 12.05 ? 181 TRP A CH2 1 
ATOM   1399 N N   . GLY A 1 189 ? -12.027 -7.487  8.467   1.00 10.64 ? 182 GLY A N   1 
ATOM   1400 C CA  . GLY A 1 189 ? -10.953 -7.522  9.454   1.00 10.15 ? 182 GLY A CA  1 
ATOM   1401 C C   . GLY A 1 189 ? -11.135 -6.596  10.644  1.00 10.28 ? 182 GLY A C   1 
ATOM   1402 O O   . GLY A 1 189 ? -12.252 -6.391  11.128  1.00 10.04 ? 182 GLY A O   1 
ATOM   1403 N N   . GLU A 1 190 ? -10.041 -6.022  11.131  1.00 10.43 ? 183 GLU A N   1 
ATOM   1404 C CA  . GLU A 1 190 ? -10.099 -5.130  12.273  1.00 11.06 ? 183 GLU A CA  1 
ATOM   1405 C C   . GLU A 1 190 ? -10.230 -3.693  11.755  1.00 12.18 ? 183 GLU A C   1 
ATOM   1406 O O   . GLU A 1 190 ? -9.220  -2.986  11.605  1.00 10.60 ? 183 GLU A O   1 
ATOM   1407 C CB  . GLU A 1 190 ? -8.830  -5.298  13.103  1.00 11.05 ? 183 GLU A CB  1 
ATOM   1408 C CG  . GLU A 1 190 ? -8.554  -6.707  13.611  1.00 11.21 ? 183 GLU A CG  1 
ATOM   1409 C CD  . GLU A 1 190 ? -7.454  -6.809  14.651  1.00 13.12 ? 183 GLU A CD  1 
ATOM   1410 O OE1 . GLU A 1 190 ? -6.462  -6.092  14.604  1.00 11.71 ? 183 GLU A OE1 1 
ATOM   1411 O OE2 . GLU A 1 190 ? -7.563  -7.630  15.554  1.00 13.39 ? 183 GLU A OE2 1 
ATOM   1412 N N   . GLU A 1 191 ? -11.452 -3.255  11.416  1.00 13.96 ? 184 GLU A N   1 
ATOM   1413 C CA  . GLU A 1 191 ? -11.712 -1.929  10.843  1.00 15.32 ? 184 GLU A CA  1 
ATOM   1414 C C   . GLU A 1 191 ? -10.860 -1.672  9.587   1.00 13.53 ? 184 GLU A C   1 
ATOM   1415 O O   . GLU A 1 191 ? -10.263 -0.606  9.365   1.00 13.30 ? 184 GLU A O   1 
ATOM   1416 C CB  . GLU A 1 191 ? -11.444 -0.866  11.907  1.00 18.79 ? 184 GLU A CB  1 
ATOM   1417 C CG  . GLU A 1 191 ? -12.575 -0.699  12.908  1.00 27.54 ? 184 GLU A CG  1 
ATOM   1418 C CD  . GLU A 1 191 ? -13.842 -0.174  12.240  1.00 32.68 ? 184 GLU A CD  1 
ATOM   1419 O OE1 . GLU A 1 191 ? -13.875 0.992   11.830  1.00 36.09 ? 184 GLU A OE1 1 
ATOM   1420 O OE2 . GLU A 1 191 ? -14.801 -0.939  12.116  1.00 36.39 ? 184 GLU A OE2 1 
ATOM   1421 N N   . GLY A 1 192 ? -10.753 -2.711  8.743   1.00 11.79 ? 185 GLY A N   1 
ATOM   1422 C CA  . GLY A 1 192 ? -10.030 -2.665  7.477   1.00 10.43 ? 185 GLY A CA  1 
ATOM   1423 C C   . GLY A 1 192 ? -8.566  -3.082  7.561   1.00 10.24 ? 185 GLY A C   1 
ATOM   1424 O O   . GLY A 1 192 ? -7.879  -3.099  6.522   1.00 8.98  ? 185 GLY A O   1 
ATOM   1425 N N   . TYR A 1 193 ? -8.076  -3.396  8.769   1.00 9.83  ? 186 TYR A N   1 
ATOM   1426 C CA  . TYR A 1 193 ? -6.698  -3.777  9.018   1.00 9.66  ? 186 TYR A CA  1 
ATOM   1427 C C   . TYR A 1 193 ? -6.574  -5.253  9.337   1.00 9.74  ? 186 TYR A C   1 
ATOM   1428 O O   . TYR A 1 193 ? -7.583  -5.885  9.680   1.00 9.16  ? 186 TYR A O   1 
ATOM   1429 C CB  . TYR A 1 193 ? -6.139  -2.969  10.192  1.00 8.99  ? 186 TYR A CB  1 
ATOM   1430 C CG  . TYR A 1 193 ? -5.811  -1.540  9.775   1.00 9.34  ? 186 TYR A CG  1 
ATOM   1431 C CD1 . TYR A 1 193 ? -6.792  -0.546  9.780   1.00 9.63  ? 186 TYR A CD1 1 
ATOM   1432 C CD2 . TYR A 1 193 ? -4.514  -1.253  9.339   1.00 9.90  ? 186 TYR A CD2 1 
ATOM   1433 C CE1 . TYR A 1 193 ? -6.472  0.729   9.326   1.00 9.52  ? 186 TYR A CE1 1 
ATOM   1434 C CE2 . TYR A 1 193 ? -4.199  0.021   8.885   1.00 9.73  ? 186 TYR A CE2 1 
ATOM   1435 C CZ  . TYR A 1 193 ? -5.180  1.007   8.884   1.00 10.31 ? 186 TYR A CZ  1 
ATOM   1436 O OH  . TYR A 1 193 ? -4.861  2.269   8.429   1.00 12.94 ? 186 TYR A OH  1 
ATOM   1437 N N   . ILE A 1 194 ? -5.358  -5.792  9.199   1.00 9.39  ? 187 ILE A N   1 
ATOM   1438 C CA  . ILE A 1 194 ? -5.059  -7.175  9.582   1.00 9.98  ? 187 ILE A CA  1 
ATOM   1439 C C   . ILE A 1 194 ? -3.713  -7.212  10.295  1.00 9.76  ? 187 ILE A C   1 
ATOM   1440 O O   . ILE A 1 194 ? -2.823  -6.416  9.988   1.00 9.74  ? 187 ILE A O   1 
ATOM   1441 C CB  . ILE A 1 194 ? -5.050  -8.113  8.309   1.00 9.96  ? 187 ILE A CB  1 
ATOM   1442 C CG1 . ILE A 1 194 ? -4.622  -9.519  8.698   1.00 9.86  ? 187 ILE A CG1 1 
ATOM   1443 C CG2 . ILE A 1 194 ? -4.096  -7.596  7.243   1.00 11.21 ? 187 ILE A CG2 1 
ATOM   1444 C CD1 . ILE A 1 194 ? -4.818  -10.581 7.590   1.00 11.54 ? 187 ILE A CD1 1 
ATOM   1445 N N   . ARG A 1 195 ? -3.567  -8.074  11.294  1.00 9.60  ? 188 ARG A N   1 
ATOM   1446 C CA  . ARG A 1 195 ? -2.291  -8.330  11.944  1.00 10.49 ? 188 ARG A CA  1 
ATOM   1447 C C   . ARG A 1 195 ? -1.907  -9.779  11.696  1.00 10.44 ? 188 ARG A C   1 
ATOM   1448 O O   . ARG A 1 195 ? -2.729  -10.688 11.885  1.00 10.68 ? 188 ARG A O   1 
ATOM   1449 C CB  . ARG A 1 195 ? -2.377  -8.099  13.445  1.00 11.74 ? 188 ARG A CB  1 
ATOM   1450 C CG  . ARG A 1 195 ? -2.461  -6.618  13.739  1.00 13.93 ? 188 ARG A CG  1 
ATOM   1451 C CD  . ARG A 1 195 ? -3.463  -6.381  14.811  1.00 17.42 ? 188 ARG A CD  1 
ATOM   1452 N NE  . ARG A 1 195 ? -3.009  -6.777  16.117  1.00 19.96 ? 188 ARG A NE  1 
ATOM   1453 C CZ  . ARG A 1 195 ? -3.822  -7.266  17.064  1.00 20.06 ? 188 ARG A CZ  1 
ATOM   1454 N NH1 . ARG A 1 195 ? -5.135  -7.423  16.878  1.00 20.52 ? 188 ARG A NH1 1 
ATOM   1455 N NH2 . ARG A 1 195 ? -3.253  -7.570  18.233  1.00 21.32 ? 188 ARG A NH2 1 
ATOM   1456 N N   . ILE A 1 196 ? -0.671  -10.008 11.257  1.00 11.34 ? 189 ILE A N   1 
ATOM   1457 C CA  . ILE A 1 196 ? -0.160  -11.348 10.972  1.00 11.14 ? 189 ILE A CA  1 
ATOM   1458 C C   . ILE A 1 196 ? 1.121   -11.496 11.786  1.00 11.45 ? 189 ILE A C   1 
ATOM   1459 O O   . ILE A 1 196 ? 1.791   -10.488 12.057  1.00 10.89 ? 189 ILE A O   1 
ATOM   1460 C CB  . ILE A 1 196 ? 0.187   -11.577 9.445   1.00 10.61 ? 189 ILE A CB  1 
ATOM   1461 C CG1 . ILE A 1 196 ? 1.226   -10.591 8.893   1.00 11.35 ? 189 ILE A CG1 1 
ATOM   1462 C CG2 . ILE A 1 196 ? -1.120  -11.431 8.654   1.00 10.26 ? 189 ILE A CG2 1 
ATOM   1463 C CD1 . ILE A 1 196 ? 1.696   -10.928 7.457   1.00 11.29 ? 189 ILE A CD1 1 
ATOM   1464 N N   . ALA A 1 197 ? 1.478   -12.712 12.194  1.00 11.61 ? 190 ALA A N   1 
ATOM   1465 C CA  . ALA A 1 197 ? 2.704   -12.930 12.947  1.00 11.59 ? 190 ALA A CA  1 
ATOM   1466 C C   . ALA A 1 197 ? 3.917   -12.488 12.131  1.00 11.70 ? 190 ALA A C   1 
ATOM   1467 O O   . ALA A 1 197 ? 3.931   -12.626 10.900  1.00 13.08 ? 190 ALA A O   1 
ATOM   1468 C CB  . ALA A 1 197 ? 2.863   -14.409 13.303  1.00 11.52 ? 190 ALA A CB  1 
ATOM   1469 N N   . LYS A 1 198 ? 4.907   -11.912 12.812  1.00 11.09 ? 191 LYS A N   1 
ATOM   1470 C CA  . LYS A 1 198 ? 6.141   -11.403 12.220  1.00 11.77 ? 191 LYS A CA  1 
ATOM   1471 C C   . LYS A 1 198 ? 7.341   -12.310 12.533  1.00 12.40 ? 191 LYS A C   1 
ATOM   1472 O O   . LYS A 1 198 ? 7.445   -12.894 13.623  1.00 12.48 ? 191 LYS A O   1 
ATOM   1473 C CB  . LYS A 1 198 ? 6.380   -9.972  12.757  1.00 12.61 ? 191 LYS A CB  1 
ATOM   1474 C CG  . LYS A 1 198 ? 7.745   -9.348  12.466  1.00 12.13 ? 191 LYS A CG  1 
ATOM   1475 C CD  . LYS A 1 198 ? 7.777   -7.893  12.927  1.00 13.91 ? 191 LYS A CD  1 
ATOM   1476 C CE  . LYS A 1 198 ? 9.175   -7.284  12.764  1.00 14.90 ? 191 LYS A CE  1 
ATOM   1477 N NZ  . LYS A 1 198 ? 10.020  -7.503  13.928  1.00 16.58 ? 191 LYS A NZ  1 
ATOM   1478 N N   . GLY A 1 199 ? 8.255   -12.466 11.577  1.00 12.40 ? 192 GLY A N   1 
ATOM   1479 C CA  . GLY A 1 199 ? 9.450   -13.267 11.763  1.00 13.04 ? 192 GLY A CA  1 
ATOM   1480 C C   . GLY A 1 199 ? 9.432   -14.634 11.077  1.00 13.04 ? 192 GLY A C   1 
ATOM   1481 O O   . GLY A 1 199 ? 10.418  -15.375 11.157  1.00 13.92 ? 192 GLY A O   1 
ATOM   1482 N N   . SER A 1 200 ? 8.360   -15.067 10.412  1.00 12.33 ? 193 SER A N   1 
ATOM   1483 C CA  . SER A 1 200 ? 8.360   -16.378 9.762   1.00 11.79 ? 193 SER A CA  1 
ATOM   1484 C C   . SER A 1 200 ? 7.842   -16.310 8.337   1.00 12.00 ? 193 SER A C   1 
ATOM   1485 O O   . SER A 1 200 ? 7.392   -17.300 7.766   1.00 12.04 ? 193 SER A O   1 
ATOM   1486 C CB  . SER A 1 200 ? 7.523   -17.350 10.581  1.00 10.58 ? 193 SER A CB  1 
ATOM   1487 O OG  . SER A 1 200 ? 6.296   -16.786 11.012  1.00 10.39 ? 193 SER A OG  1 
ATOM   1488 N N   . ASN A 1 201 ? 7.886   -15.121 7.746   1.00 11.83 ? 198 ASN A N   1 
ATOM   1489 C CA  . ASN A 1 201 ? 7.469   -14.840 6.383   1.00 11.30 ? 198 ASN A CA  1 
ATOM   1490 C C   . ASN A 1 201 ? 6.048   -15.293 6.105   1.00 10.80 ? 198 ASN A C   1 
ATOM   1491 O O   . ASN A 1 201 ? 5.715   -15.914 5.090   1.00 11.73 ? 198 ASN A O   1 
ATOM   1492 C CB  . ASN A 1 201 ? 8.459   -15.514 5.415   1.00 12.32 ? 198 ASN A CB  1 
ATOM   1493 C CG  . ASN A 1 201 ? 8.322   -15.005 3.998   1.00 12.15 ? 198 ASN A CG  1 
ATOM   1494 O OD1 . ASN A 1 201 ? 7.894   -13.872 3.762   1.00 13.68 ? 198 ASN A OD1 1 
ATOM   1495 N ND2 . ASN A 1 201 ? 8.712   -15.785 3.008   1.00 11.99 ? 198 ASN A ND2 1 
ATOM   1496 N N   . GLN A 1 202 ? 5.163   -14.909 7.033   1.00 10.46 ? 199 GLN A N   1 
ATOM   1497 C CA  . GLN A 1 202 ? 3.754   -15.240 6.947   1.00 11.24 ? 199 GLN A CA  1 
ATOM   1498 C C   . GLN A 1 202 ? 3.166   -14.561 5.737   1.00 11.88 ? 199 GLN A C   1 
ATOM   1499 O O   . GLN A 1 202 ? 3.438   -13.380 5.510   1.00 11.32 ? 199 GLN A O   1 
ATOM   1500 C CB  . GLN A 1 202 ? 2.982   -14.755 8.167   1.00 11.90 ? 199 GLN A CB  1 
ATOM   1501 C CG  . GLN A 1 202 ? 3.358   -15.515 9.448   1.00 13.86 ? 199 GLN A CG  1 
ATOM   1502 C CD  . GLN A 1 202 ? 3.047   -17.005 9.345   1.00 14.73 ? 199 GLN A CD  1 
ATOM   1503 O OE1 . GLN A 1 202 ? 3.901   -17.889 9.361   1.00 16.67 ? 199 GLN A OE1 1 
ATOM   1504 N NE2 . GLN A 1 202 ? 1.795   -17.362 9.182   1.00 14.85 ? 199 GLN A NE2 1 
ATOM   1505 N N   . CYS A 1 203 ? 2.465   -15.326 4.899   1.00 11.51 ? 200 CYS A N   1 
ATOM   1506 C CA  . CYS A 1 203 ? 1.823   -14.817 3.685   1.00 11.94 ? 200 CYS A CA  1 
ATOM   1507 C C   . CYS A 1 203 ? 2.829   -14.232 2.682   1.00 11.20 ? 200 CYS A C   1 
ATOM   1508 O O   . CYS A 1 203 ? 2.467   -13.436 1.808   1.00 10.78 ? 200 CYS A O   1 
ATOM   1509 C CB  . CYS A 1 203 ? 0.803   -13.724 4.003   1.00 11.69 ? 200 CYS A CB  1 
ATOM   1510 S SG  . CYS A 1 203 ? -0.252  -13.941 5.462   1.00 13.76 ? 200 CYS A SG  1 
ATOM   1511 N N   . LEU A 1 204 ? 4.101   -14.636 2.774   1.00 11.65 ? 201 LEU A N   1 
ATOM   1512 C CA  . LEU A 1 204 ? 5.212   -14.188 1.924   1.00 11.47 ? 201 LEU A CA  1 
ATOM   1513 C C   . LEU A 1 204 ? 5.459   -12.681 1.974   1.00 11.06 ? 201 LEU A C   1 
ATOM   1514 O O   . LEU A 1 204 ? 5.934   -12.074 1.006   1.00 10.63 ? 201 LEU A O   1 
ATOM   1515 C CB  . LEU A 1 204 ? 4.955   -14.647 0.459   1.00 11.16 ? 201 LEU A CB  1 
ATOM   1516 C CG  . LEU A 1 204 ? 4.762   -16.135 0.178   1.00 11.18 ? 201 LEU A CG  1 
ATOM   1517 C CD1 . LEU A 1 204 ? 4.456   -16.310 -1.304  1.00 11.09 ? 201 LEU A CD1 1 
ATOM   1518 C CD2 . LEU A 1 204 ? 6.002   -16.917 0.591   1.00 10.31 ? 201 LEU A CD2 1 
ATOM   1519 N N   . VAL A 1 205 ? 5.221   -12.092 3.155   1.00 11.30 ? 202 VAL A N   1 
ATOM   1520 C CA  . VAL A 1 205 ? 5.307   -10.643 3.357   1.00 12.27 ? 202 VAL A CA  1 
ATOM   1521 C C   . VAL A 1 205 ? 6.679   -10.017 3.097   1.00 12.81 ? 202 VAL A C   1 
ATOM   1522 O O   . VAL A 1 205 ? 6.778   -8.832  2.735   1.00 13.69 ? 202 VAL A O   1 
ATOM   1523 C CB  . VAL A 1 205 ? 4.794   -10.351 4.812   1.00 12.22 ? 202 VAL A CB  1 
ATOM   1524 C CG1 . VAL A 1 205 ? 5.770   -10.882 5.863   1.00 11.51 ? 202 VAL A CG1 1 
ATOM   1525 C CG2 . VAL A 1 205 ? 4.545   -8.865  4.958   1.00 11.78 ? 202 VAL A CG2 1 
ATOM   1526 N N   . LYS A 1 206 ? 7.781   -10.753 3.239   1.00 12.92 ? 203 LYS A N   1 
ATOM   1527 C CA  . LYS A 1 206 ? 9.097   -10.159 2.984   1.00 14.42 ? 203 LYS A CA  1 
ATOM   1528 C C   . LYS A 1 206 ? 9.498   -10.176 1.507   1.00 13.67 ? 203 LYS A C   1 
ATOM   1529 O O   . LYS A 1 206 ? 10.526  -9.586  1.169   1.00 13.89 ? 203 LYS A O   1 
ATOM   1530 C CB  . LYS A 1 206 ? 10.201  -10.894 3.782   1.00 14.89 ? 203 LYS A CB  1 
ATOM   1531 C CG  . LYS A 1 206 ? 10.581  -12.271 3.227   1.00 17.10 ? 203 LYS A CG  1 
ATOM   1532 C CD  . LYS A 1 206 ? 11.620  -13.033 4.050   1.00 19.96 ? 203 LYS A CD  1 
ATOM   1533 C CE  . LYS A 1 206 ? 12.029  -14.340 3.353   1.00 21.12 ? 203 LYS A CE  1 
ATOM   1534 N NZ  . LYS A 1 206 ? 12.335  -14.135 1.944   1.00 26.32 ? 203 LYS A NZ  1 
ATOM   1535 N N   . GLU A 1 207 ? 8.757   -10.807 0.595   1.00 13.77 ? 204 GLU A N   1 
ATOM   1536 C CA  . GLU A 1 207 ? 9.303   -11.039 -0.728  1.00 15.18 ? 204 GLU A CA  1 
ATOM   1537 C C   . GLU A 1 207 ? 9.346   -9.873  -1.714  1.00 14.81 ? 204 GLU A C   1 
ATOM   1538 O O   . GLU A 1 207 ? 10.255  -9.839  -2.547  1.00 14.93 ? 204 GLU A O   1 
ATOM   1539 C CB  . GLU A 1 207 ? 8.551   -12.237 -1.371  1.00 16.91 ? 204 GLU A CB  1 
ATOM   1540 C CG  . GLU A 1 207 ? 8.636   -13.576 -0.645  1.00 21.53 ? 204 GLU A CG  1 
ATOM   1541 C CD  . GLU A 1 207 ? 10.010  -14.134 -0.247  1.00 24.39 ? 204 GLU A CD  1 
ATOM   1542 O OE1 . GLU A 1 207 ? 11.074  -13.688 -0.696  1.00 27.62 ? 204 GLU A OE1 1 
ATOM   1543 O OE2 . GLU A 1 207 ? 10.083  -14.987 0.645   1.00 25.69 ? 204 GLU A OE2 1 
ATOM   1544 N N   . GLU A 1 208 ? 8.467   -8.889  -1.636  1.00 14.48 ? 205 GLU A N   1 
ATOM   1545 C CA  . GLU A 1 208 ? 8.386   -7.837  -2.641  1.00 15.13 ? 205 GLU A CA  1 
ATOM   1546 C C   . GLU A 1 208 ? 8.052   -6.543  -1.922  1.00 12.80 ? 205 GLU A C   1 
ATOM   1547 O O   . GLU A 1 208 ? 6.906   -6.087  -1.906  1.00 12.12 ? 205 GLU A O   1 
ATOM   1548 C CB  . GLU A 1 208 ? 7.311   -8.310  -3.629  1.00 18.82 ? 205 GLU A CB  1 
ATOM   1549 C CG  . GLU A 1 208 ? 7.028   -7.550  -4.914  1.00 26.98 ? 205 GLU A CG  1 
ATOM   1550 C CD  . GLU A 1 208 ? 8.080   -7.598  -6.019  1.00 31.49 ? 205 GLU A CD  1 
ATOM   1551 O OE1 . GLU A 1 208 ? 8.974   -8.452  -5.929  1.00 34.67 ? 205 GLU A OE1 1 
ATOM   1552 O OE2 . GLU A 1 208 ? 8.031   -6.799  -6.959  1.00 35.13 ? 205 GLU A OE2 1 
ATOM   1553 N N   . ALA A 1 209 ? 8.994   -5.996  -1.165  1.00 11.03 ? 206 ALA A N   1 
ATOM   1554 C CA  . ALA A 1 209 ? 8.723   -4.805  -0.378  1.00 10.41 ? 206 ALA A CA  1 
ATOM   1555 C C   . ALA A 1 209 ? 9.380   -3.596  -1.013  1.00 9.47  ? 206 ALA A C   1 
ATOM   1556 O O   . ALA A 1 209 ? 10.540  -3.687  -1.420  1.00 8.74  ? 206 ALA A O   1 
ATOM   1557 C CB  . ALA A 1 209 ? 9.264   -4.977  1.051   1.00 8.93  ? 206 ALA A CB  1 
ATOM   1558 N N   . SER A 1 210 ? 8.695   -2.463  -1.120  1.00 10.13 ? 207 SER A N   1 
ATOM   1559 C CA  . SER A 1 210 ? 9.284   -1.287  -1.726  1.00 10.04 ? 207 SER A CA  1 
ATOM   1560 C C   . SER A 1 210 ? 8.640   0.009   -1.244  1.00 9.58  ? 207 SER A C   1 
ATOM   1561 O O   . SER A 1 210 ? 7.616   -0.003  -0.536  1.00 9.29  ? 207 SER A O   1 
ATOM   1562 C CB  . SER A 1 210 ? 9.159   -1.395  -3.239  1.00 10.84 ? 207 SER A CB  1 
ATOM   1563 O OG  . SER A 1 210 ? 7.821   -1.499  -3.685  1.00 14.39 ? 207 SER A OG  1 
ATOM   1564 N N   . SER A 1 211 ? 9.250   1.146   -1.566  1.00 8.28  ? 208 SER A N   1 
ATOM   1565 C CA  . SER A 1 211 ? 8.697   2.425   -1.166  1.00 9.36  ? 208 SER A CA  1 
ATOM   1566 C C   . SER A 1 211 ? 9.087   3.478   -2.182  1.00 9.35  ? 208 SER A C   1 
ATOM   1567 O O   . SER A 1 211 ? 10.152  3.379   -2.808  1.00 8.97  ? 208 SER A O   1 
ATOM   1568 C CB  . SER A 1 211 ? 9.240   2.868   0.181   1.00 8.90  ? 208 SER A CB  1 
ATOM   1569 O OG  . SER A 1 211 ? 8.543   4.024   0.632   1.00 8.95  ? 208 SER A OG  1 
ATOM   1570 N N   . ALA A 1 212 ? 8.190   4.466   -2.305  1.00 10.17 ? 209 ALA A N   1 
ATOM   1571 C CA  . ALA A 1 212 ? 8.430   5.663   -3.084  1.00 10.04 ? 209 ALA A CA  1 
ATOM   1572 C C   . ALA A 1 212 ? 9.403   6.530   -2.287  1.00 11.05 ? 209 ALA A C   1 
ATOM   1573 O O   . ALA A 1 212 ? 9.487   6.464   -1.055  1.00 10.13 ? 209 ALA A O   1 
ATOM   1574 C CB  . ALA A 1 212 ? 7.135   6.446   -3.279  1.00 8.68  ? 209 ALA A CB  1 
ATOM   1575 N N   . VAL A 1 213 ? 10.155  7.341   -3.019  1.00 11.80 ? 210 VAL A N   1 
ATOM   1576 C CA  . VAL A 1 213 ? 11.101  8.281   -2.449  1.00 14.29 ? 210 VAL A CA  1 
ATOM   1577 C C   . VAL A 1 213 ? 10.547  9.644   -2.815  1.00 16.12 ? 210 VAL A C   1 
ATOM   1578 O O   . VAL A 1 213 ? 10.213  9.866   -3.989  1.00 15.36 ? 210 VAL A O   1 
ATOM   1579 C CB  . VAL A 1 213 ? 12.512  8.090   -3.077  1.00 14.08 ? 210 VAL A CB  1 
ATOM   1580 C CG1 . VAL A 1 213 ? 13.492  9.108   -2.535  1.00 14.38 ? 210 VAL A CG1 1 
ATOM   1581 C CG2 . VAL A 1 213 ? 13.033  6.704   -2.738  1.00 13.75 ? 210 VAL A CG2 1 
ATOM   1582 N N   . VAL A 1 214 ? 10.370  10.556  -1.869  1.00 19.72 ? 211 VAL A N   1 
ATOM   1583 C CA  . VAL A 1 214 ? 9.994   11.910  -2.254  1.00 24.72 ? 211 VAL A CA  1 
ATOM   1584 C C   . VAL A 1 214 ? 11.158  12.828  -1.866  1.00 27.72 ? 211 VAL A C   1 
ATOM   1585 O O   . VAL A 1 214 ? 11.810  12.585  -0.842  1.00 28.02 ? 211 VAL A O   1 
ATOM   1586 C CB  . VAL A 1 214 ? 8.586   12.330  -1.573  1.00 25.01 ? 211 VAL A CB  1 
ATOM   1587 C CG1 . VAL A 1 214 ? 8.117   11.332  -0.552  1.00 25.21 ? 211 VAL A CG1 1 
ATOM   1588 C CG2 . VAL A 1 214 ? 8.695   13.682  -0.901  1.00 24.39 ? 211 VAL A CG2 1 
ATOM   1589 N N   . GLY A 1 215 ? 11.501  13.822  -2.676  1.00 31.05 ? 212 GLY A N   1 
ATOM   1590 C CA  . GLY A 1 215 ? 12.513  14.777  -2.249  1.00 35.37 ? 212 GLY A CA  1 
ATOM   1591 C C   . GLY A 1 215 ? 13.524  15.104  -3.337  1.00 37.88 ? 212 GLY A C   1 
ATOM   1592 O O   . GLY A 1 215 ? 14.722  14.953  -3.089  1.00 39.97 ? 212 GLY A O   1 
ATOM   1593 O OXT . GLY A 1 215 ? 13.105  15.549  -4.411  1.00 40.33 ? 212 GLY A OXT 1 
HETATM 1594 O O1  . 0I5 B 2 .   ? 0.247   -8.908  -14.481 1.00 20.20 ? 280 0I5 A O1  1 
HETATM 1595 C C2  . 0I5 B 2 .   ? 0.526   -7.794  -13.528 1.00 20.60 ? 280 0I5 A C2  1 
HETATM 1596 C C3  . 0I5 B 2 .   ? 0.562   -8.381  -12.162 1.00 18.28 ? 280 0I5 A C3  1 
HETATM 1597 N N4  . 0I5 B 2 .   ? -0.637  -9.186  -11.911 1.00 18.80 ? 280 0I5 A N4  1 
HETATM 1598 C C5  . 0I5 B 2 .   ? -1.230  -9.968  -12.943 1.00 18.80 ? 280 0I5 A C5  1 
HETATM 1599 C C6  . 0I5 B 2 .   ? -1.105  -9.410  -14.331 1.00 19.84 ? 280 0I5 A C6  1 
HETATM 1600 C C   . 0I5 B 2 .   ? -1.284  -9.206  -10.699 1.00 15.96 ? 280 0I5 A C   1 
HETATM 1601 O O   . 0I5 B 2 .   ? -2.310  -9.931  -10.538 1.00 15.67 ? 280 0I5 A O   1 
HETATM 1602 N N   . 0I5 B 2 .   ? -0.774  -8.394  -9.612  1.00 13.84 ? 280 0I5 A N   1 
HETATM 1603 C CA  . 0I5 B 2 .   ? -1.439  -8.382  -8.331  1.00 12.97 ? 280 0I5 A CA  1 
HETATM 1604 C C1  . 0I5 B 2 .   ? -2.800  -7.706  -8.520  1.00 12.63 ? 280 0I5 A C1  1 
HETATM 1605 O O2  . 0I5 B 2 .   ? -2.870  -6.555  -8.961  1.00 11.07 ? 280 0I5 A O2  1 
HETATM 1606 C CB  . 0I5 B 2 .   ? -0.554  -7.615  -7.332  1.00 13.37 ? 280 0I5 A CB  1 
HETATM 1607 C CG  . 0I5 B 2 .   ? 0.593   -8.304  -6.541  1.00 14.66 ? 280 0I5 A CG  1 
HETATM 1608 C CD1 . 0I5 B 2 .   ? 1.105   -9.568  -7.195  1.00 13.92 ? 280 0I5 A CD1 1 
HETATM 1609 C CD2 . 0I5 B 2 .   ? 1.693   -7.278  -6.376  1.00 13.82 ? 280 0I5 A CD2 1 
HETATM 1610 N N1  . 0I5 B 2 .   ? -3.893  -8.434  -8.226  1.00 12.32 ? 280 0I5 A N1  1 
HETATM 1611 C CA1 . 0I5 B 2 .   ? -5.233  -7.880  -8.408  1.00 12.46 ? 280 0I5 A CA1 1 
HETATM 1612 C C4  . 0I5 B 2 .   ? -5.749  -7.390  -7.059  1.00 11.97 ? 280 0I5 A C4  1 
HETATM 1613 O O3  . 0I5 B 2 .   ? -6.725  -6.657  -7.042  1.00 11.85 ? 280 0I5 A O3  1 
HETATM 1614 C CB1 . 0I5 B 2 .   ? -6.167  -8.939  -8.960  1.00 12.78 ? 280 0I5 A CB1 1 
HETATM 1615 C CM  . 0I5 B 2 .   ? -5.075  -7.510  -5.698  1.00 10.90 ? 280 0I5 A CM  1 
HETATM 1616 O O   . HOH C 3 .   ? 1.711   -22.167 3.029   1.00 28.60 ? 213 HOH A O   1 
HETATM 1617 O O   . HOH C 3 .   ? -1.609  16.105  8.282   1.00 32.18 ? 214 HOH A O   1 
HETATM 1618 O O   . HOH C 3 .   ? -3.969  16.517  7.111   1.00 34.87 ? 215 HOH A O   1 
HETATM 1619 O O   . HOH C 3 .   ? 6.085   -18.644 4.555   1.00 35.26 ? 216 HOH A O   1 
HETATM 1620 O O   . HOH C 3 .   ? 6.121   -13.193 8.927   1.00 20.25 ? 217 HOH A O   1 
HETATM 1621 O O   . HOH C 3 .   ? 11.642  -14.343 7.778   1.00 32.51 ? 218 HOH A O   1 
HETATM 1622 O O   . HOH C 3 .   ? 11.382  -10.372 12.727  1.00 39.18 ? 219 HOH A O   1 
HETATM 1623 O O   . HOH C 3 .   ? 2.503   0.667   19.534  1.00 36.10 ? 220 HOH A O   1 
HETATM 1624 O O   . HOH C 3 .   ? 2.227   10.693  17.927  1.00 14.15 ? 221 HOH A O   1 
HETATM 1625 O O   . HOH C 3 .   ? -8.433  9.825   4.946   1.00 19.48 ? 222 HOH A O   1 
HETATM 1626 O O   . HOH C 3 .   ? -9.188  7.507   2.610   1.00 19.49 ? 223 HOH A O   1 
HETATM 1627 O O   . HOH C 3 .   ? -9.677  2.239   10.476  1.00 19.62 ? 224 HOH A O   1 
HETATM 1628 O O   . HOH C 3 .   ? -10.504 4.036   8.247   1.00 17.33 ? 225 HOH A O   1 
HETATM 1629 O O   . HOH C 3 .   ? -5.018  1.459   0.998   1.00 23.12 ? 226 HOH A O   1 
HETATM 1630 O O   . HOH C 3 .   ? -7.382  1.215   2.079   1.00 11.37 ? 227 HOH A O   1 
HETATM 1631 O O   . HOH C 3 .   ? -4.448  4.615   1.463   1.00 18.90 ? 228 HOH A O   1 
HETATM 1632 O O   . HOH C 3 .   ? -4.558  3.474   -0.895  1.00 20.03 ? 229 HOH A O   1 
HETATM 1633 O O   . HOH C 3 .   ? -3.627  -1.097  1.168   1.00 13.58 ? 230 HOH A O   1 
HETATM 1634 O O   . HOH C 3 .   ? -4.638  -2.857  -0.725  1.00 12.25 ? 231 HOH A O   1 
HETATM 1635 O O   . HOH C 3 .   ? -9.790  -3.332  4.161   1.00 8.86  ? 232 HOH A O   1 
HETATM 1636 O O   . HOH C 3 .   ? -24.064 -1.371  -9.733  1.00 16.02 ? 233 HOH A O   1 
HETATM 1637 O O   . HOH C 3 .   ? -22.171 -2.938  -13.067 1.00 19.88 ? 234 HOH A O   1 
HETATM 1638 O O   . HOH C 3 .   ? -16.717 1.518   -12.195 1.00 18.69 ? 235 HOH A O   1 
HETATM 1639 O O   . HOH C 3 .   ? -19.516 3.138   -8.854  1.00 39.92 ? 236 HOH A O   1 
HETATM 1640 O O   . HOH C 3 .   ? -16.165 3.679   -8.458  1.00 22.09 ? 237 HOH A O   1 
HETATM 1641 O O   . HOH C 3 .   ? 5.954   -4.284  -6.821  1.00 14.67 ? 238 HOH A O   1 
HETATM 1642 O O   . HOH C 3 .   ? 6.308   -3.857  -3.966  1.00 14.73 ? 239 HOH A O   1 
HETATM 1643 O O   . HOH C 3 .   ? 10.301  -4.722  -4.438  1.00 22.11 ? 240 HOH A O   1 
HETATM 1644 O O   . HOH C 3 .   ? 2.420   -5.236  -14.710 1.00 18.05 ? 241 HOH A O   1 
HETATM 1645 O O   . HOH C 3 .   ? 6.317   -8.412  0.049   1.00 12.45 ? 242 HOH A O   1 
HETATM 1646 O O   . HOH C 3 .   ? 11.428  -7.346  -0.437  1.00 10.95 ? 243 HOH A O   1 
HETATM 1647 O O   . HOH C 3 .   ? -0.251  12.602  1.865   1.00 15.04 ? 244 HOH A O   1 
HETATM 1648 O O   . HOH C 3 .   ? 10.644  9.684   0.904   1.00 18.61 ? 245 HOH A O   1 
HETATM 1649 O O   . HOH C 3 .   ? 11.731  6.902   1.042   1.00 17.64 ? 246 HOH A O   1 
HETATM 1650 O O   . HOH C 3 .   ? 9.413   10.903  3.460   1.00 17.67 ? 247 HOH A O   1 
HETATM 1651 O O   . HOH C 3 .   ? 9.632   15.467  -4.789  1.00 23.49 ? 248 HOH A O   1 
HETATM 1652 O O   . HOH C 3 .   ? 11.496  12.403  6.756   1.00 44.89 ? 249 HOH A O   1 
HETATM 1653 O O   . HOH C 3 .   ? 3.318   17.561  8.247   1.00 26.08 ? 250 HOH A O   1 
HETATM 1654 O O   . HOH C 3 .   ? -8.755  7.769   -7.052  1.00 10.50 ? 251 HOH A O   1 
HETATM 1655 O O   . HOH C 3 .   ? -10.033 5.674   -4.319  1.00 28.93 ? 252 HOH A O   1 
HETATM 1656 O O   . HOH C 3 .   ? -12.500 8.555   -4.591  1.00 15.43 ? 253 HOH A O   1 
HETATM 1657 O O   . HOH C 3 .   ? -15.995 9.641   -10.589 1.00 40.85 ? 254 HOH A O   1 
HETATM 1658 O O   . HOH C 3 .   ? -13.380 10.238  -11.460 1.00 26.06 ? 255 HOH A O   1 
HETATM 1659 O O   . HOH C 3 .   ? -3.158  0.355   -15.361 1.00 13.63 ? 256 HOH A O   1 
HETATM 1660 O O   . HOH C 3 .   ? -8.824  -2.663  -16.624 1.00 22.99 ? 257 HOH A O   1 
HETATM 1661 O O   . HOH C 3 .   ? -8.154  3.654   -19.183 1.00 31.06 ? 258 HOH A O   1 
HETATM 1662 O O   . HOH C 3 .   ? -6.638  5.247   -21.099 1.00 22.12 ? 259 HOH A O   1 
HETATM 1663 O O   . HOH C 3 .   ? 0.641   -5.882  -16.867 1.00 12.57 ? 260 HOH A O   1 
HETATM 1664 O O   . HOH C 3 .   ? 15.726  1.089   12.664  1.00 17.60 ? 261 HOH A O   1 
HETATM 1665 O O   . HOH C 3 .   ? 6.575   1.556   -15.309 1.00 13.19 ? 262 HOH A O   1 
HETATM 1666 O O   . HOH C 3 .   ? 1.996   4.938   -20.095 1.00 24.21 ? 263 HOH A O   1 
HETATM 1667 O O   . HOH C 3 .   ? -7.854  -8.459  -3.677  1.00 33.82 ? 264 HOH A O   1 
HETATM 1668 O O   . HOH C 3 .   ? -11.477 -6.774  -5.776  1.00 36.28 ? 265 HOH A O   1 
HETATM 1669 O O   . HOH C 3 .   ? -5.913  -10.501 -4.349  1.00 39.49 ? 266 HOH A O   1 
HETATM 1670 O O   . HOH C 3 .   ? -3.382  21.638  -11.810 1.00 26.86 ? 267 HOH A O   1 
HETATM 1671 O O   . HOH C 3 .   ? -4.473  17.678  -14.581 1.00 22.31 ? 268 HOH A O   1 
HETATM 1672 O O   . HOH C 3 .   ? -9.054  -13.631 -0.228  1.00 35.40 ? 269 HOH A O   1 
HETATM 1673 O O   . HOH C 3 .   ? -2.988  -16.400 2.533   1.00 15.52 ? 270 HOH A O   1 
HETATM 1674 O O   . HOH C 3 .   ? 4.882   -15.490 -6.036  1.00 37.50 ? 271 HOH A O   1 
HETATM 1675 O O   . HOH C 3 .   ? -2.164  -16.733 -4.387  1.00 42.16 ? 272 HOH A O   1 
HETATM 1676 O O   . HOH C 3 .   ? 0.027   18.254  -0.326  1.00 37.92 ? 273 HOH A O   1 
HETATM 1677 O O   . HOH C 3 .   ? -0.117  20.425  -4.172  1.00 35.37 ? 274 HOH A O   1 
HETATM 1678 O O   . HOH C 3 .   ? 8.177   3.444   -16.341 1.00 30.41 ? 275 HOH A O   1 
HETATM 1679 O O   . HOH C 3 .   ? -6.332  -9.322  -18.701 1.00 59.94 ? 276 HOH A O   1 
HETATM 1680 O O   . HOH C 3 .   ? -4.879  -10.864 -14.458 1.00 36.30 ? 277 HOH A O   1 
HETATM 1681 O O   . HOH C 3 .   ? -5.315  1.485   -17.754 1.00 31.45 ? 278 HOH A O   1 
HETATM 1682 O O   . HOH C 3 .   ? 1.624   -8.270  -16.405 1.00 29.69 ? 279 HOH A O   1 
# 
